data_6QQO
#
_entry.id   6QQO
#
_cell.length_a   209.826
_cell.length_b   134.060
_cell.length_c   131.719
_cell.angle_alpha   90.00
_cell.angle_beta   102.56
_cell.angle_gamma   90.00
#
_symmetry.space_group_name_H-M   'C 1 2 1'
#
loop_
_entity.id
_entity.type
_entity.pdbx_description
1 polymer 'Soluble acetylcholine receptor'
2 non-polymer 6-[5-[(1~{R},2~{R},4~{S})-7-azabicyclo[2.2.1]heptan-2-yl]-2-fluoranyl-pyridin-3-yl]pyridine-3-carboxamide
3 non-polymer 'PHOSPHATE ION'
4 non-polymer 1,2-ETHANEDIOL
5 non-polymer 2-acetamido-2-deoxy-beta-D-glucopyranose
6 water water
#
_entity_poly.entity_id   1
_entity_poly.type   'polypeptide(L)'
_entity_poly.pdbx_seq_one_letter_code
;MLVSVYLALLVACVGQAHSQANLMRLKSDLFNRSPMYPGPTKDDPLTVTLGFTLQDIVKVDSSTNEVDLVYYEQQRWKLN
SLMWDPNEYGNITDFRTSAADIWTPDITAYSSTRPVQVLSPQIAVVTHDGSVMFIPAQRLSFMCDPTGVDSEEGVTCAVK
FGSWVYSGFEIDLKTDTDQVDLSSYYASSKYEILSATQTRQVQHYSCCPEPYIDVNLVVKFRERRAGNGFFRNLFDENLY
FQGHHHHHH
;
_entity_poly.pdbx_strand_id   A,B,C,D,E,F,G,H,I,J
#
loop_
_chem_comp.id
_chem_comp.type
_chem_comp.name
_chem_comp.formula
EDO non-polymer 1,2-ETHANEDIOL 'C2 H6 O2'
JC8 non-polymer 6-[5-[(1~{R},2~{R},4~{S})-7-azabicyclo[2.2.1]heptan-2-yl]-2-fluoranyl-pyridin-3-yl]pyridine-3-carboxamide 'C17 H17 F N4 O'
NAG D-saccharide, beta linking 2-acetamido-2-deoxy-beta-D-glucopyranose 'C8 H15 N O6'
PO4 non-polymer 'PHOSPHATE ION' 'O4 P -3'
#
# COMPACT_ATOMS: atom_id res chain seq x y z
N GLN A 20 -23.66 -7.94 14.72
CA GLN A 20 -22.58 -7.84 13.70
C GLN A 20 -21.58 -6.76 14.04
N ALA A 21 -22.06 -5.54 14.29
CA ALA A 21 -21.20 -4.36 14.49
C ALA A 21 -20.21 -4.54 15.64
N ASN A 22 -20.73 -4.99 16.78
CA ASN A 22 -19.90 -5.24 17.94
C ASN A 22 -18.85 -6.33 17.70
N LEU A 23 -19.23 -7.40 17.02
CA LEU A 23 -18.30 -8.48 16.72
C LEU A 23 -17.21 -8.07 15.73
N MET A 24 -17.57 -7.36 14.64
CA MET A 24 -16.58 -6.84 13.68
C MET A 24 -15.53 -5.97 14.37
N ARG A 25 -16.01 -5.16 15.31
CA ARG A 25 -15.18 -4.29 16.10
C ARG A 25 -14.23 -5.07 17.02
N LEU A 26 -14.77 -6.05 17.73
CA LEU A 26 -13.96 -6.97 18.56
C LEU A 26 -12.87 -7.69 17.76
N LYS A 27 -13.23 -8.24 16.61
CA LYS A 27 -12.26 -8.97 15.79
C LYS A 27 -11.16 -8.04 15.26
N SER A 28 -11.57 -6.86 14.82
CA SER A 28 -10.64 -5.82 14.42
C SER A 28 -9.65 -5.45 15.56
N ASP A 29 -10.15 -5.27 16.77
CA ASP A 29 -9.28 -4.94 17.91
C ASP A 29 -8.31 -6.08 18.30
N LEU A 30 -8.73 -7.33 18.20
CA LEU A 30 -7.85 -8.44 18.54
C LEU A 30 -6.84 -8.79 17.45
N PHE A 31 -7.20 -8.68 16.17
CA PHE A 31 -6.36 -9.20 15.07
C PHE A 31 -5.68 -8.14 14.17
N ASN A 32 -6.28 -6.98 13.96
CA ASN A 32 -5.68 -5.93 13.11
C ASN A 32 -4.74 -4.98 13.86
N ARG A 33 -4.90 -4.84 15.17
CA ARG A 33 -4.13 -3.84 15.94
C ARG A 33 -2.75 -4.29 16.45
N SER A 34 -2.43 -5.58 16.33
CA SER A 34 -1.16 -6.11 16.85
C SER A 34 -0.49 -7.07 15.84
N PRO A 35 0.79 -7.45 16.08
CA PRO A 35 1.31 -8.62 15.34
C PRO A 35 0.75 -9.91 15.93
N MET A 36 0.76 -10.99 15.15
CA MET A 36 0.21 -12.26 15.63
C MET A 36 1.05 -12.82 16.79
N TYR A 37 0.40 -13.55 17.68
CA TYR A 37 1.07 -14.30 18.75
C TYR A 37 2.17 -15.18 18.09
N PRO A 38 3.43 -15.03 18.52
CA PRO A 38 4.53 -15.78 17.91
C PRO A 38 4.71 -17.19 18.47
N GLY A 39 3.77 -17.65 19.31
CA GLY A 39 3.86 -18.96 19.96
C GLY A 39 4.48 -18.86 21.35
N PRO A 40 4.44 -19.97 22.10
CA PRO A 40 4.94 -20.01 23.46
C PRO A 40 6.45 -19.99 23.55
N THR A 41 6.94 -19.58 24.72
CA THR A 41 8.37 -19.45 25.00
C THR A 41 8.69 -20.14 26.33
N LYS A 42 9.96 -20.26 26.68
CA LYS A 42 10.35 -20.78 28.01
C LYS A 42 9.84 -19.90 29.15
N ASP A 43 9.82 -18.58 28.92
CA ASP A 43 9.31 -17.60 29.89
C ASP A 43 7.77 -17.57 29.98
N ASP A 44 7.07 -17.81 28.86
CA ASP A 44 5.60 -17.85 28.82
C ASP A 44 5.12 -19.16 28.20
N PRO A 45 5.31 -20.28 28.95
CA PRO A 45 4.90 -21.57 28.40
C PRO A 45 3.39 -21.73 28.34
N LEU A 46 2.95 -22.78 27.67
CA LEU A 46 1.54 -22.99 27.39
C LEU A 46 1.18 -24.43 27.66
N THR A 47 0.02 -24.65 28.26
CA THR A 47 -0.52 -25.99 28.48
C THR A 47 -1.69 -26.18 27.52
N VAL A 48 -1.62 -27.24 26.71
CA VAL A 48 -2.70 -27.62 25.83
C VAL A 48 -3.40 -28.83 26.38
N THR A 49 -4.72 -28.76 26.51
CA THR A 49 -5.50 -29.90 26.93
C THR A 49 -5.98 -30.67 25.70
N LEU A 50 -5.77 -31.99 25.66
CA LEU A 50 -6.21 -32.86 24.56
C LEU A 50 -7.22 -33.90 25.01
N GLY A 51 -8.15 -34.21 24.14
CA GLY A 51 -9.08 -35.33 24.36
C GLY A 51 -9.56 -35.88 23.04
N PHE A 52 -9.72 -37.20 22.97
CA PHE A 52 -10.14 -37.87 21.75
C PHE A 52 -11.55 -38.41 21.83
N THR A 53 -12.26 -38.32 20.72
CA THR A 53 -13.57 -38.91 20.51
C THR A 53 -13.44 -39.79 19.27
N LEU A 54 -13.46 -41.09 19.49
CA LEU A 54 -13.19 -42.06 18.45
C LEU A 54 -14.50 -42.43 17.74
N GLN A 55 -14.54 -42.25 16.42
CA GLN A 55 -15.75 -42.51 15.63
C GLN A 55 -15.76 -43.86 14.90
N ASP A 56 -14.63 -44.27 14.34
CA ASP A 56 -14.58 -45.50 13.57
C ASP A 56 -13.18 -45.97 13.34
N ILE A 57 -12.98 -47.28 13.43
CA ILE A 57 -11.80 -47.89 12.84
C ILE A 57 -12.27 -48.32 11.46
N VAL A 58 -11.78 -47.66 10.44
CA VAL A 58 -12.32 -47.79 9.10
C VAL A 58 -11.72 -48.96 8.38
N LYS A 59 -10.40 -49.07 8.39
CA LYS A 59 -9.77 -50.27 7.85
C LYS A 59 -8.44 -50.64 8.46
N VAL A 60 -8.15 -51.93 8.38
CA VAL A 60 -6.82 -52.46 8.72
C VAL A 60 -6.22 -53.05 7.45
N ASP A 61 -4.92 -52.86 7.27
CA ASP A 61 -4.20 -53.46 6.14
C ASP A 61 -3.14 -54.34 6.75
N SER A 62 -3.37 -55.65 6.72
CA SER A 62 -2.43 -56.62 7.30
C SER A 62 -1.21 -56.85 6.42
N SER A 63 -1.24 -56.44 5.16
CA SER A 63 -0.05 -56.57 4.32
C SER A 63 0.98 -55.44 4.53
N THR A 64 0.56 -54.28 5.03
CA THR A 64 1.47 -53.16 5.34
C THR A 64 1.54 -52.74 6.81
N ASN A 65 0.73 -53.37 7.68
CA ASN A 65 0.61 -52.98 9.08
C ASN A 65 0.28 -51.48 9.25
N GLU A 66 -0.83 -51.07 8.63
CA GLU A 66 -1.38 -49.74 8.75
C GLU A 66 -2.84 -49.89 9.18
N VAL A 67 -3.28 -49.05 10.11
CA VAL A 67 -4.68 -48.94 10.50
C VAL A 67 -5.16 -47.51 10.31
N ASP A 68 -6.42 -47.36 9.90
CA ASP A 68 -7.05 -46.07 9.64
C ASP A 68 -8.15 -45.76 10.67
N LEU A 69 -8.02 -44.64 11.40
CA LEU A 69 -9.03 -44.17 12.34
C LEU A 69 -9.67 -42.90 11.87
N VAL A 70 -10.93 -42.73 12.26
CA VAL A 70 -11.62 -41.48 12.14
C VAL A 70 -12.00 -41.05 13.54
N TYR A 71 -11.60 -39.84 13.91
CA TYR A 71 -11.83 -39.32 15.24
C TYR A 71 -11.89 -37.80 15.19
N TYR A 72 -12.34 -37.20 16.29
CA TYR A 72 -12.06 -35.80 16.48
C TYR A 72 -11.34 -35.54 17.79
N GLU A 73 -10.50 -34.52 17.72
CA GLU A 73 -9.50 -34.26 18.72
C GLU A 73 -9.81 -32.89 19.31
N GLN A 74 -10.23 -32.86 20.57
CA GLN A 74 -10.50 -31.59 21.24
C GLN A 74 -9.20 -30.98 21.74
N GLN A 75 -8.92 -29.74 21.34
CA GLN A 75 -7.70 -29.00 21.74
C GLN A 75 -8.11 -27.72 22.44
N ARG A 76 -7.48 -27.43 23.58
CA ARG A 76 -7.86 -26.27 24.37
C ARG A 76 -6.62 -25.62 24.99
N TRP A 77 -6.48 -24.31 24.82
CA TRP A 77 -5.41 -23.52 25.41
C TRP A 77 -5.91 -22.12 25.74
N LYS A 78 -5.08 -21.31 26.35
CA LYS A 78 -5.47 -19.99 26.89
C LYS A 78 -4.35 -18.97 26.71
N LEU A 79 -4.69 -17.81 26.16
CA LEU A 79 -3.73 -16.73 25.93
C LEU A 79 -4.24 -15.43 26.52
N ASN A 80 -3.35 -14.67 27.15
CA ASN A 80 -3.69 -13.31 27.63
C ASN A 80 -4.06 -12.35 26.50
N SER A 81 -3.37 -12.45 25.37
CA SER A 81 -3.60 -11.54 24.24
C SER A 81 -4.98 -11.68 23.54
N LEU A 82 -5.76 -12.71 23.90
CA LEU A 82 -7.11 -12.88 23.39
C LEU A 82 -8.21 -12.56 24.41
N MET A 83 -7.85 -11.94 25.52
CA MET A 83 -8.84 -11.50 26.52
C MET A 83 -9.59 -10.25 26.06
N TRP A 84 -10.85 -10.13 26.47
CA TRP A 84 -11.58 -8.88 26.36
C TRP A 84 -12.65 -8.79 27.43
N ASP A 85 -13.09 -7.58 27.69
CA ASP A 85 -14.18 -7.30 28.64
C ASP A 85 -15.49 -7.33 27.84
N PRO A 86 -16.41 -8.26 28.16
CA PRO A 86 -17.66 -8.30 27.39
C PRO A 86 -18.48 -6.99 27.33
N ASN A 87 -18.44 -6.18 28.39
CA ASN A 87 -19.22 -4.93 28.45
C ASN A 87 -18.81 -3.88 27.42
N GLU A 88 -17.53 -3.86 27.06
CA GLU A 88 -17.04 -2.99 25.97
C GLU A 88 -17.41 -3.45 24.54
N TYR A 89 -18.07 -4.62 24.41
CA TYR A 89 -18.37 -5.21 23.10
C TYR A 89 -19.75 -5.88 23.08
N GLY A 90 -20.76 -5.18 23.60
CA GLY A 90 -22.14 -5.63 23.54
C GLY A 90 -22.45 -6.97 24.17
N ASN A 91 -21.76 -7.29 25.26
CA ASN A 91 -21.92 -8.57 26.00
C ASN A 91 -21.58 -9.85 25.24
N ILE A 92 -20.73 -9.74 24.22
CA ILE A 92 -20.20 -10.91 23.52
C ILE A 92 -19.24 -11.66 24.45
N THR A 93 -19.57 -12.92 24.74
CA THR A 93 -18.74 -13.79 25.59
C THR A 93 -17.82 -14.72 24.80
N ASP A 94 -18.16 -14.99 23.54
CA ASP A 94 -17.33 -15.83 22.67
C ASP A 94 -17.60 -15.59 21.19
N PHE A 95 -16.69 -16.04 20.35
CA PHE A 95 -16.92 -15.98 18.93
C PHE A 95 -16.17 -17.07 18.15
N ARG A 96 -16.70 -17.37 16.97
CA ARG A 96 -16.12 -18.28 16.01
C ARG A 96 -15.23 -17.52 15.07
N THR A 97 -14.08 -18.09 14.76
CA THR A 97 -13.15 -17.48 13.83
C THR A 97 -12.35 -18.56 13.10
N SER A 98 -11.98 -18.25 11.88
CA SER A 98 -11.10 -19.09 11.10
C SER A 98 -9.81 -19.38 11.89
N ALA A 99 -9.35 -20.63 11.82
CA ALA A 99 -8.12 -21.04 12.49
C ALA A 99 -6.84 -20.42 11.88
N ALA A 100 -6.91 -19.92 10.65
CA ALA A 100 -5.81 -19.13 10.07
C ALA A 100 -5.60 -17.75 10.74
N ASP A 101 -6.66 -17.18 11.36
CA ASP A 101 -6.56 -15.90 12.07
C ASP A 101 -5.77 -15.98 13.39
N ILE A 102 -5.55 -17.20 13.91
CA ILE A 102 -4.93 -17.39 15.21
C ILE A 102 -3.81 -18.42 15.14
N TRP A 103 -2.97 -18.40 16.16
CA TRP A 103 -2.01 -19.46 16.36
C TRP A 103 -2.76 -20.70 16.84
N THR A 104 -2.34 -21.87 16.36
CA THR A 104 -2.84 -23.15 16.86
C THR A 104 -1.66 -24.06 17.11
N PRO A 105 -1.78 -24.97 18.09
CA PRO A 105 -0.62 -25.81 18.40
C PRO A 105 -0.39 -26.86 17.32
N ASP A 106 0.87 -27.23 17.15
CA ASP A 106 1.32 -28.13 16.09
C ASP A 106 1.25 -29.61 16.51
N ILE A 107 0.09 -30.06 16.98
CA ILE A 107 -0.06 -31.40 17.52
C ILE A 107 0.00 -32.41 16.37
N THR A 108 0.87 -33.41 16.51
CA THR A 108 1.26 -34.32 15.43
C THR A 108 1.23 -35.75 15.95
N ALA A 109 0.71 -36.67 15.14
CA ALA A 109 0.80 -38.10 15.43
C ALA A 109 2.21 -38.55 15.09
N TYR A 110 2.84 -39.30 16.00
CA TYR A 110 4.26 -39.66 15.85
C TYR A 110 4.53 -40.91 14.98
N SER A 111 3.50 -41.68 14.64
CA SER A 111 3.69 -42.88 13.86
C SER A 111 2.71 -42.93 12.69
N SER A 112 2.37 -41.78 12.14
CA SER A 112 1.55 -41.74 10.94
C SER A 112 2.33 -42.20 9.71
N THR A 113 1.60 -42.74 8.74
CA THR A 113 2.17 -43.18 7.47
C THR A 113 1.66 -42.39 6.26
N ARG A 114 0.71 -41.48 6.46
CA ARG A 114 0.19 -40.63 5.40
C ARG A 114 -0.11 -39.29 6.01
N PRO A 115 -0.17 -38.22 5.20
CA PRO A 115 -0.70 -36.97 5.76
C PRO A 115 -2.14 -37.15 6.28
N VAL A 116 -2.43 -36.51 7.41
CA VAL A 116 -3.75 -36.56 8.00
C VAL A 116 -4.73 -35.86 7.05
N GLN A 117 -5.92 -36.43 6.93
CA GLN A 117 -6.98 -35.82 6.14
C GLN A 117 -7.95 -35.09 7.07
N VAL A 118 -8.29 -33.88 6.69
CA VAL A 118 -9.10 -33.00 7.52
C VAL A 118 -10.55 -33.15 7.09
N LEU A 119 -11.42 -33.46 8.04
CA LEU A 119 -12.81 -33.75 7.75
C LEU A 119 -13.78 -32.71 8.29
N SER A 120 -13.28 -31.66 8.95
CA SER A 120 -14.14 -30.62 9.48
C SER A 120 -13.59 -29.23 9.12
N PRO A 121 -14.44 -28.19 9.16
CA PRO A 121 -13.97 -26.84 8.88
C PRO A 121 -12.93 -26.34 9.88
N GLN A 122 -12.01 -25.51 9.41
CA GLN A 122 -10.88 -25.05 10.22
C GLN A 122 -11.33 -23.77 10.92
N ILE A 123 -12.17 -23.96 11.94
CA ILE A 123 -12.81 -22.87 12.65
C ILE A 123 -12.69 -23.19 14.12
N ALA A 124 -12.26 -22.21 14.90
CA ALA A 124 -12.13 -22.34 16.36
C ALA A 124 -13.07 -21.37 17.08
N VAL A 125 -13.22 -21.57 18.39
CA VAL A 125 -14.05 -20.72 19.22
C VAL A 125 -13.18 -20.10 20.30
N VAL A 126 -13.18 -18.76 20.34
CA VAL A 126 -12.44 -17.98 21.33
C VAL A 126 -13.43 -17.41 22.35
N THR A 127 -13.07 -17.54 23.62
CA THR A 127 -13.90 -17.08 24.74
C THR A 127 -13.21 -15.89 25.44
N HIS A 128 -14.01 -15.03 26.08
CA HIS A 128 -13.56 -13.73 26.63
C HIS A 128 -12.42 -13.79 27.64
N ASP A 129 -12.31 -14.91 28.38
CA ASP A 129 -11.15 -15.17 29.25
C ASP A 129 -9.84 -15.50 28.52
N GLY A 130 -9.85 -15.55 27.18
CA GLY A 130 -8.66 -15.83 26.40
C GLY A 130 -8.50 -17.31 26.03
N SER A 131 -9.48 -18.15 26.37
CA SER A 131 -9.37 -19.56 26.08
C SER A 131 -9.88 -19.84 24.66
N VAL A 132 -9.24 -20.81 24.02
CA VAL A 132 -9.54 -21.19 22.65
C VAL A 132 -9.89 -22.66 22.65
N MET A 133 -10.94 -23.03 21.91
CA MET A 133 -11.25 -24.43 21.69
C MET A 133 -11.25 -24.71 20.19
N PHE A 134 -10.59 -25.80 19.79
CA PHE A 134 -10.49 -26.18 18.40
C PHE A 134 -10.64 -27.69 18.31
N ILE A 135 -11.60 -28.16 17.48
CA ILE A 135 -11.97 -29.59 17.48
C ILE A 135 -11.94 -30.17 16.07
N PRO A 136 -10.74 -30.35 15.51
CA PRO A 136 -10.65 -30.92 14.16
C PRO A 136 -10.98 -32.41 14.09
N ALA A 137 -11.79 -32.78 13.11
CA ALA A 137 -12.06 -34.16 12.77
C ALA A 137 -11.04 -34.60 11.74
N GLN A 138 -10.51 -35.81 11.90
CA GLN A 138 -9.39 -36.27 11.13
C GLN A 138 -9.53 -37.73 10.76
N ARG A 139 -8.91 -38.10 9.65
CA ARG A 139 -8.66 -39.48 9.35
C ARG A 139 -7.16 -39.70 9.32
N LEU A 140 -6.70 -40.67 10.10
CA LEU A 140 -5.28 -40.94 10.31
C LEU A 140 -4.95 -42.39 9.94
N SER A 141 -3.93 -42.59 9.12
CA SER A 141 -3.29 -43.90 8.91
C SER A 141 -2.04 -43.96 9.76
N PHE A 142 -1.91 -45.00 10.57
CA PHE A 142 -0.74 -45.14 11.43
C PHE A 142 -0.28 -46.60 11.56
N MET A 143 0.93 -46.76 12.07
CA MET A 143 1.61 -48.05 12.18
C MET A 143 0.99 -48.92 13.26
N CYS A 144 0.53 -50.09 12.85
CA CYS A 144 -0.16 -51.00 13.75
C CYS A 144 -0.27 -52.38 13.11
N ASP A 145 0.15 -53.40 13.83
CA ASP A 145 0.04 -54.79 13.40
C ASP A 145 -1.32 -55.35 13.82
N PRO A 146 -2.22 -55.63 12.86
CA PRO A 146 -3.55 -56.13 13.19
C PRO A 146 -3.67 -57.67 13.28
N THR A 147 -2.57 -58.40 13.19
CA THR A 147 -2.59 -59.86 13.37
C THR A 147 -3.22 -60.25 14.70
N GLY A 148 -4.25 -61.10 14.63
CA GLY A 148 -5.02 -61.51 15.81
C GLY A 148 -6.32 -60.73 16.00
N VAL A 149 -6.63 -59.82 15.09
CA VAL A 149 -7.81 -58.99 15.23
C VAL A 149 -9.10 -59.81 15.16
N ASP A 150 -9.05 -60.91 14.43
CA ASP A 150 -10.17 -61.83 14.30
C ASP A 150 -10.33 -62.84 15.46
N SER A 151 -9.61 -62.65 16.56
CA SER A 151 -9.70 -63.56 17.70
C SER A 151 -10.53 -62.91 18.78
N GLU A 152 -10.75 -63.65 19.87
CA GLU A 152 -11.54 -63.17 21.01
C GLU A 152 -10.78 -62.10 21.83
N GLU A 153 -9.45 -62.21 21.89
CA GLU A 153 -8.63 -61.29 22.67
C GLU A 153 -8.35 -59.95 21.96
N GLY A 154 -8.37 -59.98 20.63
CA GLY A 154 -8.13 -58.78 19.82
C GLY A 154 -6.69 -58.35 19.72
N VAL A 155 -6.48 -57.11 19.29
CA VAL A 155 -5.15 -56.51 19.18
C VAL A 155 -5.17 -55.17 19.89
N THR A 156 -4.00 -54.75 20.28
CA THR A 156 -3.80 -53.46 20.88
C THR A 156 -2.92 -52.65 19.95
N CYS A 157 -3.26 -51.39 19.75
N CYS A 157 -3.26 -51.39 19.75
CA CYS A 157 -2.41 -50.47 19.03
CA CYS A 157 -2.42 -50.47 19.04
C CYS A 157 -2.36 -49.12 19.72
C CYS A 157 -2.36 -49.12 19.72
N ALA A 158 -1.29 -48.38 19.44
CA ALA A 158 -0.97 -47.16 20.17
C ALA A 158 -0.38 -46.11 19.24
N VAL A 159 -0.73 -44.85 19.49
CA VAL A 159 -0.13 -43.77 18.75
C VAL A 159 0.03 -42.55 19.66
N LYS A 160 1.20 -41.94 19.62
CA LYS A 160 1.51 -40.78 20.44
C LYS A 160 1.20 -39.48 19.71
N PHE A 161 0.53 -38.57 20.39
CA PHE A 161 0.26 -37.24 19.86
C PHE A 161 0.99 -36.21 20.69
N GLY A 162 1.75 -35.33 20.02
CA GLY A 162 2.49 -34.27 20.69
C GLY A 162 2.96 -33.20 19.74
N SER A 163 3.51 -32.13 20.29
CA SER A 163 4.17 -31.13 19.49
C SER A 163 5.36 -31.76 18.80
N TRP A 164 5.54 -31.41 17.54
CA TRP A 164 6.70 -31.86 16.79
C TRP A 164 7.96 -31.03 17.14
N VAL A 165 7.78 -29.73 17.37
CA VAL A 165 8.92 -28.82 17.51
C VAL A 165 9.13 -28.19 18.88
N TYR A 166 8.13 -28.19 19.75
CA TYR A 166 8.28 -27.61 21.08
C TYR A 166 8.46 -28.70 22.13
N SER A 167 9.48 -28.51 22.97
CA SER A 167 9.72 -29.39 24.10
C SER A 167 8.77 -29.06 25.24
N GLY A 168 8.87 -29.86 26.30
CA GLY A 168 8.13 -29.65 27.54
C GLY A 168 8.34 -28.31 28.24
N PHE A 169 9.46 -27.64 27.96
CA PHE A 169 9.70 -26.28 28.47
C PHE A 169 8.86 -25.18 27.80
N GLU A 170 8.29 -25.43 26.62
CA GLU A 170 7.37 -24.48 25.98
C GLU A 170 5.92 -24.95 25.94
N ILE A 171 5.69 -26.22 25.61
CA ILE A 171 4.34 -26.78 25.55
C ILE A 171 4.26 -27.98 26.45
N ASP A 172 3.33 -27.94 27.40
CA ASP A 172 2.95 -29.09 28.20
C ASP A 172 1.56 -29.56 27.74
N LEU A 173 1.24 -30.83 27.96
CA LEU A 173 -0.05 -31.39 27.61
C LEU A 173 -0.71 -31.96 28.84
N LYS A 174 -2.03 -31.99 28.85
CA LYS A 174 -2.78 -32.75 29.85
C LYS A 174 -4.08 -33.26 29.24
N THR A 175 -4.71 -34.21 29.92
CA THR A 175 -6.04 -34.68 29.60
C THR A 175 -6.98 -34.34 30.77
N ASP A 176 -8.27 -34.22 30.49
CA ASP A 176 -9.31 -34.10 31.53
C ASP A 176 -9.71 -35.44 32.13
N THR A 177 -9.67 -36.47 31.31
CA THR A 177 -9.96 -37.84 31.70
C THR A 177 -9.00 -38.75 30.92
N ASP A 178 -8.72 -39.93 31.47
CA ASP A 178 -7.97 -40.96 30.73
C ASP A 178 -8.83 -41.88 29.85
N GLN A 179 -10.16 -41.75 29.89
CA GLN A 179 -11.07 -42.52 29.04
C GLN A 179 -11.38 -41.77 27.76
N VAL A 180 -11.06 -42.39 26.64
CA VAL A 180 -11.46 -41.90 25.32
C VAL A 180 -12.99 -41.95 25.24
N ASP A 181 -13.58 -40.92 24.66
CA ASP A 181 -15.03 -40.88 24.49
C ASP A 181 -15.45 -41.82 23.33
N LEU A 182 -16.27 -42.81 23.68
CA LEU A 182 -16.77 -43.81 22.75
C LEU A 182 -18.26 -43.69 22.45
N SER A 183 -18.91 -42.62 22.90
CA SER A 183 -20.36 -42.49 22.74
C SER A 183 -20.81 -42.13 21.33
N SER A 184 -19.89 -41.70 20.44
CA SER A 184 -20.19 -41.56 19.02
C SER A 184 -19.60 -42.70 18.17
N TYR A 185 -19.14 -43.78 18.77
CA TYR A 185 -18.50 -44.83 17.99
C TYR A 185 -19.55 -45.51 17.10
N TYR A 186 -19.24 -45.63 15.82
CA TYR A 186 -20.15 -46.22 14.85
C TYR A 186 -20.52 -47.66 15.23
N ALA A 187 -21.80 -47.87 15.52
CA ALA A 187 -22.34 -49.15 16.00
C ALA A 187 -22.25 -50.32 14.99
N SER A 188 -22.16 -50.04 13.69
CA SER A 188 -22.01 -51.10 12.68
C SER A 188 -20.62 -51.13 12.05
N SER A 189 -19.62 -50.61 12.76
CA SER A 189 -18.24 -50.76 12.32
C SER A 189 -17.90 -52.24 12.19
N LYS A 190 -16.96 -52.54 11.31
CA LYS A 190 -16.33 -53.86 11.28
C LYS A 190 -15.65 -54.23 12.59
N TYR A 191 -15.18 -53.25 13.38
CA TYR A 191 -14.42 -53.52 14.60
C TYR A 191 -15.13 -52.97 15.81
N GLU A 192 -15.13 -53.73 16.90
CA GLU A 192 -15.62 -53.23 18.17
C GLU A 192 -14.45 -52.88 19.09
N ILE A 193 -14.66 -51.88 19.93
CA ILE A 193 -13.63 -51.37 20.82
C ILE A 193 -13.78 -52.07 22.16
N LEU A 194 -12.70 -52.66 22.65
CA LEU A 194 -12.67 -53.28 23.97
C LEU A 194 -12.25 -52.30 25.03
N SER A 195 -11.26 -51.47 24.74
CA SER A 195 -10.92 -50.33 25.58
C SER A 195 -10.17 -49.26 24.79
N ALA A 196 -10.18 -48.05 25.33
CA ALA A 196 -9.52 -46.93 24.71
C ALA A 196 -9.14 -45.92 25.75
N THR A 197 -7.84 -45.69 25.90
CA THR A 197 -7.31 -44.75 26.88
C THR A 197 -6.43 -43.68 26.24
N GLN A 198 -6.31 -42.56 26.93
CA GLN A 198 -5.52 -41.41 26.51
C GLN A 198 -4.73 -40.94 27.72
N THR A 199 -3.41 -41.00 27.64
CA THR A 199 -2.56 -40.85 28.81
C THR A 199 -1.32 -40.01 28.52
N ARG A 200 -1.11 -39.00 29.36
CA ARG A 200 0.10 -38.17 29.31
C ARG A 200 1.36 -38.99 29.55
N GLN A 201 2.41 -38.74 28.76
CA GLN A 201 3.76 -39.32 28.93
C GLN A 201 4.86 -38.30 28.65
N VAL A 202 6.03 -38.58 29.20
CA VAL A 202 7.25 -37.81 28.93
C VAL A 202 8.21 -38.71 28.10
N GLN A 203 8.77 -38.17 27.02
CA GLN A 203 9.70 -38.91 26.16
C GLN A 203 11.02 -38.17 25.98
N HIS A 204 12.09 -38.94 25.83
CA HIS A 204 13.41 -38.41 25.42
C HIS A 204 13.72 -39.08 24.09
N TYR A 205 14.29 -38.32 23.16
CA TYR A 205 14.61 -38.81 21.83
C TYR A 205 16.11 -38.71 21.59
N SER A 206 16.65 -39.54 20.68
CA SER A 206 18.08 -39.51 20.30
C SER A 206 18.60 -38.14 19.80
N CYS A 207 17.79 -37.45 18.98
CA CYS A 207 18.17 -36.15 18.43
C CYS A 207 18.44 -35.03 19.45
N CYS A 208 17.85 -35.14 20.64
CA CYS A 208 17.45 -33.96 21.42
C CYS A 208 17.57 -34.22 22.95
N PRO A 209 18.27 -33.35 23.72
CA PRO A 209 18.44 -33.57 25.19
C PRO A 209 17.24 -33.26 26.14
N GLU A 210 16.20 -32.60 25.64
CA GLU A 210 15.12 -32.04 26.49
C GLU A 210 13.86 -32.95 26.40
N PRO A 211 13.06 -33.02 27.49
CA PRO A 211 11.85 -33.85 27.45
C PRO A 211 10.74 -33.31 26.50
N TYR A 212 10.13 -34.19 25.73
CA TYR A 212 8.95 -33.88 24.94
C TYR A 212 7.74 -34.53 25.60
N ILE A 213 6.59 -33.88 25.55
CA ILE A 213 5.38 -34.42 26.16
C ILE A 213 4.48 -34.93 25.04
N ASP A 214 3.81 -36.06 25.28
CA ASP A 214 2.77 -36.55 24.37
C ASP A 214 1.60 -37.13 25.12
N VAL A 215 0.52 -37.35 24.40
CA VAL A 215 -0.61 -38.11 24.90
C VAL A 215 -0.67 -39.38 24.07
N ASN A 216 -0.60 -40.51 24.75
CA ASN A 216 -0.60 -41.83 24.16
C ASN A 216 -2.02 -42.37 24.07
N LEU A 217 -2.50 -42.57 22.84
CA LEU A 217 -3.83 -43.09 22.58
C LEU A 217 -3.67 -44.60 22.39
N VAL A 218 -4.21 -45.40 23.32
CA VAL A 218 -4.10 -46.85 23.29
C VAL A 218 -5.47 -47.45 23.04
N VAL A 219 -5.64 -48.19 21.95
CA VAL A 219 -6.93 -48.73 21.57
C VAL A 219 -6.82 -50.24 21.39
N LYS A 220 -7.70 -50.95 22.07
CA LYS A 220 -7.77 -52.39 21.98
C LYS A 220 -9.08 -52.76 21.28
N PHE A 221 -9.00 -53.53 20.22
CA PHE A 221 -10.16 -53.80 19.39
C PHE A 221 -10.14 -55.20 18.75
N ARG A 222 -11.29 -55.64 18.27
CA ARG A 222 -11.39 -56.89 17.53
C ARG A 222 -12.49 -56.84 16.49
N GLU A 223 -12.53 -57.83 15.61
CA GLU A 223 -13.62 -57.92 14.63
C GLU A 223 -14.96 -58.12 15.33
N ARG A 224 -15.98 -57.42 14.85
CA ARG A 224 -17.33 -57.53 15.41
C ARG A 224 -17.98 -58.78 14.82
N GLN B 20 6.48 -12.83 25.07
CA GLN B 20 5.87 -12.48 23.77
C GLN B 20 6.53 -11.24 23.17
N ALA B 21 6.59 -10.15 23.95
CA ALA B 21 7.05 -8.84 23.44
C ALA B 21 8.47 -8.90 22.86
N ASN B 22 9.38 -9.50 23.61
CA ASN B 22 10.76 -9.64 23.16
C ASN B 22 10.88 -10.48 21.90
N LEU B 23 10.13 -11.57 21.82
CA LEU B 23 10.17 -12.44 20.66
C LEU B 23 9.58 -11.78 19.41
N MET B 24 8.43 -11.11 19.54
CA MET B 24 7.82 -10.36 18.41
C MET B 24 8.79 -9.34 17.84
N ARG B 25 9.51 -8.68 18.73
CA ARG B 25 10.52 -7.70 18.39
C ARG B 25 11.71 -8.33 17.66
N LEU B 26 12.22 -9.43 18.19
CA LEU B 26 13.29 -10.20 17.53
C LEU B 26 12.91 -10.67 16.12
N LYS B 27 11.72 -11.21 15.98
CA LYS B 27 11.27 -11.71 14.66
C LYS B 27 11.11 -10.56 13.67
N SER B 28 10.53 -9.47 14.14
CA SER B 28 10.43 -8.25 13.35
C SER B 28 11.81 -7.74 12.86
N ASP B 29 12.80 -7.72 13.75
CA ASP B 29 14.15 -7.28 13.38
C ASP B 29 14.87 -8.21 12.39
N LEU B 30 14.65 -9.52 12.50
CA LEU B 30 15.28 -10.46 11.57
C LEU B 30 14.59 -10.55 10.22
N PHE B 31 13.26 -10.46 10.16
CA PHE B 31 12.51 -10.75 8.93
C PHE B 31 11.86 -9.56 8.21
N ASN B 32 11.42 -8.53 8.94
CA ASN B 32 10.77 -7.35 8.31
C ASN B 32 11.74 -6.26 7.87
N ARG B 33 12.94 -6.19 8.48
CA ARG B 33 13.89 -5.09 8.21
C ARG B 33 14.81 -5.29 7.01
N SER B 34 14.84 -6.48 6.41
CA SER B 34 15.76 -6.76 5.30
C SER B 34 15.04 -7.52 4.16
N PRO B 35 15.68 -7.65 2.97
CA PRO B 35 15.17 -8.64 2.00
C PRO B 35 15.57 -10.06 2.45
N MET B 36 14.86 -11.07 1.96
CA MET B 36 15.16 -12.44 2.37
C MET B 36 16.54 -12.87 1.85
N TYR B 37 17.20 -13.76 2.61
CA TYR B 37 18.42 -14.41 2.18
C TYR B 37 18.19 -15.03 0.78
N PRO B 38 19.00 -14.66 -0.23
CA PRO B 38 18.79 -15.15 -1.59
C PRO B 38 19.44 -16.53 -1.85
N GLY B 39 19.94 -17.18 -0.79
CA GLY B 39 20.62 -18.46 -0.91
C GLY B 39 22.12 -18.31 -1.02
N PRO B 40 22.85 -19.43 -0.96
CA PRO B 40 24.31 -19.43 -0.99
C PRO B 40 24.88 -19.12 -2.35
N THR B 41 26.13 -18.67 -2.35
CA THR B 41 26.85 -18.27 -3.56
C THR B 41 28.25 -18.93 -3.54
N LYS B 42 29.00 -18.82 -4.64
CA LYS B 42 30.39 -19.30 -4.66
C LYS B 42 31.28 -18.57 -3.65
N ASP B 43 31.02 -17.28 -3.44
CA ASP B 43 31.73 -16.47 -2.43
C ASP B 43 31.32 -16.76 -0.98
N ASP B 44 30.05 -17.08 -0.75
CA ASP B 44 29.52 -17.41 0.58
C ASP B 44 28.82 -18.77 0.56
N PRO B 45 29.61 -19.86 0.39
CA PRO B 45 29.00 -21.19 0.32
C PRO B 45 28.47 -21.64 1.68
N LEU B 46 27.72 -22.72 1.68
CA LEU B 46 27.00 -23.18 2.84
C LEU B 46 27.17 -24.68 2.98
N THR B 47 27.37 -25.14 4.21
CA THR B 47 27.43 -26.56 4.51
C THR B 47 26.17 -26.95 5.26
N VAL B 48 25.46 -27.94 4.73
CA VAL B 48 24.27 -28.48 5.37
C VAL B 48 24.60 -29.83 5.95
N THR B 49 24.29 -30.03 7.22
CA THR B 49 24.46 -31.31 7.86
C THR B 49 23.15 -32.10 7.75
N LEU B 50 23.22 -33.35 7.29
CA LEU B 50 22.05 -34.24 7.18
C LEU B 50 22.19 -35.47 8.07
N GLY B 51 21.06 -35.92 8.61
CA GLY B 51 21.00 -37.19 9.30
C GLY B 51 19.61 -37.78 9.22
N PHE B 52 19.52 -39.10 9.07
CA PHE B 52 18.24 -39.79 8.92
C PHE B 52 17.88 -40.60 10.16
N THR B 53 16.59 -40.59 10.46
CA THR B 53 15.98 -41.42 11.49
C THR B 53 14.89 -42.23 10.79
N LEU B 54 15.11 -43.52 10.63
CA LEU B 54 14.24 -44.37 9.87
C LEU B 54 13.16 -44.95 10.76
N GLN B 55 11.89 -44.74 10.40
CA GLN B 55 10.76 -45.19 11.22
C GLN B 55 10.12 -46.48 10.73
N ASP B 56 9.96 -46.65 9.41
CA ASP B 56 9.26 -47.81 8.90
C ASP B 56 9.51 -47.99 7.43
N ILE B 57 9.70 -49.23 7.01
CA ILE B 57 9.54 -49.59 5.62
C ILE B 57 8.11 -50.04 5.52
N VAL B 58 7.27 -49.25 4.85
CA VAL B 58 5.84 -49.44 4.91
C VAL B 58 5.39 -50.46 3.89
N LYS B 59 5.84 -50.31 2.65
CA LYS B 59 5.57 -51.33 1.64
C LYS B 59 6.55 -51.44 0.52
N VAL B 60 6.61 -52.64 -0.05
CA VAL B 60 7.37 -52.90 -1.27
C VAL B 60 6.39 -53.31 -2.37
N ASP B 61 6.65 -52.88 -3.59
CA ASP B 61 5.85 -53.29 -4.76
C ASP B 61 6.81 -53.97 -5.71
N SER B 62 6.74 -55.29 -5.75
CA SER B 62 7.64 -56.07 -6.62
C SER B 62 7.23 -56.03 -8.10
N SER B 63 6.02 -55.59 -8.41
CA SER B 63 5.63 -55.45 -9.81
C SER B 63 6.14 -54.15 -10.46
N THR B 64 6.43 -53.11 -9.66
CA THR B 64 6.98 -51.84 -10.19
C THR B 64 8.37 -51.48 -9.67
N ASN B 65 8.94 -52.28 -8.77
CA ASN B 65 10.21 -51.97 -8.11
C ASN B 65 10.21 -50.57 -7.46
N GLU B 66 9.25 -50.38 -6.56
CA GLU B 66 9.13 -49.19 -5.74
C GLU B 66 9.07 -49.65 -4.28
N VAL B 67 9.77 -48.94 -3.40
CA VAL B 67 9.68 -49.14 -1.96
C VAL B 67 9.29 -47.82 -1.28
N ASP B 68 8.49 -47.90 -0.22
CA ASP B 68 8.01 -46.74 0.53
C ASP B 68 8.63 -46.70 1.94
N LEU B 69 9.33 -45.61 2.26
CA LEU B 69 9.87 -45.38 3.60
C LEU B 69 9.19 -44.24 4.30
N VAL B 70 9.14 -44.33 5.61
CA VAL B 70 8.77 -43.23 6.46
C VAL B 70 9.97 -42.95 7.35
N TYR B 71 10.42 -41.70 7.34
CA TYR B 71 11.59 -41.28 8.09
C TYR B 71 11.48 -39.81 8.44
N TYR B 72 12.35 -39.35 9.32
CA TYR B 72 12.60 -37.94 9.40
C TYR B 72 14.05 -37.59 9.21
N GLU B 73 14.25 -36.44 8.61
CA GLU B 73 15.51 -36.01 8.06
C GLU B 73 15.92 -34.75 8.82
N GLN B 74 16.96 -34.85 9.63
CA GLN B 74 17.49 -33.69 10.34
C GLN B 74 18.37 -32.86 9.40
N GLN B 75 18.06 -31.58 9.25
CA GLN B 75 18.81 -30.64 8.39
C GLN B 75 19.31 -29.49 9.25
N ARG B 76 20.57 -29.13 9.09
CA ARG B 76 21.19 -28.09 9.92
C ARG B 76 22.16 -27.25 9.08
N TRP B 77 22.02 -25.94 9.16
CA TRP B 77 22.90 -24.98 8.52
C TRP B 77 23.02 -23.72 9.36
N LYS B 78 23.85 -22.77 8.94
CA LYS B 78 24.22 -21.60 9.74
C LYS B 78 24.38 -20.37 8.86
N LEU B 79 23.72 -19.28 9.22
CA LEU B 79 23.79 -18.02 8.48
C LEU B 79 24.15 -16.86 9.40
N ASN B 80 25.02 -15.97 8.94
CA ASN B 80 25.33 -14.73 9.68
C ASN B 80 24.10 -13.82 9.84
N SER B 81 23.26 -13.73 8.82
CA SER B 81 22.08 -12.85 8.87
C SER B 81 21.00 -13.24 9.88
N LEU B 82 21.11 -14.40 10.52
CA LEU B 82 20.19 -14.82 11.57
C LEU B 82 20.80 -14.76 12.98
N MET B 83 21.97 -14.13 13.13
CA MET B 83 22.58 -13.95 14.45
C MET B 83 21.87 -12.85 15.26
N TRP B 84 21.86 -13.01 16.57
CA TRP B 84 21.48 -11.92 17.46
C TRP B 84 22.15 -12.08 18.81
N ASP B 85 22.23 -11.00 19.55
CA ASP B 85 22.76 -10.99 20.92
C ASP B 85 21.59 -11.24 21.88
N PRO B 86 21.62 -12.35 22.64
CA PRO B 86 20.50 -12.61 23.55
C PRO B 86 20.14 -11.49 24.54
N ASN B 87 21.13 -10.73 25.00
CA ASN B 87 20.90 -9.67 26.00
C ASN B 87 20.03 -8.52 25.49
N GLU B 88 20.11 -8.23 24.20
CA GLU B 88 19.22 -7.24 23.57
C GLU B 88 17.76 -7.69 23.35
N TYR B 89 17.44 -8.95 23.70
CA TYR B 89 16.12 -9.53 23.43
C TYR B 89 15.67 -10.45 24.56
N GLY B 90 15.82 -10.00 25.80
CA GLY B 90 15.30 -10.71 26.98
C GLY B 90 15.85 -12.10 27.21
N ASN B 91 17.11 -12.33 26.85
CA ASN B 91 17.79 -13.64 26.99
C ASN B 91 17.20 -14.80 26.17
N ILE B 92 16.51 -14.48 25.07
CA ILE B 92 16.05 -15.50 24.13
C ILE B 92 17.27 -16.07 23.38
N THR B 93 17.48 -17.38 23.53
CA THR B 93 18.58 -18.10 22.86
C THR B 93 18.15 -18.80 21.57
N ASP B 94 16.85 -19.08 21.43
CA ASP B 94 16.31 -19.69 20.22
C ASP B 94 14.81 -19.46 20.05
N PHE B 95 14.32 -19.68 18.85
CA PHE B 95 12.90 -19.62 18.62
C PHE B 95 12.43 -20.50 17.46
N ARG B 96 11.16 -20.85 17.52
CA ARG B 96 10.45 -21.58 16.48
C ARG B 96 9.82 -20.62 15.52
N THR B 97 9.91 -20.94 14.24
CA THR B 97 9.33 -20.13 13.19
C THR B 97 8.91 -20.99 12.01
N SER B 98 7.85 -20.56 11.35
CA SER B 98 7.43 -21.17 10.11
C SER B 98 8.59 -21.24 9.11
N ALA B 99 8.70 -22.38 8.42
CA ALA B 99 9.73 -22.57 7.39
C ALA B 99 9.56 -21.69 6.15
N ALA B 100 8.35 -21.14 5.93
CA ALA B 100 8.14 -20.14 4.87
C ALA B 100 8.80 -18.76 5.17
N ASP B 101 9.04 -18.44 6.45
CA ASP B 101 9.73 -17.21 6.84
C ASP B 101 11.23 -17.19 6.50
N ILE B 102 11.81 -18.35 6.22
CA ILE B 102 13.25 -18.47 6.02
C ILE B 102 13.57 -19.26 4.75
N TRP B 103 14.78 -19.12 4.30
CA TRP B 103 15.31 -19.98 3.25
C TRP B 103 15.57 -21.34 3.87
N THR B 104 15.28 -22.40 3.10
CA THR B 104 15.63 -23.75 3.47
C THR B 104 16.27 -24.42 2.26
N PRO B 105 17.19 -25.38 2.52
CA PRO B 105 17.87 -25.99 1.37
C PRO B 105 16.96 -26.92 0.60
N ASP B 106 17.22 -27.02 -0.69
CA ASP B 106 16.37 -27.77 -1.64
C ASP B 106 16.80 -29.26 -1.73
N ILE B 107 16.87 -29.93 -0.60
CA ILE B 107 17.34 -31.31 -0.53
C ILE B 107 16.30 -32.24 -1.17
N THR B 108 16.75 -33.06 -2.11
CA THR B 108 15.88 -33.82 -3.00
C THR B 108 16.40 -35.26 -3.09
N ALA B 109 15.50 -36.23 -3.04
CA ALA B 109 15.82 -37.63 -3.31
C ALA B 109 15.98 -37.79 -4.81
N TYR B 110 17.06 -38.44 -5.24
CA TYR B 110 17.39 -38.54 -6.66
C TYR B 110 16.71 -39.67 -7.44
N SER B 111 16.06 -40.59 -6.77
CA SER B 111 15.42 -41.70 -7.42
C SER B 111 14.00 -41.91 -6.91
N SER B 112 13.34 -40.81 -6.56
CA SER B 112 11.93 -40.89 -6.17
C SER B 112 11.04 -41.12 -7.39
N THR B 113 9.89 -41.75 -7.13
CA THR B 113 8.89 -42.04 -8.16
C THR B 113 7.56 -41.32 -7.92
N ARG B 114 7.42 -40.62 -6.81
CA ARG B 114 6.22 -39.84 -6.49
C ARG B 114 6.69 -38.60 -5.74
N PRO B 115 5.89 -37.52 -5.74
CA PRO B 115 6.21 -36.44 -4.80
C PRO B 115 6.25 -36.92 -3.35
N VAL B 116 7.21 -36.39 -2.59
CA VAL B 116 7.32 -36.69 -1.17
C VAL B 116 6.08 -36.17 -0.44
N GLN B 117 5.59 -36.94 0.50
CA GLN B 117 4.48 -36.53 1.34
C GLN B 117 5.02 -36.05 2.68
N VAL B 118 4.52 -34.91 3.12
CA VAL B 118 5.01 -34.26 4.33
C VAL B 118 4.13 -34.68 5.50
N LEU B 119 4.76 -35.19 6.54
CA LEU B 119 4.04 -35.73 7.69
C LEU B 119 4.21 -34.92 8.96
N SER B 120 4.97 -33.83 8.92
CA SER B 120 5.15 -33.00 10.11
C SER B 120 4.96 -31.52 9.75
N PRO B 121 4.70 -30.66 10.76
CA PRO B 121 4.54 -29.23 10.51
C PRO B 121 5.84 -28.58 9.97
N GLN B 122 5.67 -27.57 9.13
CA GLN B 122 6.78 -26.92 8.45
C GLN B 122 7.28 -25.81 9.34
N ILE B 123 7.98 -26.19 10.39
CA ILE B 123 8.43 -25.30 11.44
C ILE B 123 9.87 -25.64 11.74
N ALA B 124 10.73 -24.62 11.79
CA ALA B 124 12.15 -24.78 12.10
C ALA B 124 12.51 -24.05 13.38
N VAL B 125 13.70 -24.32 13.90
CA VAL B 125 14.22 -23.68 15.10
C VAL B 125 15.50 -22.96 14.76
N VAL B 126 15.51 -21.64 15.05
CA VAL B 126 16.65 -20.78 14.83
C VAL B 126 17.30 -20.46 16.18
N THR B 127 18.62 -20.57 16.24
CA THR B 127 19.40 -20.33 17.46
C THR B 127 20.26 -19.06 17.27
N HIS B 128 20.59 -18.40 18.38
CA HIS B 128 21.23 -17.07 18.41
C HIS B 128 22.56 -16.95 17.66
N ASP B 129 23.30 -18.05 17.58
CA ASP B 129 24.51 -18.10 16.72
C ASP B 129 24.24 -18.13 15.21
N GLY B 130 22.97 -18.13 14.79
CA GLY B 130 22.62 -18.15 13.37
C GLY B 130 22.35 -19.54 12.81
N SER B 131 22.38 -20.56 13.67
CA SER B 131 22.16 -21.91 13.19
C SER B 131 20.66 -22.22 13.14
N VAL B 132 20.29 -23.02 12.16
CA VAL B 132 18.91 -23.40 11.92
C VAL B 132 18.82 -24.90 11.95
N MET B 133 17.81 -25.43 12.61
CA MET B 133 17.53 -26.87 12.56
C MET B 133 16.11 -27.09 12.03
N PHE B 134 15.97 -28.00 11.08
CA PHE B 134 14.69 -28.28 10.44
C PHE B 134 14.58 -29.80 10.26
N ILE B 135 13.51 -30.40 10.79
CA ILE B 135 13.41 -31.85 10.86
C ILE B 135 12.09 -32.36 10.28
N PRO B 136 11.96 -32.29 8.95
CA PRO B 136 10.72 -32.77 8.32
C PRO B 136 10.59 -34.31 8.32
N ALA B 137 9.41 -34.78 8.67
CA ALA B 137 9.05 -36.19 8.53
C ALA B 137 8.40 -36.37 7.16
N GLN B 138 8.76 -37.46 6.50
CA GLN B 138 8.41 -37.65 5.11
C GLN B 138 8.05 -39.09 4.82
N ARG B 139 7.22 -39.28 3.81
CA ARG B 139 7.05 -40.58 3.21
C ARG B 139 7.52 -40.50 1.77
N LEU B 140 8.42 -41.41 1.41
CA LEU B 140 9.09 -41.40 0.11
C LEU B 140 8.87 -42.75 -0.60
N SER B 141 8.44 -42.71 -1.85
CA SER B 141 8.48 -43.86 -2.77
C SER B 141 9.69 -43.71 -3.66
N PHE B 142 10.54 -44.73 -3.71
CA PHE B 142 11.74 -44.67 -4.55
C PHE B 142 12.04 -46.01 -5.21
N MET B 143 12.94 -45.95 -6.20
CA MET B 143 13.32 -47.09 -7.04
C MET B 143 14.16 -48.09 -6.28
N CYS B 144 13.65 -49.31 -6.20
CA CYS B 144 14.29 -50.38 -5.46
C CYS B 144 13.70 -51.71 -5.85
N ASP B 145 14.56 -52.66 -6.21
CA ASP B 145 14.14 -54.03 -6.54
C ASP B 145 14.09 -54.88 -5.26
N PRO B 146 12.88 -55.27 -4.82
CA PRO B 146 12.74 -56.03 -3.58
C PRO B 146 12.79 -57.57 -3.75
N THR B 147 13.09 -58.07 -4.94
CA THR B 147 13.27 -59.50 -5.16
C THR B 147 14.33 -60.07 -4.22
N GLY B 148 13.92 -61.11 -3.46
CA GLY B 148 14.79 -61.71 -2.43
C GLY B 148 14.54 -61.21 -1.02
N VAL B 149 13.55 -60.33 -0.86
CA VAL B 149 13.28 -59.74 0.45
C VAL B 149 12.81 -60.80 1.45
N ASP B 150 12.16 -61.82 0.95
CA ASP B 150 11.69 -62.95 1.77
C ASP B 150 12.76 -64.01 2.08
N SER B 151 14.03 -63.74 1.82
CA SER B 151 15.09 -64.70 2.09
C SER B 151 15.83 -64.28 3.34
N GLU B 152 16.81 -65.09 3.75
CA GLU B 152 17.61 -64.81 4.94
C GLU B 152 18.62 -63.67 4.72
N GLU B 153 19.10 -63.53 3.50
CA GLU B 153 20.11 -62.52 3.15
C GLU B 153 19.51 -61.13 2.93
N GLY B 154 18.23 -61.07 2.52
CA GLY B 154 17.55 -59.82 2.28
C GLY B 154 17.91 -59.10 0.99
N VAL B 155 17.55 -57.83 0.92
CA VAL B 155 17.88 -56.98 -0.22
C VAL B 155 18.50 -55.72 0.29
N THR B 156 19.24 -55.06 -0.58
CA THR B 156 19.85 -53.79 -0.30
C THR B 156 19.26 -52.79 -1.25
N CYS B 157 18.93 -51.60 -0.74
N CYS B 157 18.93 -51.60 -0.74
CA CYS B 157 18.47 -50.50 -1.56
CA CYS B 157 18.47 -50.50 -1.58
C CYS B 157 19.09 -49.20 -1.12
C CYS B 157 19.09 -49.20 -1.12
N ALA B 158 19.16 -48.25 -2.05
CA ALA B 158 19.92 -47.02 -1.87
C ALA B 158 19.22 -45.85 -2.51
N VAL B 159 19.31 -44.70 -1.87
CA VAL B 159 18.79 -43.47 -2.45
C VAL B 159 19.67 -42.30 -2.06
N LYS B 160 20.01 -41.48 -3.04
CA LYS B 160 20.84 -40.30 -2.84
C LYS B 160 20.02 -39.06 -2.55
N PHE B 161 20.42 -38.32 -1.53
CA PHE B 161 19.79 -37.06 -1.18
C PHE B 161 20.78 -35.92 -1.38
N GLY B 162 20.40 -34.91 -2.15
CA GLY B 162 21.21 -33.71 -2.32
C GLY B 162 20.48 -32.56 -2.95
N SER B 163 21.16 -31.43 -3.09
CA SER B 163 20.60 -30.29 -3.77
C SER B 163 20.34 -30.65 -5.21
N TRP B 164 19.20 -30.24 -5.74
CA TRP B 164 18.89 -30.42 -7.14
C TRP B 164 19.60 -29.38 -8.01
N VAL B 165 19.73 -28.15 -7.52
CA VAL B 165 20.21 -27.04 -8.36
C VAL B 165 21.54 -26.43 -7.98
N TYR B 166 22.04 -26.65 -6.78
CA TYR B 166 23.33 -26.11 -6.36
C TYR B 166 24.41 -27.18 -6.40
N SER B 167 25.53 -26.84 -7.03
CA SER B 167 26.70 -27.71 -7.05
C SER B 167 27.45 -27.61 -5.75
N GLY B 168 28.51 -28.42 -5.65
CA GLY B 168 29.44 -28.41 -4.51
C GLY B 168 30.12 -27.08 -4.21
N PHE B 169 30.21 -26.20 -5.21
CA PHE B 169 30.73 -24.84 -4.99
C PHE B 169 29.79 -23.90 -4.21
N GLU B 170 28.50 -24.21 -4.13
CA GLU B 170 27.58 -23.43 -3.30
C GLU B 170 27.05 -24.17 -2.07
N ILE B 171 26.71 -25.44 -2.22
CA ILE B 171 26.23 -26.26 -1.10
C ILE B 171 27.07 -27.50 -0.97
N ASP B 172 27.68 -27.67 0.20
CA ASP B 172 28.35 -28.91 0.58
C ASP B 172 27.49 -29.62 1.63
N LEU B 173 27.63 -30.93 1.75
CA LEU B 173 26.91 -31.71 2.74
C LEU B 173 27.88 -32.44 3.63
N LYS B 174 27.45 -32.74 4.85
CA LYS B 174 28.16 -33.67 5.70
C LYS B 174 27.18 -34.41 6.60
N THR B 175 27.66 -35.48 7.21
CA THR B 175 26.93 -36.18 8.27
C THR B 175 27.74 -36.08 9.56
N ASP B 176 27.08 -36.19 10.71
CA ASP B 176 27.77 -36.30 12.02
C ASP B 176 28.21 -37.74 12.31
N THR B 177 27.42 -38.70 11.82
CA THR B 177 27.73 -40.11 11.94
C THR B 177 27.33 -40.80 10.63
N ASP B 178 27.96 -41.91 10.31
CA ASP B 178 27.52 -42.75 9.20
C ASP B 178 26.43 -43.79 9.53
N GLN B 179 26.05 -43.91 10.80
CA GLN B 179 24.98 -44.81 11.22
C GLN B 179 23.64 -44.09 11.25
N VAL B 180 22.69 -44.60 10.48
CA VAL B 180 21.32 -44.14 10.54
C VAL B 180 20.74 -44.46 11.91
N ASP B 181 19.97 -43.55 12.47
CA ASP B 181 19.32 -43.79 13.76
C ASP B 181 18.13 -44.75 13.59
N LEU B 182 18.22 -45.88 14.28
CA LEU B 182 17.19 -46.93 14.22
C LEU B 182 16.42 -47.09 15.53
N SER B 183 16.60 -46.19 16.48
CA SER B 183 15.99 -46.35 17.81
C SER B 183 14.49 -46.03 17.83
N SER B 184 13.94 -45.39 16.80
CA SER B 184 12.49 -45.26 16.63
C SER B 184 11.91 -46.23 15.57
N TYR B 185 12.67 -47.21 15.13
CA TYR B 185 12.18 -48.11 14.08
C TYR B 185 11.01 -48.93 14.63
N TYR B 186 9.90 -48.94 13.91
CA TYR B 186 8.72 -49.68 14.31
C TYR B 186 9.00 -51.17 14.50
N ALA B 187 8.87 -51.64 15.74
CA ALA B 187 9.18 -53.02 16.13
C ALA B 187 8.28 -54.10 15.50
N SER B 188 7.06 -53.76 15.06
CA SER B 188 6.19 -54.71 14.39
C SER B 188 6.04 -54.45 12.90
N SER B 189 7.01 -53.78 12.29
CA SER B 189 7.04 -53.63 10.85
C SER B 189 7.05 -55.00 10.18
N LYS B 190 6.51 -55.07 8.98
CA LYS B 190 6.74 -56.24 8.12
C LYS B 190 8.20 -56.51 7.83
N TYR B 191 9.06 -55.49 7.84
CA TYR B 191 10.47 -55.65 7.47
C TYR B 191 11.37 -55.32 8.62
N GLU B 192 12.43 -56.11 8.82
CA GLU B 192 13.45 -55.77 9.78
C GLU B 192 14.70 -55.25 9.07
N ILE B 193 15.40 -54.35 9.75
CA ILE B 193 16.56 -53.69 9.19
C ILE B 193 17.79 -54.46 9.61
N LEU B 194 18.63 -54.83 8.65
CA LEU B 194 19.90 -55.49 8.93
C LEU B 194 21.02 -54.48 9.07
N SER B 195 21.03 -53.46 8.23
CA SER B 195 21.91 -52.32 8.41
C SER B 195 21.39 -51.09 7.68
N ALA B 196 21.87 -49.93 8.10
CA ALA B 196 21.46 -48.68 7.51
C ALA B 196 22.55 -47.64 7.71
N THR B 197 23.11 -47.18 6.60
CA THR B 197 24.17 -46.18 6.61
C THR B 197 23.82 -44.94 5.81
N GLN B 198 24.49 -43.84 6.14
CA GLN B 198 24.32 -42.54 5.49
C GLN B 198 25.70 -41.98 5.24
N THR B 199 26.05 -41.77 3.99
CA THR B 199 27.42 -41.51 3.58
C THR B 199 27.52 -40.42 2.54
N ARG B 200 28.37 -39.44 2.81
CA ARG B 200 28.68 -38.37 1.85
C ARG B 200 29.35 -38.94 0.60
N GLN B 201 28.93 -38.45 -0.59
CA GLN B 201 29.54 -38.77 -1.89
C GLN B 201 29.59 -37.55 -2.80
N VAL B 202 30.49 -37.62 -3.78
CA VAL B 202 30.60 -36.63 -4.84
C VAL B 202 30.16 -37.30 -6.15
N GLN B 203 29.28 -36.62 -6.91
CA GLN B 203 28.81 -37.13 -8.20
C GLN B 203 29.03 -36.15 -9.34
N HIS B 204 29.28 -36.71 -10.53
CA HIS B 204 29.34 -35.92 -11.78
C HIS B 204 28.20 -36.41 -12.66
N TYR B 205 27.51 -35.48 -13.30
CA TYR B 205 26.36 -35.82 -14.13
C TYR B 205 26.62 -35.42 -15.58
N SER B 206 25.96 -36.07 -16.53
CA SER B 206 26.07 -35.75 -17.98
C SER B 206 25.73 -34.31 -18.34
N CYS B 207 24.67 -33.76 -17.73
CA CYS B 207 24.23 -32.39 -18.01
C CYS B 207 25.25 -31.28 -17.70
N CYS B 208 26.18 -31.55 -16.78
CA CYS B 208 26.75 -30.50 -15.92
C CYS B 208 28.24 -30.79 -15.59
N PRO B 209 29.18 -29.84 -15.83
CA PRO B 209 30.63 -30.11 -15.58
C PRO B 209 31.15 -30.06 -14.10
N GLU B 210 30.34 -29.60 -13.16
CA GLU B 210 30.76 -29.34 -11.77
C GLU B 210 30.30 -30.48 -10.83
N PRO B 211 31.07 -30.76 -9.77
CA PRO B 211 30.66 -31.82 -8.81
C PRO B 211 29.40 -31.45 -7.98
N TYR B 212 28.47 -32.40 -7.84
CA TYR B 212 27.32 -32.27 -6.94
C TYR B 212 27.55 -33.17 -5.73
N ILE B 213 27.12 -32.75 -4.55
CA ILE B 213 27.32 -33.54 -3.33
C ILE B 213 25.99 -34.18 -2.95
N ASP B 214 26.02 -35.43 -2.47
CA ASP B 214 24.84 -36.07 -1.90
C ASP B 214 25.18 -36.89 -0.68
N VAL B 215 24.15 -37.29 0.04
CA VAL B 215 24.27 -38.28 1.09
C VAL B 215 23.51 -39.50 0.62
N ASN B 216 24.21 -40.62 0.56
CA ASN B 216 23.67 -41.90 0.11
C ASN B 216 23.15 -42.70 1.29
N LEU B 217 21.84 -42.94 1.31
CA LEU B 217 21.17 -43.70 2.34
C LEU B 217 21.08 -45.14 1.84
N VAL B 218 21.81 -46.07 2.48
CA VAL B 218 21.85 -47.47 2.07
C VAL B 218 21.19 -48.31 3.15
N VAL B 219 20.12 -49.02 2.80
CA VAL B 219 19.36 -49.81 3.77
C VAL B 219 19.28 -51.25 3.31
N LYS B 220 19.65 -52.15 4.20
CA LYS B 220 19.58 -53.57 3.94
C LYS B 220 18.49 -54.16 4.85
N PHE B 221 17.53 -54.86 4.26
CA PHE B 221 16.39 -55.33 5.01
C PHE B 221 15.82 -56.65 4.51
N ARG B 222 14.99 -57.28 5.33
CA ARG B 222 14.28 -58.50 4.92
C ARG B 222 12.94 -58.61 5.62
N GLU B 223 12.11 -59.55 5.19
CA GLU B 223 10.84 -59.82 5.86
C GLU B 223 11.07 -60.31 7.29
N ARG B 224 10.29 -59.81 8.23
CA ARG B 224 10.34 -60.23 9.62
C ARG B 224 9.62 -61.55 9.77
N GLN C 20 26.22 -12.05 -0.59
CA GLN C 20 24.77 -11.80 -0.38
C GLN C 20 24.36 -10.44 -0.90
N ALA C 21 25.06 -9.38 -0.49
CA ALA C 21 24.67 -7.99 -0.82
C ALA C 21 24.60 -7.75 -2.33
N ASN C 22 25.63 -8.16 -3.04
CA ASN C 22 25.66 -8.04 -4.49
C ASN C 22 24.54 -8.81 -5.19
N LEU C 23 24.25 -10.02 -4.73
CA LEU C 23 23.19 -10.81 -5.30
C LEU C 23 21.79 -10.24 -5.03
N MET C 24 21.52 -9.81 -3.80
CA MET C 24 20.24 -9.16 -3.45
C MET C 24 19.99 -7.95 -4.34
N ARG C 25 21.05 -7.20 -4.59
CA ARG C 25 21.03 -6.02 -5.44
C ARG C 25 20.72 -6.38 -6.90
N LEU C 26 21.43 -7.37 -7.42
CA LEU C 26 21.16 -7.90 -8.76
C LEU C 26 19.73 -8.38 -8.95
N LYS C 27 19.22 -9.15 -8.01
CA LYS C 27 17.85 -9.66 -8.11
C LYS C 27 16.83 -8.55 -8.05
N SER C 28 17.05 -7.61 -7.15
CA SER C 28 16.23 -6.41 -7.08
C SER C 28 16.20 -5.62 -8.40
N ASP C 29 17.36 -5.43 -9.03
CA ASP C 29 17.42 -4.72 -10.32
C ASP C 29 16.73 -5.47 -11.48
N LEU C 30 16.81 -6.80 -11.51
CA LEU C 30 16.16 -7.57 -12.58
C LEU C 30 14.65 -7.74 -12.37
N PHE C 31 14.18 -7.91 -11.13
CA PHE C 31 12.78 -8.30 -10.89
C PHE C 31 11.85 -7.24 -10.27
N ASN C 32 12.37 -6.34 -9.43
CA ASN C 32 11.53 -5.30 -8.79
C ASN C 32 11.38 -4.03 -9.63
N ARG C 33 12.31 -3.74 -10.53
CA ARG C 33 12.31 -2.47 -11.29
C ARG C 33 11.44 -2.42 -12.55
N SER C 34 10.92 -3.56 -13.00
CA SER C 34 10.12 -3.62 -14.24
C SER C 34 8.88 -4.49 -14.05
N PRO C 35 7.92 -4.47 -15.03
CA PRO C 35 6.90 -5.52 -15.05
C PRO C 35 7.51 -6.83 -15.59
N MET C 36 6.89 -7.97 -15.30
CA MET C 36 7.42 -9.25 -15.74
C MET C 36 7.38 -9.37 -17.28
N TYR C 37 8.34 -10.12 -17.81
CA TYR C 37 8.36 -10.49 -19.23
C TYR C 37 6.98 -11.11 -19.59
N PRO C 38 6.28 -10.54 -20.59
CA PRO C 38 4.94 -11.02 -20.92
C PRO C 38 4.94 -12.23 -21.88
N GLY C 39 6.11 -12.81 -22.13
CA GLY C 39 6.27 -13.92 -23.06
C GLY C 39 6.64 -13.47 -24.45
N PRO C 40 6.96 -14.42 -25.34
CA PRO C 40 7.38 -14.13 -26.69
C PRO C 40 6.26 -13.67 -27.60
N THR C 41 6.63 -12.98 -28.66
CA THR C 41 5.70 -12.41 -29.64
C THR C 41 6.17 -12.79 -31.05
N LYS C 42 5.36 -12.48 -32.07
CA LYS C 42 5.78 -12.68 -33.47
C LYS C 42 7.00 -11.83 -33.83
N ASP C 43 7.08 -10.61 -33.27
CA ASP C 43 8.23 -9.71 -33.46
C ASP C 43 9.48 -10.12 -32.68
N ASP C 44 9.32 -10.69 -31.49
CA ASP C 44 10.43 -11.16 -30.64
C ASP C 44 10.23 -12.63 -30.27
N PRO C 45 10.35 -13.53 -31.26
CA PRO C 45 10.15 -14.95 -30.98
C PRO C 45 11.28 -15.54 -30.14
N LEU C 46 11.06 -16.75 -29.66
CA LEU C 46 11.96 -17.39 -28.72
C LEU C 46 12.19 -18.83 -29.13
N THR C 47 13.43 -19.29 -29.02
CA THR C 47 13.78 -20.67 -29.26
C THR C 47 14.09 -21.33 -27.93
N VAL C 48 13.40 -22.43 -27.63
CA VAL C 48 13.62 -23.21 -26.44
C VAL C 48 14.34 -24.48 -26.82
N THR C 49 15.44 -24.78 -26.17
CA THR C 49 16.14 -26.03 -26.37
C THR C 49 15.64 -27.06 -25.36
N LEU C 50 15.26 -28.27 -25.83
CA LEU C 50 14.80 -29.36 -24.95
C LEU C 50 15.72 -30.57 -25.04
N GLY C 51 15.86 -31.26 -23.92
CA GLY C 51 16.57 -32.52 -23.88
C GLY C 51 16.07 -33.39 -22.74
N PHE C 52 15.97 -34.69 -22.96
CA PHE C 52 15.44 -35.62 -21.97
C PHE C 52 16.51 -36.52 -21.39
N THR C 53 16.39 -36.79 -20.10
CA THR C 53 17.20 -37.75 -19.38
C THR C 53 16.20 -38.73 -18.73
N LEU C 54 16.17 -39.94 -19.25
CA LEU C 54 15.19 -40.92 -18.86
C LEU C 54 15.72 -41.73 -17.67
N GLN C 55 14.97 -41.76 -16.57
CA GLN C 55 15.38 -42.45 -15.35
C GLN C 55 14.75 -43.83 -15.17
N ASP C 56 13.47 -43.98 -15.48
CA ASP C 56 12.78 -45.24 -15.24
C ASP C 56 11.48 -45.32 -15.98
N ILE C 57 11.19 -46.49 -16.55
CA ILE C 57 9.83 -46.83 -16.93
C ILE C 57 9.30 -47.57 -15.73
N VAL C 58 8.38 -46.95 -15.00
CA VAL C 58 7.96 -47.42 -13.69
C VAL C 58 6.91 -48.46 -13.81
N LYS C 59 5.86 -48.19 -14.60
CA LYS C 59 4.89 -49.24 -14.89
C LYS C 59 4.18 -49.11 -16.21
N VAL C 60 3.70 -50.24 -16.69
CA VAL C 60 2.81 -50.34 -17.82
C VAL C 60 1.47 -50.90 -17.33
N ASP C 61 0.37 -50.37 -17.86
CA ASP C 61 -0.96 -50.89 -17.56
C ASP C 61 -1.54 -51.34 -18.89
N SER C 62 -1.56 -52.65 -19.12
CA SER C 62 -2.07 -53.22 -20.36
C SER C 62 -3.60 -53.21 -20.44
N SER C 63 -4.29 -53.01 -19.33
CA SER C 63 -5.75 -52.93 -19.37
C SER C 63 -6.25 -51.52 -19.80
N THR C 64 -5.45 -50.47 -19.61
CA THR C 64 -5.81 -49.11 -20.04
C THR C 64 -4.89 -48.48 -21.10
N ASN C 65 -3.83 -49.18 -21.50
CA ASN C 65 -2.81 -48.64 -22.41
C ASN C 65 -2.24 -47.30 -21.94
N GLU C 66 -1.70 -47.33 -20.72
CA GLU C 66 -1.01 -46.20 -20.11
C GLU C 66 0.37 -46.69 -19.68
N VAL C 67 1.39 -45.89 -19.91
CA VAL C 67 2.74 -46.14 -19.41
C VAL C 67 3.19 -44.93 -18.58
N ASP C 68 3.95 -45.22 -17.51
CA ASP C 68 4.46 -44.21 -16.59
C ASP C 68 5.98 -44.09 -16.68
N LEU C 69 6.49 -42.88 -16.99
CA LEU C 69 7.91 -42.59 -17.03
C LEU C 69 8.30 -41.63 -15.94
N VAL C 70 9.54 -41.78 -15.49
CA VAL C 70 10.19 -40.80 -14.65
C VAL C 70 11.39 -40.31 -15.42
N TYR C 71 11.49 -38.99 -15.59
CA TYR C 71 12.55 -38.36 -16.36
C TYR C 71 12.80 -36.97 -15.86
N TYR C 72 13.89 -36.37 -16.29
CA TYR C 72 14.00 -34.94 -16.21
C TYR C 72 14.27 -34.30 -17.55
N GLU C 73 13.73 -33.10 -17.69
CA GLU C 73 13.61 -32.43 -18.95
C GLU C 73 14.41 -31.14 -18.85
N GLN C 74 15.51 -31.05 -19.58
CA GLN C 74 16.32 -29.84 -19.59
C GLN C 74 15.69 -28.83 -20.55
N GLN C 75 15.42 -27.62 -20.05
CA GLN C 75 14.83 -26.52 -20.83
C GLN C 75 15.77 -25.33 -20.80
N ARG C 76 16.01 -24.72 -21.94
CA ARG C 76 16.97 -23.62 -22.04
C ARG C 76 16.46 -22.57 -23.03
N TRP C 77 16.46 -21.31 -22.61
CA TRP C 77 16.09 -20.18 -23.45
C TRP C 77 16.91 -18.94 -23.03
N LYS C 78 16.75 -17.85 -23.77
CA LYS C 78 17.59 -16.65 -23.61
C LYS C 78 16.78 -15.39 -23.80
N LEU C 79 16.88 -14.46 -22.86
CA LEU C 79 16.16 -13.19 -22.93
C LEU C 79 17.13 -12.02 -22.74
N ASN C 80 16.95 -10.95 -23.52
CA ASN C 80 17.72 -9.72 -23.32
C ASN C 80 17.47 -9.05 -21.96
N SER C 81 16.23 -9.09 -21.49
CA SER C 81 15.88 -8.43 -20.22
C SER C 81 16.49 -9.08 -18.95
N LEU C 82 17.16 -10.22 -19.09
CA LEU C 82 17.86 -10.86 -17.98
C LEU C 82 19.39 -10.73 -18.08
N MET C 83 19.90 -9.89 -18.99
CA MET C 83 21.34 -9.67 -19.09
C MET C 83 21.84 -8.75 -17.98
N TRP C 84 23.09 -8.96 -17.56
CA TRP C 84 23.78 -7.99 -16.72
C TRP C 84 25.28 -8.08 -16.93
N ASP C 85 25.97 -7.03 -16.55
CA ASP C 85 27.44 -6.97 -16.61
C ASP C 85 27.97 -7.48 -15.25
N PRO C 86 28.74 -8.59 -15.25
CA PRO C 86 29.23 -9.08 -13.95
C PRO C 86 30.03 -8.10 -13.10
N ASN C 87 30.77 -7.18 -13.72
CA ASN C 87 31.60 -6.20 -12.99
C ASN C 87 30.81 -5.23 -12.13
N GLU C 88 29.61 -4.88 -12.55
CA GLU C 88 28.70 -4.06 -11.73
C GLU C 88 28.04 -4.78 -10.53
N TYR C 89 28.30 -6.09 -10.38
CA TYR C 89 27.64 -6.91 -9.36
C TYR C 89 28.58 -7.95 -8.76
N GLY C 90 29.80 -7.52 -8.41
CA GLY C 90 30.75 -8.36 -7.69
C GLY C 90 31.18 -9.64 -8.38
N ASN C 91 31.26 -9.60 -9.72
CA ASN C 91 31.65 -10.75 -10.56
C ASN C 91 30.72 -11.97 -10.52
N ILE C 92 29.44 -11.76 -10.17
CA ILE C 92 28.43 -12.80 -10.23
C ILE C 92 28.13 -13.09 -11.71
N THR C 93 28.37 -14.34 -12.11
CA THR C 93 28.10 -14.81 -13.49
C THR C 93 26.76 -15.53 -13.64
N ASP C 94 26.22 -16.06 -12.53
CA ASP C 94 24.92 -16.72 -12.54
C ASP C 94 24.28 -16.78 -11.17
N PHE C 95 22.98 -17.05 -11.14
CA PHE C 95 22.30 -17.25 -9.88
C PHE C 95 21.08 -18.15 -10.01
N ARG C 96 20.73 -18.76 -8.88
CA ARG C 96 19.54 -19.59 -8.69
C ARG C 96 18.40 -18.74 -8.23
N THR C 97 17.22 -18.99 -8.77
CA THR C 97 16.03 -18.26 -8.40
C THR C 97 14.80 -19.14 -8.57
N SER C 98 13.81 -18.91 -7.74
CA SER C 98 12.52 -19.55 -7.86
C SER C 98 11.95 -19.36 -9.27
N ALA C 99 11.37 -20.43 -9.82
CA ALA C 99 10.74 -20.38 -11.14
C ALA C 99 9.49 -19.51 -11.21
N ALA C 100 8.86 -19.21 -10.05
CA ALA C 100 7.76 -18.22 -10.00
C ALA C 100 8.21 -16.77 -10.24
N ASP C 101 9.49 -16.44 -9.99
CA ASP C 101 10.05 -15.10 -10.25
C ASP C 101 10.22 -14.78 -11.74
N ILE C 102 10.17 -15.79 -12.61
CA ILE C 102 10.44 -15.62 -14.03
C ILE C 102 9.37 -16.29 -14.88
N TRP C 103 9.33 -15.90 -16.13
CA TRP C 103 8.54 -16.60 -17.11
C TRP C 103 9.24 -17.92 -17.42
N THR C 104 8.44 -18.97 -17.61
CA THR C 104 8.95 -20.26 -18.10
C THR C 104 8.04 -20.74 -19.21
N PRO C 105 8.60 -21.51 -20.16
CA PRO C 105 7.76 -21.93 -21.28
C PRO C 105 6.77 -23.01 -20.85
N ASP C 106 5.63 -23.02 -21.51
CA ASP C 106 4.49 -23.88 -21.19
C ASP C 106 4.58 -25.26 -21.91
N ILE C 107 5.71 -25.96 -21.75
CA ILE C 107 5.96 -27.19 -22.47
C ILE C 107 5.05 -28.30 -21.89
N THR C 108 4.32 -28.97 -22.76
CA THR C 108 3.23 -29.87 -22.40
C THR C 108 3.36 -31.17 -23.20
N ALA C 109 3.14 -32.31 -22.56
CA ALA C 109 3.03 -33.59 -23.23
C ALA C 109 1.67 -33.67 -23.87
N TYR C 110 1.62 -34.07 -25.15
CA TYR C 110 0.38 -34.05 -25.92
C TYR C 110 -0.51 -35.28 -25.76
N SER C 111 -0.03 -36.35 -25.12
CA SER C 111 -0.86 -37.53 -24.98
C SER C 111 -0.83 -38.03 -23.53
N SER C 112 -0.74 -37.10 -22.59
CA SER C 112 -0.83 -37.48 -21.18
C SER C 112 -2.26 -37.86 -20.77
N THR C 113 -2.36 -38.71 -19.77
CA THR C 113 -3.63 -39.15 -19.22
C THR C 113 -3.86 -38.74 -17.77
N ARG C 114 -2.86 -38.12 -17.13
CA ARG C 114 -2.97 -37.60 -15.77
C ARG C 114 -2.18 -36.32 -15.71
N PRO C 115 -2.47 -35.45 -14.72
CA PRO C 115 -1.52 -34.33 -14.51
C PRO C 115 -0.10 -34.84 -14.22
N VAL C 116 0.89 -34.15 -14.76
CA VAL C 116 2.28 -34.43 -14.48
C VAL C 116 2.56 -34.19 -12.99
N GLN C 117 3.34 -35.08 -12.40
CA GLN C 117 3.76 -34.93 -11.02
C GLN C 117 5.17 -34.39 -11.00
N VAL C 118 5.40 -33.38 -10.17
CA VAL C 118 6.66 -32.69 -10.09
C VAL C 118 7.49 -33.32 -8.99
N LEU C 119 8.71 -33.72 -9.32
CA LEU C 119 9.57 -34.42 -8.38
C LEU C 119 10.79 -33.62 -7.97
N SER C 120 10.97 -32.42 -8.48
CA SER C 120 12.11 -31.59 -8.11
C SER C 120 11.66 -30.17 -7.74
N PRO C 121 12.50 -29.43 -7.00
CA PRO C 121 12.17 -28.03 -6.66
C PRO C 121 12.08 -27.13 -7.90
N GLN C 122 11.20 -26.14 -7.83
CA GLN C 122 10.89 -25.26 -8.95
C GLN C 122 11.88 -24.09 -8.88
N ILE C 123 13.11 -24.39 -9.27
CA ILE C 123 14.22 -23.45 -9.18
C ILE C 123 14.98 -23.51 -10.48
N ALA C 124 15.27 -22.36 -11.05
CA ALA C 124 16.03 -22.23 -12.30
C ALA C 124 17.34 -21.48 -12.08
N VAL C 125 18.21 -21.53 -13.08
CA VAL C 125 19.49 -20.85 -13.04
C VAL C 125 19.57 -19.87 -14.18
N VAL C 126 19.82 -18.61 -13.85
CA VAL C 126 19.96 -17.51 -14.80
C VAL C 126 21.43 -17.13 -14.90
N THR C 127 21.92 -16.98 -16.13
CA THR C 127 23.31 -16.64 -16.42
C THR C 127 23.39 -15.23 -17.03
N HIS C 128 24.54 -14.57 -16.84
CA HIS C 128 24.73 -13.13 -17.17
C HIS C 128 24.44 -12.73 -18.62
N ASP C 129 24.63 -13.67 -19.55
CA ASP C 129 24.22 -13.45 -20.96
C ASP C 129 22.70 -13.48 -21.20
N GLY C 130 21.89 -13.70 -20.16
CA GLY C 130 20.44 -13.73 -20.29
C GLY C 130 19.86 -15.11 -20.50
N SER C 131 20.70 -16.15 -20.46
CA SER C 131 20.20 -17.49 -20.66
C SER C 131 19.69 -18.09 -19.35
N VAL C 132 18.66 -18.91 -19.47
CA VAL C 132 18.00 -19.52 -18.34
C VAL C 132 18.04 -21.03 -18.55
N MET C 133 18.35 -21.78 -17.51
CA MET C 133 18.21 -23.20 -17.53
C MET C 133 17.28 -23.69 -16.45
N PHE C 134 16.36 -24.57 -16.81
CA PHE C 134 15.35 -25.08 -15.88
C PHE C 134 15.20 -26.59 -16.14
N ILE C 135 15.38 -27.42 -15.12
CA ILE C 135 15.44 -28.86 -15.28
C ILE C 135 14.48 -29.59 -14.36
N PRO C 136 13.18 -29.51 -14.64
CA PRO C 136 12.19 -30.21 -13.80
C PRO C 136 12.21 -31.74 -13.98
N ALA C 137 12.20 -32.46 -12.87
CA ALA C 137 11.99 -33.90 -12.85
C ALA C 137 10.50 -34.17 -12.73
N GLN C 138 10.03 -35.15 -13.48
CA GLN C 138 8.60 -35.37 -13.65
C GLN C 138 8.28 -36.85 -13.70
N ARG C 139 7.06 -37.17 -13.30
CA ARG C 139 6.46 -38.44 -13.60
C ARG C 139 5.26 -38.22 -14.49
N LEU C 140 5.24 -38.91 -15.62
CA LEU C 140 4.23 -38.75 -16.65
C LEU C 140 3.53 -40.08 -16.94
N SER C 141 2.21 -40.09 -16.93
CA SER C 141 1.39 -41.18 -17.51
C SER C 141 0.95 -40.76 -18.89
N PHE C 142 1.19 -41.59 -19.89
CA PHE C 142 0.78 -41.27 -21.25
C PHE C 142 0.30 -42.51 -22.02
N MET C 143 -0.36 -42.25 -23.14
CA MET C 143 -1.00 -43.26 -23.97
C MET C 143 0.03 -44.11 -24.72
N CYS C 144 -0.03 -45.40 -24.48
CA CYS C 144 0.93 -46.33 -25.05
C CYS C 144 0.42 -47.75 -24.88
N ASP C 145 0.39 -48.50 -25.99
CA ASP C 145 0.00 -49.92 -25.98
C ASP C 145 1.24 -50.78 -25.70
N PRO C 146 1.30 -51.43 -24.53
CA PRO C 146 2.46 -52.23 -24.18
C PRO C 146 2.40 -53.71 -24.59
N THR C 147 1.38 -54.11 -25.36
CA THR C 147 1.30 -55.47 -25.90
C THR C 147 2.57 -55.85 -26.69
N GLY C 148 3.19 -56.95 -26.29
CA GLY C 148 4.47 -57.40 -26.87
C GLY C 148 5.70 -56.99 -26.08
N VAL C 149 5.50 -56.35 -24.93
CA VAL C 149 6.63 -55.87 -24.14
C VAL C 149 7.48 -57.02 -23.61
N ASP C 150 6.83 -58.15 -23.38
CA ASP C 150 7.50 -59.37 -22.90
C ASP C 150 8.18 -60.21 -24.01
N SER C 151 8.34 -59.66 -25.20
CA SER C 151 8.99 -60.38 -26.29
C SER C 151 10.40 -59.86 -26.48
N GLU C 152 11.13 -60.44 -27.41
CA GLU C 152 12.52 -60.05 -27.71
C GLU C 152 12.57 -58.70 -28.47
N GLU C 153 11.56 -58.42 -29.28
CA GLU C 153 11.52 -57.23 -30.12
C GLU C 153 11.05 -55.98 -29.34
N GLY C 154 10.25 -56.18 -28.29
CA GLY C 154 9.72 -55.11 -27.48
C GLY C 154 8.59 -54.31 -28.09
N VAL C 155 8.35 -53.13 -27.52
CA VAL C 155 7.34 -52.20 -28.02
C VAL C 155 7.97 -50.84 -28.17
N THR C 156 7.34 -50.05 -29.03
CA THR C 156 7.76 -48.69 -29.24
C THR C 156 6.62 -47.80 -28.79
N CYS C 157 6.96 -46.73 -28.08
N CYS C 157 6.96 -46.73 -28.08
CA CYS C 157 5.99 -45.73 -27.71
CA CYS C 157 5.97 -45.73 -27.71
C CYS C 157 6.55 -44.33 -27.89
C CYS C 157 6.55 -44.33 -27.89
N ALA C 158 5.64 -43.37 -28.06
CA ALA C 158 6.02 -42.01 -28.46
C ALA C 158 5.13 -40.98 -27.80
N VAL C 159 5.73 -39.85 -27.45
CA VAL C 159 4.97 -38.75 -26.91
C VAL C 159 5.58 -37.43 -27.35
N LYS C 160 4.73 -36.52 -27.81
CA LYS C 160 5.16 -35.22 -28.29
C LYS C 160 5.13 -34.18 -27.18
N PHE C 161 6.21 -33.40 -27.08
CA PHE C 161 6.29 -32.30 -26.13
C PHE C 161 6.38 -30.99 -26.88
N GLY C 162 5.50 -30.05 -26.54
CA GLY C 162 5.48 -28.73 -27.17
C GLY C 162 4.69 -27.72 -26.39
N SER C 163 4.75 -26.48 -26.84
CA SER C 163 3.89 -25.44 -26.29
C SER C 163 2.46 -25.79 -26.58
N TRP C 164 1.60 -25.59 -25.61
CA TRP C 164 0.16 -25.78 -25.79
C TRP C 164 -0.48 -24.59 -26.52
N VAL C 165 0.00 -23.38 -26.24
CA VAL C 165 -0.68 -22.16 -26.72
C VAL C 165 0.07 -21.32 -27.73
N TYR C 166 1.38 -21.48 -27.85
CA TYR C 166 2.16 -20.70 -28.81
C TYR C 166 2.49 -21.53 -30.03
N SER C 167 2.24 -20.94 -31.20
CA SER C 167 2.62 -21.56 -32.48
C SER C 167 4.09 -21.37 -32.75
N GLY C 168 4.54 -21.95 -33.86
CA GLY C 168 5.90 -21.78 -34.36
C GLY C 168 6.36 -20.36 -34.65
N PHE C 169 5.42 -19.44 -34.86
CA PHE C 169 5.74 -18.01 -35.00
C PHE C 169 6.17 -17.31 -33.71
N GLU C 170 5.85 -17.88 -32.54
CA GLU C 170 6.33 -17.32 -31.26
C GLU C 170 7.36 -18.20 -30.55
N ILE C 171 7.14 -19.51 -30.53
CA ILE C 171 8.09 -20.43 -29.89
C ILE C 171 8.52 -21.47 -30.90
N ASP C 172 9.82 -21.57 -31.10
CA ASP C 172 10.43 -22.65 -31.85
C ASP C 172 11.18 -23.56 -30.85
N LEU C 173 11.38 -24.82 -31.20
CA LEU C 173 12.10 -25.77 -30.38
C LEU C 173 13.28 -26.33 -31.14
N LYS C 174 14.30 -26.74 -30.40
CA LYS C 174 15.37 -27.53 -30.97
C LYS C 174 15.94 -28.47 -29.92
N THR C 175 16.72 -29.44 -30.37
CA THR C 175 17.50 -30.31 -29.49
C THR C 175 18.98 -30.10 -29.79
N ASP C 176 19.85 -30.36 -28.81
CA ASP C 176 21.32 -30.39 -29.04
C ASP C 176 21.79 -31.71 -29.64
N THR C 177 21.11 -32.79 -29.29
CA THR C 177 21.38 -34.12 -29.84
C THR C 177 20.04 -34.81 -30.01
N ASP C 178 19.98 -35.78 -30.93
CA ASP C 178 18.80 -36.65 -31.06
C ASP C 178 18.79 -37.89 -30.14
N GLN C 179 19.87 -38.13 -29.39
CA GLN C 179 19.95 -39.24 -28.44
C GLN C 179 19.52 -38.79 -27.05
N VAL C 180 18.50 -39.46 -26.52
CA VAL C 180 18.09 -39.30 -25.15
C VAL C 180 19.21 -39.79 -24.25
N ASP C 181 19.46 -39.07 -23.17
CA ASP C 181 20.49 -39.47 -22.20
C ASP C 181 19.97 -40.65 -21.35
N LEU C 182 20.69 -41.78 -21.44
CA LEU C 182 20.33 -42.99 -20.71
C LEU C 182 21.31 -43.35 -19.59
N SER C 183 22.26 -42.46 -19.28
CA SER C 183 23.32 -42.80 -18.32
C SER C 183 22.87 -42.78 -16.86
N SER C 184 21.70 -42.22 -16.55
CA SER C 184 21.07 -42.37 -15.24
C SER C 184 19.92 -43.38 -15.22
N TYR C 185 19.77 -44.19 -16.26
CA TYR C 185 18.64 -45.13 -16.30
C TYR C 185 18.81 -46.17 -15.20
N TYR C 186 17.77 -46.37 -14.40
CA TYR C 186 17.78 -47.33 -13.31
C TYR C 186 18.10 -48.76 -13.81
N ALA C 187 19.23 -49.28 -13.36
CA ALA C 187 19.76 -50.58 -13.80
C ALA C 187 18.91 -51.80 -13.40
N SER C 188 18.08 -51.67 -12.35
CA SER C 188 17.20 -52.77 -11.95
C SER C 188 15.72 -52.49 -12.26
N SER C 189 15.46 -51.63 -13.22
CA SER C 189 14.09 -51.44 -13.70
C SER C 189 13.53 -52.76 -14.22
N LYS C 190 12.21 -52.90 -14.14
CA LYS C 190 11.54 -53.98 -14.86
C LYS C 190 11.76 -53.95 -16.36
N TYR C 191 12.02 -52.78 -16.95
CA TYR C 191 12.15 -52.65 -18.41
C TYR C 191 13.51 -52.17 -18.79
N GLU C 192 14.08 -52.72 -19.86
CA GLU C 192 15.31 -52.19 -20.42
C GLU C 192 15.03 -51.41 -21.69
N ILE C 193 15.85 -50.40 -21.95
CA ILE C 193 15.66 -49.51 -23.07
C ILE C 193 16.50 -50.02 -24.23
N LEU C 194 15.88 -50.20 -25.39
CA LEU C 194 16.58 -50.62 -26.60
C LEU C 194 17.03 -49.41 -27.40
N SER C 195 16.20 -48.39 -27.49
CA SER C 195 16.61 -47.09 -28.03
C SER C 195 15.69 -45.97 -27.54
N ALA C 196 16.19 -44.76 -27.63
CA ALA C 196 15.46 -43.59 -27.19
C ALA C 196 15.95 -42.37 -27.92
N THR C 197 15.07 -41.77 -28.71
CA THR C 197 15.38 -40.59 -29.50
C THR C 197 14.46 -39.42 -29.18
N GLN C 198 14.95 -38.21 -29.48
CA GLN C 198 14.23 -36.95 -29.27
C GLN C 198 14.43 -36.12 -30.52
N THR C 199 13.35 -35.80 -31.22
CA THR C 199 13.42 -35.24 -32.56
C THR C 199 12.41 -34.15 -32.78
N ARG C 200 12.87 -33.00 -33.27
CA ARG C 200 12.03 -31.89 -33.67
C ARG C 200 11.07 -32.27 -34.80
N GLN C 201 9.81 -31.85 -34.70
CA GLN C 201 8.79 -31.99 -35.76
C GLN C 201 7.89 -30.76 -35.85
N VAL C 202 7.25 -30.61 -37.02
CA VAL C 202 6.26 -29.58 -37.27
C VAL C 202 4.89 -30.26 -37.41
N GLN C 203 3.86 -29.74 -36.74
CA GLN C 203 2.50 -30.30 -36.79
C GLN C 203 1.46 -29.24 -37.17
N HIS C 204 0.39 -29.67 -37.83
CA HIS C 204 -0.82 -28.86 -38.03
C HIS C 204 -1.96 -29.56 -37.33
N TYR C 205 -2.84 -28.80 -36.69
CA TYR C 205 -3.96 -29.34 -35.95
C TYR C 205 -5.28 -28.82 -36.54
N SER C 206 -6.37 -29.57 -36.34
CA SER C 206 -7.72 -29.19 -36.81
C SER C 206 -8.20 -27.81 -36.32
N CYS C 207 -7.94 -27.50 -35.05
CA CYS C 207 -8.37 -26.22 -34.46
C CYS C 207 -7.80 -24.95 -35.11
N CYS C 208 -6.64 -25.07 -35.77
CA CYS C 208 -5.69 -23.96 -35.85
C CYS C 208 -4.92 -23.97 -37.20
N PRO C 209 -4.88 -22.85 -37.96
CA PRO C 209 -4.16 -22.83 -39.28
C PRO C 209 -2.62 -22.74 -39.29
N GLU C 210 -1.98 -22.48 -38.16
CA GLU C 210 -0.55 -22.17 -38.08
C GLU C 210 0.25 -23.41 -37.58
N PRO C 211 1.51 -23.56 -38.03
CA PRO C 211 2.33 -24.70 -37.54
C PRO C 211 2.71 -24.63 -36.05
N TYR C 212 2.58 -25.76 -35.35
CA TYR C 212 3.07 -25.91 -33.98
C TYR C 212 4.33 -26.78 -34.02
N ILE C 213 5.30 -26.49 -33.16
CA ILE C 213 6.53 -27.27 -33.11
C ILE C 213 6.48 -28.17 -31.88
N ASP C 214 6.98 -29.41 -32.02
CA ASP C 214 7.17 -30.29 -30.85
C ASP C 214 8.45 -31.07 -30.95
N VAL C 215 8.83 -31.69 -29.85
CA VAL C 215 9.90 -32.66 -29.83
C VAL C 215 9.26 -34.00 -29.50
N ASN C 216 9.47 -34.95 -30.40
CA ASN C 216 8.90 -36.29 -30.31
C ASN C 216 9.89 -37.23 -29.61
N LEU C 217 9.48 -37.71 -28.43
CA LEU C 217 10.29 -38.63 -27.63
C LEU C 217 9.84 -40.04 -27.99
N VAL C 218 10.71 -40.82 -28.64
CA VAL C 218 10.38 -42.17 -29.09
C VAL C 218 11.23 -43.16 -28.28
N VAL C 219 10.59 -44.05 -27.55
CA VAL C 219 11.29 -45.00 -26.69
C VAL C 219 10.89 -46.42 -27.04
N LYS C 220 11.88 -47.25 -27.28
CA LYS C 220 11.67 -48.65 -27.57
C LYS C 220 12.21 -49.47 -26.39
N PHE C 221 11.38 -50.33 -25.83
CA PHE C 221 11.74 -51.03 -24.60
C PHE C 221 11.13 -52.43 -24.52
N ARG C 222 11.67 -53.23 -23.61
CA ARG C 222 11.13 -54.56 -23.33
C ARG C 222 11.36 -54.97 -21.89
N GLU C 223 10.71 -56.05 -21.47
CA GLU C 223 10.94 -56.59 -20.12
C GLU C 223 12.39 -57.06 -19.97
N ARG C 224 12.98 -56.76 -18.82
CA ARG C 224 14.33 -57.21 -18.48
C ARG C 224 14.28 -58.66 -18.05
N GLN D 20 8.20 -6.65 -26.77
CA GLN D 20 7.95 -6.70 -25.31
C GLN D 20 7.28 -5.42 -24.81
N ALA D 21 7.87 -4.27 -25.12
CA ALA D 21 7.40 -2.97 -24.59
C ALA D 21 5.94 -2.68 -24.94
N ASN D 22 5.59 -2.87 -26.20
CA ASN D 22 4.22 -2.66 -26.65
C ASN D 22 3.23 -3.61 -25.98
N LEU D 23 3.61 -4.88 -25.82
CA LEU D 23 2.75 -5.84 -25.18
C LEU D 23 2.55 -5.58 -23.68
N MET D 24 3.63 -5.27 -22.96
CA MET D 24 3.54 -4.89 -21.53
C MET D 24 2.60 -3.73 -21.31
N ARG D 25 2.67 -2.77 -22.22
CA ARG D 25 1.83 -1.59 -22.21
C ARG D 25 0.35 -1.95 -22.47
N LEU D 26 0.10 -2.76 -23.49
CA LEU D 26 -1.25 -3.27 -23.76
C LEU D 26 -1.86 -4.02 -22.59
N LYS D 27 -1.10 -4.91 -21.97
CA LYS D 27 -1.61 -5.69 -20.84
C LYS D 27 -1.91 -4.80 -19.65
N SER D 28 -1.01 -3.87 -19.38
CA SER D 28 -1.22 -2.86 -18.36
C SER D 28 -2.52 -2.05 -18.59
N ASP D 29 -2.76 -1.61 -19.82
CA ASP D 29 -3.98 -0.86 -20.13
C ASP D 29 -5.27 -1.69 -20.01
N LEU D 30 -5.23 -2.97 -20.35
CA LEU D 30 -6.43 -3.82 -20.24
C LEU D 30 -6.70 -4.30 -18.82
N PHE D 31 -5.68 -4.60 -18.03
CA PHE D 31 -5.86 -5.29 -16.73
C PHE D 31 -5.60 -4.46 -15.46
N ASN D 32 -4.67 -3.50 -15.50
CA ASN D 32 -4.38 -2.66 -14.32
C ASN D 32 -5.26 -1.43 -14.18
N ARG D 33 -5.83 -0.93 -15.29
CA ARG D 33 -6.61 0.32 -15.28
C ARG D 33 -8.09 0.18 -14.90
N SER D 34 -8.62 -1.03 -14.78
CA SER D 34 -10.05 -1.22 -14.48
C SER D 34 -10.26 -2.31 -13.42
N PRO D 35 -11.49 -2.42 -12.85
CA PRO D 35 -11.81 -3.65 -12.09
C PRO D 35 -12.10 -4.80 -13.07
N MET D 36 -12.00 -6.04 -12.62
CA MET D 36 -12.23 -7.19 -13.49
C MET D 36 -13.69 -7.25 -13.97
N TYR D 37 -13.87 -7.78 -15.17
CA TYR D 37 -15.19 -8.07 -15.72
C TYR D 37 -15.96 -8.93 -14.67
N PRO D 38 -17.14 -8.48 -14.23
CA PRO D 38 -17.89 -9.21 -13.21
C PRO D 38 -18.76 -10.35 -13.77
N GLY D 39 -18.61 -10.67 -15.04
CA GLY D 39 -19.40 -11.71 -15.71
C GLY D 39 -20.61 -11.14 -16.41
N PRO D 40 -21.31 -11.98 -17.19
CA PRO D 40 -22.45 -11.56 -17.97
C PRO D 40 -23.71 -11.30 -17.14
N THR D 41 -24.61 -10.51 -17.71
CA THR D 41 -25.86 -10.11 -17.06
C THR D 41 -27.01 -10.30 -18.06
N LYS D 42 -28.26 -10.13 -17.61
CA LYS D 42 -29.42 -10.17 -18.52
C LYS D 42 -29.36 -9.04 -19.57
N ASP D 43 -28.83 -7.89 -19.19
CA ASP D 43 -28.64 -6.75 -20.10
C ASP D 43 -27.47 -6.90 -21.06
N ASP D 44 -26.38 -7.57 -20.63
CA ASP D 44 -25.20 -7.82 -21.46
C ASP D 44 -24.89 -9.32 -21.48
N PRO D 45 -25.76 -10.13 -22.12
CA PRO D 45 -25.52 -11.57 -22.15
C PRO D 45 -24.35 -11.95 -23.03
N LEU D 46 -23.95 -13.21 -22.95
CA LEU D 46 -22.76 -13.71 -23.60
C LEU D 46 -23.07 -15.04 -24.25
N THR D 47 -22.54 -15.26 -25.44
CA THR D 47 -22.62 -16.55 -26.12
C THR D 47 -21.24 -17.19 -26.09
N VAL D 48 -21.15 -18.40 -25.57
CA VAL D 48 -19.92 -19.17 -25.55
C VAL D 48 -20.04 -20.27 -26.58
N THR D 49 -19.05 -20.37 -27.45
CA THR D 49 -19.02 -21.46 -28.43
C THR D 49 -18.17 -22.60 -27.84
N LEU D 50 -18.70 -23.83 -27.87
CA LEU D 50 -17.99 -25.03 -27.38
C LEU D 50 -17.76 -26.04 -28.48
N GLY D 51 -16.63 -26.72 -28.42
CA GLY D 51 -16.36 -27.86 -29.28
C GLY D 51 -15.42 -28.82 -28.59
N PHE D 52 -15.63 -30.12 -28.81
CA PHE D 52 -14.82 -31.16 -28.20
C PHE D 52 -13.91 -31.85 -29.19
N THR D 53 -12.71 -32.18 -28.73
CA THR D 53 -11.75 -32.98 -29.45
C THR D 53 -11.42 -34.15 -28.53
N LEU D 54 -11.88 -35.33 -28.90
CA LEU D 54 -11.79 -36.50 -28.06
C LEU D 54 -10.48 -37.23 -28.34
N GLN D 55 -9.66 -37.44 -27.31
CA GLN D 55 -8.36 -38.08 -27.45
C GLN D 55 -8.32 -39.56 -27.09
N ASP D 56 -9.02 -39.95 -26.03
CA ASP D 56 -8.96 -41.33 -25.57
C ASP D 56 -10.06 -41.64 -24.62
N ILE D 57 -10.65 -42.83 -24.75
CA ILE D 57 -11.42 -43.42 -23.67
C ILE D 57 -10.41 -44.29 -22.95
N VAL D 58 -10.04 -43.88 -21.75
CA VAL D 58 -8.90 -44.46 -21.05
C VAL D 58 -9.32 -45.69 -20.30
N LYS D 59 -10.39 -45.61 -19.52
CA LYS D 59 -10.94 -46.81 -18.90
C LYS D 59 -12.41 -46.79 -18.60
N VAL D 60 -12.96 -48.00 -18.54
CA VAL D 60 -14.33 -48.21 -18.06
C VAL D 60 -14.27 -49.03 -16.79
N ASP D 61 -15.14 -48.73 -15.83
CA ASP D 61 -15.24 -49.52 -14.59
C ASP D 61 -16.66 -50.03 -14.55
N SER D 62 -16.83 -51.32 -14.86
CA SER D 62 -18.15 -51.95 -14.88
C SER D 62 -18.68 -52.24 -13.47
N SER D 63 -17.83 -52.20 -12.45
CA SER D 63 -18.34 -52.40 -11.09
C SER D 63 -18.95 -51.11 -10.47
N THR D 64 -18.57 -49.93 -10.96
CA THR D 64 -19.17 -48.65 -10.51
C THR D 64 -19.91 -47.84 -11.56
N ASN D 65 -19.92 -48.31 -12.81
CA ASN D 65 -20.49 -47.55 -13.95
C ASN D 65 -19.93 -46.14 -14.06
N GLU D 66 -18.60 -46.08 -14.18
CA GLU D 66 -17.84 -44.86 -14.41
C GLU D 66 -16.98 -45.08 -15.65
N VAL D 67 -16.92 -44.08 -16.53
CA VAL D 67 -16.01 -44.09 -17.67
C VAL D 67 -15.12 -42.84 -17.62
N ASP D 68 -13.86 -43.00 -18.04
CA ASP D 68 -12.87 -41.93 -18.04
C ASP D 68 -12.48 -41.51 -19.46
N LEU D 69 -12.67 -40.22 -19.78
CA LEU D 69 -12.27 -39.65 -21.07
C LEU D 69 -11.16 -38.66 -20.91
N VAL D 70 -10.34 -38.56 -21.94
CA VAL D 70 -9.39 -37.50 -22.08
C VAL D 70 -9.75 -36.76 -23.35
N TYR D 71 -9.91 -35.45 -23.23
CA TYR D 71 -10.32 -34.59 -24.34
C TYR D 71 -9.81 -33.19 -24.12
N TYR D 72 -9.89 -32.38 -25.15
CA TYR D 72 -9.82 -30.95 -24.95
C TYR D 72 -11.02 -30.23 -25.50
N GLU D 73 -11.36 -29.16 -24.81
CA GLU D 73 -12.62 -28.48 -24.95
C GLU D 73 -12.31 -27.06 -25.41
N GLN D 74 -12.65 -26.74 -26.65
CA GLN D 74 -12.44 -25.40 -27.18
C GLN D 74 -13.56 -24.47 -26.71
N GLN D 75 -13.20 -23.36 -26.06
CA GLN D 75 -14.16 -22.38 -25.54
C GLN D 75 -13.87 -21.02 -26.17
N ARG D 76 -14.89 -20.34 -26.63
CA ARG D 76 -14.72 -19.07 -27.32
C ARG D 76 -15.85 -18.09 -26.97
N TRP D 77 -15.48 -16.88 -26.56
CA TRP D 77 -16.42 -15.81 -26.27
C TRP D 77 -15.83 -14.45 -26.62
N LYS D 78 -16.60 -13.38 -26.48
CA LYS D 78 -16.22 -12.05 -26.93
C LYS D 78 -16.69 -10.98 -25.97
N LEU D 79 -15.79 -10.08 -25.57
CA LEU D 79 -16.11 -8.96 -24.67
C LEU D 79 -15.67 -7.64 -25.25
N ASN D 80 -16.51 -6.60 -25.12
CA ASN D 80 -16.10 -5.24 -25.51
C ASN D 80 -14.92 -4.70 -24.70
N SER D 81 -14.86 -5.01 -23.41
CA SER D 81 -13.79 -4.50 -22.54
C SER D 81 -12.36 -5.04 -22.86
N LEU D 82 -12.25 -6.01 -23.76
CA LEU D 82 -10.96 -6.52 -24.19
C LEU D 82 -10.58 -6.09 -25.62
N MET D 83 -11.30 -5.13 -26.19
CA MET D 83 -10.96 -4.58 -27.51
C MET D 83 -9.76 -3.63 -27.43
N TRP D 84 -8.98 -3.59 -28.50
CA TRP D 84 -7.98 -2.54 -28.68
C TRP D 84 -7.72 -2.32 -30.15
N ASP D 85 -7.17 -1.15 -30.45
CA ASP D 85 -6.77 -0.79 -31.82
C ASP D 85 -5.31 -1.22 -32.01
N PRO D 86 -5.04 -2.15 -32.94
CA PRO D 86 -3.65 -2.59 -33.12
C PRO D 86 -2.61 -1.48 -33.38
N ASN D 87 -3.01 -0.40 -34.07
CA ASN D 87 -2.07 0.68 -34.42
C ASN D 87 -1.52 1.45 -33.21
N GLU D 88 -2.31 1.54 -32.15
CA GLU D 88 -1.83 2.13 -30.89
C GLU D 88 -0.86 1.25 -30.06
N TYR D 89 -0.61 0.02 -30.52
CA TYR D 89 0.18 -0.96 -29.78
C TYR D 89 1.07 -1.80 -30.69
N GLY D 90 1.77 -1.14 -31.61
CA GLY D 90 2.77 -1.81 -32.46
C GLY D 90 2.27 -2.93 -33.34
N ASN D 91 1.03 -2.83 -33.81
CA ASN D 91 0.38 -3.85 -34.66
C ASN D 91 0.17 -5.23 -34.03
N ILE D 92 0.09 -5.29 -32.69
CA ILE D 92 -0.26 -6.51 -31.99
C ILE D 92 -1.74 -6.83 -32.24
N THR D 93 -2.01 -7.99 -32.84
CA THR D 93 -3.38 -8.45 -33.12
C THR D 93 -3.92 -9.43 -32.07
N ASP D 94 -3.03 -10.08 -31.33
CA ASP D 94 -3.42 -11.00 -30.26
C ASP D 94 -2.32 -11.23 -29.24
N PHE D 95 -2.69 -11.76 -28.08
CA PHE D 95 -1.71 -12.16 -27.10
C PHE D 95 -2.18 -13.29 -26.20
N ARG D 96 -1.20 -14.00 -25.64
CA ARG D 96 -1.38 -15.05 -24.66
C ARG D 96 -1.34 -14.45 -23.28
N THR D 97 -2.22 -14.92 -22.41
CA THR D 97 -2.25 -14.47 -21.04
C THR D 97 -2.79 -15.56 -20.13
N SER D 98 -2.30 -15.57 -18.90
CA SER D 98 -2.79 -16.46 -17.87
C SER D 98 -4.32 -16.33 -17.76
N ALA D 99 -5.00 -17.46 -17.61
CA ALA D 99 -6.46 -17.49 -17.43
C ALA D 99 -6.94 -16.91 -16.11
N ALA D 100 -6.06 -16.78 -15.12
CA ALA D 100 -6.38 -16.04 -13.87
C ALA D 100 -6.52 -14.50 -14.08
N ASP D 101 -5.89 -13.94 -15.11
CA ASP D 101 -6.00 -12.50 -15.44
C ASP D 101 -7.38 -12.11 -16.00
N ILE D 102 -8.18 -13.09 -16.45
CA ILE D 102 -9.45 -12.82 -17.09
C ILE D 102 -10.57 -13.66 -16.52
N TRP D 103 -11.79 -13.24 -16.79
CA TRP D 103 -12.95 -14.06 -16.50
C TRP D 103 -12.98 -15.19 -17.53
N THR D 104 -13.38 -16.38 -17.07
CA THR D 104 -13.62 -17.52 -17.94
C THR D 104 -14.95 -18.14 -17.56
N PRO D 105 -15.65 -18.75 -18.53
CA PRO D 105 -16.96 -19.29 -18.21
C PRO D 105 -16.85 -20.57 -17.36
N ASP D 106 -17.86 -20.77 -16.53
CA ASP D 106 -17.89 -21.85 -15.53
C ASP D 106 -18.50 -23.14 -16.10
N ILE D 107 -17.97 -23.61 -17.23
CA ILE D 107 -18.54 -24.76 -17.94
C ILE D 107 -18.24 -26.03 -17.14
N THR D 108 -19.28 -26.81 -16.86
CA THR D 108 -19.25 -27.91 -15.90
C THR D 108 -19.91 -29.13 -16.53
N ALA D 109 -19.33 -30.31 -16.32
CA ALA D 109 -19.98 -31.57 -16.68
C ALA D 109 -21.02 -31.89 -15.63
N TYR D 110 -22.22 -32.24 -16.06
CA TYR D 110 -23.37 -32.43 -15.14
C TYR D 110 -23.45 -33.82 -14.52
N SER D 111 -22.68 -34.80 -14.97
CA SER D 111 -22.76 -36.13 -14.41
C SER D 111 -21.36 -36.68 -14.09
N SER D 112 -20.45 -35.78 -13.70
CA SER D 112 -19.14 -36.22 -13.26
C SER D 112 -19.20 -36.89 -11.89
N THR D 113 -18.24 -37.78 -11.64
CA THR D 113 -18.12 -38.47 -10.36
C THR D 113 -16.83 -38.14 -9.61
N ARG D 114 -15.94 -37.35 -10.20
CA ARG D 114 -14.70 -36.91 -9.57
C ARG D 114 -14.43 -35.51 -10.05
N PRO D 115 -13.64 -34.72 -9.29
CA PRO D 115 -13.17 -33.46 -9.88
C PRO D 115 -12.39 -33.69 -11.19
N VAL D 116 -12.60 -32.81 -12.15
CA VAL D 116 -11.89 -32.86 -13.41
C VAL D 116 -10.40 -32.60 -13.16
N GLN D 117 -9.56 -33.35 -13.86
CA GLN D 117 -8.12 -33.15 -13.79
C GLN D 117 -7.67 -32.34 -15.00
N VAL D 118 -6.86 -31.33 -14.74
CA VAL D 118 -6.41 -30.40 -15.75
C VAL D 118 -5.09 -30.89 -16.31
N LEU D 119 -5.00 -31.04 -17.63
CA LEU D 119 -3.83 -31.57 -18.28
C LEU D 119 -3.08 -30.58 -19.13
N SER D 120 -3.53 -29.34 -19.20
CA SER D 120 -2.84 -28.32 -20.01
C SER D 120 -2.68 -27.03 -19.19
N PRO D 121 -1.74 -26.16 -19.58
CA PRO D 121 -1.55 -24.88 -18.88
C PRO D 121 -2.78 -23.97 -18.99
N GLN D 122 -3.00 -23.17 -17.96
CA GLN D 122 -4.18 -22.32 -17.85
C GLN D 122 -3.84 -20.99 -18.51
N ILE D 123 -3.80 -21.01 -19.85
CA ILE D 123 -3.40 -19.87 -20.64
C ILE D 123 -4.39 -19.74 -21.77
N ALA D 124 -4.88 -18.52 -21.99
CA ALA D 124 -5.83 -18.21 -23.06
C ALA D 124 -5.23 -17.23 -24.06
N VAL D 125 -5.90 -17.07 -25.19
CA VAL D 125 -5.48 -16.14 -26.24
C VAL D 125 -6.56 -15.13 -26.48
N VAL D 126 -6.20 -13.85 -26.34
CA VAL D 126 -7.10 -12.71 -26.54
C VAL D 126 -6.75 -12.04 -27.86
N THR D 127 -7.76 -11.74 -28.67
CA THR D 127 -7.62 -11.10 -29.97
C THR D 127 -8.21 -9.69 -29.93
N HIS D 128 -7.68 -8.80 -30.80
CA HIS D 128 -7.97 -7.35 -30.78
C HIS D 128 -9.45 -6.96 -30.88
N ASP D 129 -10.26 -7.78 -31.54
CA ASP D 129 -11.72 -7.62 -31.55
C ASP D 129 -12.43 -7.95 -30.23
N GLY D 130 -11.69 -8.38 -29.20
CA GLY D 130 -12.26 -8.71 -27.90
C GLY D 130 -12.61 -10.18 -27.73
N SER D 131 -12.27 -11.02 -28.72
CA SER D 131 -12.58 -12.43 -28.60
C SER D 131 -11.47 -13.17 -27.84
N VAL D 132 -11.90 -14.18 -27.10
CA VAL D 132 -11.02 -14.96 -26.26
C VAL D 132 -11.16 -16.42 -26.68
N MET D 133 -10.04 -17.12 -26.79
CA MET D 133 -10.06 -18.56 -26.98
C MET D 133 -9.32 -19.26 -25.85
N PHE D 134 -9.92 -20.31 -25.30
CA PHE D 134 -9.33 -21.05 -24.18
C PHE D 134 -9.60 -22.54 -24.42
N ILE D 135 -8.55 -23.35 -24.42
CA ILE D 135 -8.66 -24.76 -24.83
C ILE D 135 -8.06 -25.70 -23.78
N PRO D 136 -8.75 -25.85 -22.65
CA PRO D 136 -8.26 -26.76 -21.61
C PRO D 136 -8.38 -28.25 -21.96
N ALA D 137 -7.32 -28.99 -21.72
CA ALA D 137 -7.31 -30.44 -21.81
C ALA D 137 -7.67 -31.00 -20.45
N GLN D 138 -8.50 -32.03 -20.44
CA GLN D 138 -9.10 -32.52 -19.22
C GLN D 138 -9.20 -34.03 -19.22
N ARG D 139 -9.19 -34.60 -18.02
CA ARG D 139 -9.62 -35.97 -17.83
C ARG D 139 -10.83 -35.97 -16.92
N LEU D 140 -11.90 -36.62 -17.40
CA LEU D 140 -13.21 -36.63 -16.75
C LEU D 140 -13.65 -38.06 -16.46
N SER D 141 -14.06 -38.33 -15.22
CA SER D 141 -14.82 -39.54 -14.87
C SER D 141 -16.27 -39.18 -14.79
N PHE D 142 -17.12 -39.92 -15.51
CA PHE D 142 -18.55 -39.64 -15.48
C PHE D 142 -19.40 -40.93 -15.51
N MET D 143 -20.67 -40.77 -15.22
CA MET D 143 -21.63 -41.87 -15.07
C MET D 143 -21.97 -42.49 -16.42
N CYS D 144 -21.71 -43.78 -16.54
CA CYS D 144 -21.90 -44.48 -17.79
C CYS D 144 -21.85 -45.99 -17.55
N ASP D 145 -22.88 -46.70 -18.01
CA ASP D 145 -22.94 -48.16 -17.94
C ASP D 145 -22.25 -48.77 -19.17
N PRO D 146 -21.09 -49.42 -19.00
CA PRO D 146 -20.38 -49.98 -20.14
C PRO D 146 -20.75 -51.44 -20.51
N THR D 147 -21.78 -52.01 -19.87
CA THR D 147 -22.27 -53.34 -20.23
C THR D 147 -22.62 -53.43 -21.73
N GLY D 148 -22.01 -54.39 -22.41
CA GLY D 148 -22.17 -54.56 -23.87
C GLY D 148 -21.04 -53.94 -24.69
N VAL D 149 -20.04 -53.39 -24.03
CA VAL D 149 -18.95 -52.71 -24.72
C VAL D 149 -18.14 -53.68 -25.58
N ASP D 150 -18.09 -54.93 -25.14
CA ASP D 150 -17.39 -56.00 -25.86
C ASP D 150 -18.20 -56.64 -27.02
N SER D 151 -19.31 -56.04 -27.41
CA SER D 151 -20.12 -56.57 -28.50
C SER D 151 -19.90 -55.77 -29.76
N GLU D 152 -20.55 -56.18 -30.85
CA GLU D 152 -20.42 -55.52 -32.15
C GLU D 152 -21.18 -54.17 -32.16
N GLU D 153 -22.28 -54.07 -31.42
CA GLU D 153 -23.09 -52.86 -31.38
C GLU D 153 -22.54 -51.77 -30.47
N GLY D 154 -21.80 -52.17 -29.44
CA GLY D 154 -21.19 -51.25 -28.49
C GLY D 154 -22.15 -50.66 -27.47
N VAL D 155 -21.72 -49.59 -26.83
CA VAL D 155 -22.54 -48.86 -25.87
C VAL D 155 -22.53 -47.40 -26.22
N THR D 156 -23.56 -46.71 -25.74
CA THR D 156 -23.68 -45.29 -25.92
C THR D 156 -23.62 -44.67 -24.54
N CYS D 157 -22.87 -43.58 -24.42
N CYS D 157 -22.88 -43.59 -24.42
CA CYS D 157 -22.87 -42.79 -23.21
CA CYS D 157 -22.87 -42.80 -23.20
C CYS D 157 -22.92 -41.31 -23.51
C CYS D 157 -22.92 -41.31 -23.51
N ALA D 158 -23.37 -40.54 -22.54
CA ALA D 158 -23.71 -39.13 -22.74
C ALA D 158 -23.40 -38.30 -21.52
N VAL D 159 -22.92 -37.08 -21.74
CA VAL D 159 -22.68 -36.16 -20.65
C VAL D 159 -22.95 -34.74 -21.10
N LYS D 160 -23.69 -34.00 -20.27
CA LYS D 160 -24.05 -32.62 -20.57
C LYS D 160 -23.03 -31.63 -19.99
N PHE D 161 -22.63 -30.67 -20.81
CA PHE D 161 -21.73 -29.61 -20.38
C PHE D 161 -22.48 -28.28 -20.44
N GLY D 162 -22.45 -27.53 -19.35
CA GLY D 162 -23.10 -26.22 -19.30
C GLY D 162 -22.63 -25.39 -18.13
N SER D 163 -23.06 -24.14 -18.10
CA SER D 163 -22.86 -23.30 -16.94
C SER D 163 -23.60 -23.91 -15.77
N TRP D 164 -22.97 -23.91 -14.62
CA TRP D 164 -23.59 -24.35 -13.40
C TRP D 164 -24.52 -23.28 -12.82
N VAL D 165 -24.16 -22.02 -12.94
CA VAL D 165 -24.87 -20.94 -12.25
C VAL D 165 -25.58 -19.91 -13.11
N TYR D 166 -25.27 -19.83 -14.39
CA TYR D 166 -25.94 -18.89 -15.29
C TYR D 166 -26.97 -19.58 -16.15
N SER D 167 -28.18 -19.01 -16.18
CA SER D 167 -29.23 -19.50 -17.06
C SER D 167 -29.02 -19.01 -18.47
N GLY D 168 -29.88 -19.45 -19.37
CA GLY D 168 -29.92 -19.02 -20.77
C GLY D 168 -30.07 -17.53 -21.02
N PHE D 169 -30.61 -16.80 -20.05
CA PHE D 169 -30.68 -15.32 -20.13
C PHE D 169 -29.35 -14.61 -19.93
N GLU D 170 -28.34 -15.26 -19.35
CA GLU D 170 -27.00 -14.67 -19.25
C GLU D 170 -25.95 -15.35 -20.12
N ILE D 171 -25.96 -16.68 -20.18
CA ILE D 171 -25.03 -17.42 -21.03
C ILE D 171 -25.80 -18.32 -21.95
N ASP D 172 -25.60 -18.14 -23.25
CA ASP D 172 -26.06 -19.06 -24.26
C ASP D 172 -24.86 -19.86 -24.81
N LEU D 173 -25.13 -21.07 -25.28
CA LEU D 173 -24.08 -21.90 -25.86
C LEU D 173 -24.41 -22.21 -27.30
N LYS D 174 -23.39 -22.42 -28.11
CA LYS D 174 -23.55 -22.95 -29.44
C LYS D 174 -22.35 -23.80 -29.82
N THR D 175 -22.52 -24.60 -30.87
CA THR D 175 -21.43 -25.33 -31.50
C THR D 175 -21.25 -24.83 -32.92
N ASP D 176 -20.04 -24.96 -33.47
CA ASP D 176 -19.77 -24.71 -34.90
C ASP D 176 -20.17 -25.88 -35.78
N THR D 177 -20.03 -27.09 -35.24
CA THR D 177 -20.41 -28.33 -35.91
C THR D 177 -21.01 -29.25 -34.86
N ASP D 178 -21.87 -30.17 -35.27
CA ASP D 178 -22.35 -31.24 -34.39
C ASP D 178 -21.45 -32.50 -34.33
N GLN D 179 -20.40 -32.56 -35.14
CA GLN D 179 -19.44 -33.65 -35.13
C GLN D 179 -18.27 -33.33 -34.19
N VAL D 180 -18.08 -34.20 -33.21
CA VAL D 180 -16.91 -34.17 -32.36
C VAL D 180 -15.67 -34.46 -33.23
N ASP D 181 -14.60 -33.73 -32.99
CA ASP D 181 -13.36 -33.94 -33.72
C ASP D 181 -12.66 -35.22 -33.22
N LEU D 182 -12.48 -36.17 -34.13
CA LEU D 182 -11.83 -37.45 -33.84
C LEU D 182 -10.48 -37.63 -34.51
N SER D 183 -9.93 -36.58 -35.09
CA SER D 183 -8.66 -36.70 -35.83
C SER D 183 -7.42 -36.84 -34.95
N SER D 184 -7.53 -36.54 -33.65
CA SER D 184 -6.46 -36.85 -32.68
C SER D 184 -6.79 -38.06 -31.82
N TYR D 185 -7.79 -38.86 -32.16
CA TYR D 185 -8.16 -40.00 -31.33
C TYR D 185 -7.02 -41.02 -31.36
N TYR D 186 -6.59 -41.45 -30.18
CA TYR D 186 -5.51 -42.43 -30.06
C TYR D 186 -5.83 -43.74 -30.79
N ALA D 187 -5.05 -44.03 -31.83
CA ALA D 187 -5.26 -45.19 -32.71
C ALA D 187 -5.09 -46.56 -32.04
N SER D 188 -4.36 -46.65 -30.94
CA SER D 188 -4.22 -47.93 -30.20
C SER D 188 -4.96 -47.94 -28.88
N SER D 189 -5.99 -47.12 -28.74
CA SER D 189 -6.88 -47.19 -27.58
C SER D 189 -7.49 -48.58 -27.47
N LYS D 190 -7.81 -48.99 -26.26
CA LYS D 190 -8.67 -50.15 -26.04
C LYS D 190 -10.03 -50.03 -26.71
N TYR D 191 -10.56 -48.82 -26.91
CA TYR D 191 -11.90 -48.63 -27.45
C TYR D 191 -11.85 -47.88 -28.75
N GLU D 192 -12.68 -48.28 -29.71
CA GLU D 192 -12.86 -47.51 -30.93
C GLU D 192 -14.19 -46.76 -30.89
N ILE D 193 -14.21 -45.59 -31.54
CA ILE D 193 -15.36 -44.72 -31.54
C ILE D 193 -16.19 -45.03 -32.77
N LEU D 194 -17.47 -45.29 -32.59
CA LEU D 194 -18.39 -45.50 -33.70
C LEU D 194 -19.03 -44.19 -34.13
N SER D 195 -19.41 -43.36 -33.17
CA SER D 195 -19.84 -42.00 -33.46
C SER D 195 -19.70 -41.10 -32.23
N ALA D 196 -19.65 -39.81 -32.48
CA ALA D 196 -19.50 -38.82 -31.42
C ALA D 196 -20.08 -37.51 -31.87
N THR D 197 -21.13 -37.08 -31.18
CA THR D 197 -21.82 -35.84 -31.48
C THR D 197 -21.86 -34.87 -30.30
N GLN D 198 -22.02 -33.59 -30.62
CA GLN D 198 -22.09 -32.51 -29.65
C GLN D 198 -23.24 -31.62 -30.06
N THR D 199 -24.26 -31.52 -29.20
CA THR D 199 -25.53 -30.94 -29.58
C THR D 199 -26.09 -30.04 -28.49
N ARG D 200 -26.45 -28.82 -28.88
CA ARG D 200 -27.11 -27.87 -28.00
C ARG D 200 -28.48 -28.38 -27.53
N GLN D 201 -28.78 -28.20 -26.24
CA GLN D 201 -30.10 -28.51 -25.65
C GLN D 201 -30.51 -27.46 -24.60
N VAL D 202 -31.81 -27.39 -24.37
CA VAL D 202 -32.41 -26.54 -23.35
C VAL D 202 -33.00 -27.41 -22.25
N GLN D 203 -32.73 -27.10 -20.98
CA GLN D 203 -33.20 -27.90 -19.83
C GLN D 203 -33.93 -26.99 -18.81
N HIS D 204 -34.90 -27.54 -18.08
CA HIS D 204 -35.47 -26.89 -16.90
C HIS D 204 -35.14 -27.68 -15.66
N TYR D 205 -34.76 -26.97 -14.60
CA TYR D 205 -34.42 -27.66 -13.34
C TYR D 205 -35.38 -27.18 -12.24
N SER D 206 -35.69 -28.10 -11.32
CA SER D 206 -36.69 -27.87 -10.24
C SER D 206 -36.39 -26.66 -9.34
N CYS D 207 -35.13 -26.47 -8.99
CA CYS D 207 -34.64 -25.36 -8.17
C CYS D 207 -34.94 -23.95 -8.68
N CYS D 208 -35.12 -23.78 -9.99
CA CYS D 208 -34.73 -22.56 -10.70
C CYS D 208 -35.74 -22.26 -11.87
N PRO D 209 -36.28 -21.02 -11.97
CA PRO D 209 -37.34 -20.71 -12.96
C PRO D 209 -36.96 -20.50 -14.44
N GLU D 210 -35.65 -20.36 -14.75
CA GLU D 210 -35.18 -20.03 -16.09
C GLU D 210 -34.70 -21.31 -16.82
N PRO D 211 -34.77 -21.33 -18.16
CA PRO D 211 -34.06 -22.36 -18.95
C PRO D 211 -32.52 -22.31 -18.84
N TYR D 212 -31.89 -23.46 -18.68
CA TYR D 212 -30.42 -23.59 -18.73
C TYR D 212 -30.03 -24.24 -20.05
N ILE D 213 -28.90 -23.82 -20.61
CA ILE D 213 -28.43 -24.37 -21.87
C ILE D 213 -27.25 -25.31 -21.59
N ASP D 214 -27.19 -26.42 -22.32
CA ASP D 214 -26.01 -27.29 -22.29
C ASP D 214 -25.67 -27.82 -23.67
N VAL D 215 -24.49 -28.39 -23.79
CA VAL D 215 -24.09 -29.14 -24.96
C VAL D 215 -23.96 -30.58 -24.52
N ASN D 216 -24.71 -31.45 -25.17
CA ASN D 216 -24.76 -32.88 -24.86
C ASN D 216 -23.75 -33.62 -25.75
N LEU D 217 -22.75 -34.23 -25.11
CA LEU D 217 -21.70 -34.98 -25.78
C LEU D 217 -22.14 -36.44 -25.76
N VAL D 218 -22.45 -37.01 -26.93
CA VAL D 218 -22.94 -38.39 -27.03
C VAL D 218 -21.90 -39.22 -27.76
N VAL D 219 -21.36 -40.25 -27.11
CA VAL D 219 -20.28 -41.05 -27.68
C VAL D 219 -20.69 -42.52 -27.69
N LYS D 220 -20.57 -43.13 -28.85
CA LYS D 220 -20.87 -44.52 -29.03
C LYS D 220 -19.57 -45.26 -29.34
N PHE D 221 -19.26 -46.30 -28.55
CA PHE D 221 -17.97 -46.95 -28.65
C PHE D 221 -18.03 -48.44 -28.34
N ARG D 222 -16.97 -49.15 -28.72
CA ARG D 222 -16.83 -50.56 -28.38
C ARG D 222 -15.38 -50.96 -28.24
N GLU D 223 -15.14 -52.16 -27.71
CA GLU D 223 -13.76 -52.68 -27.62
C GLU D 223 -13.16 -52.86 -29.00
N ARG D 224 -11.89 -52.49 -29.15
CA ARG D 224 -11.21 -52.55 -30.45
C ARG D 224 -11.12 -53.99 -30.95
N ARG D 225 -11.44 -54.19 -32.23
CA ARG D 225 -11.41 -55.50 -32.88
C ARG D 225 -10.83 -55.40 -34.31
N GLN E 20 -22.41 -4.02 -17.25
CA GLN E 20 -21.11 -4.18 -16.55
C GLN E 20 -20.92 -3.09 -15.50
N ALA E 21 -21.05 -1.82 -15.91
CA ALA E 21 -20.74 -0.66 -15.05
C ALA E 21 -21.55 -0.66 -13.75
N ASN E 22 -22.86 -0.85 -13.89
CA ASN E 22 -23.74 -0.91 -12.73
C ASN E 22 -23.41 -2.06 -11.78
N LEU E 23 -23.10 -3.23 -12.34
CA LEU E 23 -22.76 -4.38 -11.52
C LEU E 23 -21.42 -4.23 -10.80
N MET E 24 -20.39 -3.73 -11.49
CA MET E 24 -19.07 -3.45 -10.87
C MET E 24 -19.22 -2.51 -9.68
N ARG E 25 -20.07 -1.51 -9.86
CA ARG E 25 -20.38 -0.53 -8.84
C ARG E 25 -21.09 -1.15 -7.64
N LEU E 26 -22.12 -1.96 -7.90
CA LEU E 26 -22.81 -2.73 -6.85
C LEU E 26 -21.88 -3.64 -6.06
N LYS E 27 -21.03 -4.38 -6.74
CA LYS E 27 -20.12 -5.30 -6.05
C LYS E 27 -19.11 -4.54 -5.20
N SER E 28 -18.58 -3.47 -5.76
CA SER E 28 -17.71 -2.56 -5.02
C SER E 28 -18.38 -2.02 -3.74
N ASP E 29 -19.63 -1.58 -3.83
CA ASP E 29 -20.35 -1.07 -2.66
C ASP E 29 -20.64 -2.13 -1.59
N LEU E 30 -20.92 -3.37 -1.99
CA LEU E 30 -21.20 -4.43 -1.02
C LEU E 30 -19.93 -5.03 -0.39
N PHE E 31 -18.83 -5.16 -1.15
CA PHE E 31 -17.65 -5.92 -0.68
C PHE E 31 -16.40 -5.10 -0.33
N ASN E 32 -16.15 -3.98 -1.01
CA ASN E 32 -14.95 -3.16 -0.74
C ASN E 32 -15.15 -2.11 0.36
N ARG E 33 -16.39 -1.69 0.62
CA ARG E 33 -16.64 -0.58 1.56
C ARG E 33 -16.76 -0.97 3.04
N SER E 34 -16.81 -2.26 3.35
CA SER E 34 -17.02 -2.72 4.74
C SER E 34 -16.07 -3.90 5.06
N PRO E 35 -15.98 -4.30 6.36
CA PRO E 35 -15.36 -5.62 6.64
C PRO E 35 -16.36 -6.73 6.29
N MET E 36 -15.85 -7.95 6.09
CA MET E 36 -16.73 -9.08 5.76
C MET E 36 -17.66 -9.40 6.95
N TYR E 37 -18.85 -9.91 6.63
CA TYR E 37 -19.78 -10.45 7.63
C TYR E 37 -19.01 -11.48 8.48
N PRO E 38 -18.98 -11.30 9.82
CA PRO E 38 -18.22 -12.18 10.70
C PRO E 38 -18.97 -13.46 11.09
N GLY E 39 -20.14 -13.71 10.47
CA GLY E 39 -20.98 -14.85 10.78
C GLY E 39 -22.06 -14.50 11.79
N PRO E 40 -22.97 -15.45 12.03
CA PRO E 40 -24.09 -15.25 12.93
C PRO E 40 -23.70 -15.26 14.40
N THR E 41 -24.54 -14.64 15.22
CA THR E 41 -24.32 -14.51 16.66
C THR E 41 -25.60 -14.91 17.39
N LYS E 42 -25.56 -15.00 18.72
CA LYS E 42 -26.77 -15.25 19.52
C LYS E 42 -27.80 -14.14 19.37
N ASP E 43 -27.34 -12.89 19.23
CA ASP E 43 -28.21 -11.73 18.98
C ASP E 43 -28.77 -11.63 17.57
N ASP E 44 -28.00 -12.08 16.56
CA ASP E 44 -28.42 -12.08 15.15
C ASP E 44 -28.27 -13.48 14.56
N PRO E 45 -29.12 -14.43 15.01
CA PRO E 45 -29.00 -15.80 14.51
C PRO E 45 -29.46 -15.91 13.06
N LEU E 46 -29.19 -17.06 12.46
CA LEU E 46 -29.39 -17.27 11.04
C LEU E 46 -30.03 -18.63 10.81
N THR E 47 -30.99 -18.68 9.90
CA THR E 47 -31.62 -19.92 9.49
C THR E 47 -31.16 -20.26 8.09
N VAL E 48 -30.60 -21.46 7.93
CA VAL E 48 -30.17 -21.96 6.65
C VAL E 48 -31.15 -23.03 6.19
N THR E 49 -31.67 -22.90 4.99
CA THR E 49 -32.53 -23.92 4.42
C THR E 49 -31.67 -24.89 3.59
N LEU E 50 -31.83 -26.20 3.82
CA LEU E 50 -31.11 -27.24 3.07
C LEU E 50 -32.05 -28.14 2.29
N GLY E 51 -31.59 -28.59 1.14
CA GLY E 51 -32.32 -29.59 0.37
C GLY E 51 -31.34 -30.38 -0.50
N PHE E 52 -31.59 -31.70 -0.61
CA PHE E 52 -30.69 -32.56 -1.35
C PHE E 52 -31.32 -33.05 -2.67
N THR E 53 -30.48 -33.16 -3.67
CA THR E 53 -30.81 -33.75 -4.94
C THR E 53 -29.78 -34.87 -5.17
N LEU E 54 -30.23 -36.11 -5.08
CA LEU E 54 -29.36 -37.26 -5.12
C LEU E 54 -29.16 -37.72 -6.57
N GLN E 55 -27.92 -37.79 -7.02
CA GLN E 55 -27.61 -38.16 -8.40
C GLN E 55 -27.16 -39.59 -8.60
N ASP E 56 -26.36 -40.14 -7.68
CA ASP E 56 -25.84 -41.49 -7.85
C ASP E 56 -25.28 -42.04 -6.58
N ILE E 57 -25.53 -43.30 -6.30
CA ILE E 57 -24.76 -44.07 -5.35
C ILE E 57 -23.70 -44.73 -6.21
N VAL E 58 -22.46 -44.28 -6.08
CA VAL E 58 -21.41 -44.67 -6.99
C VAL E 58 -20.79 -46.00 -6.58
N LYS E 59 -20.43 -46.13 -5.32
CA LYS E 59 -19.99 -47.43 -4.82
C LYS E 59 -20.26 -47.71 -3.36
N VAL E 60 -20.35 -48.99 -3.04
CA VAL E 60 -20.35 -49.48 -1.68
C VAL E 60 -19.07 -50.33 -1.48
N ASP E 61 -18.47 -50.22 -0.30
CA ASP E 61 -17.37 -51.06 0.08
C ASP E 61 -17.80 -51.84 1.31
N SER E 62 -18.11 -53.11 1.11
CA SER E 62 -18.57 -53.98 2.20
C SER E 62 -17.43 -54.43 3.11
N SER E 63 -16.19 -54.28 2.68
CA SER E 63 -15.07 -54.63 3.57
C SER E 63 -14.72 -53.50 4.59
N THR E 64 -15.08 -52.25 4.29
CA THR E 64 -14.87 -51.12 5.21
C THR E 64 -16.13 -50.40 5.71
N ASN E 65 -17.31 -50.82 5.23
CA ASN E 65 -18.58 -50.15 5.52
C ASN E 65 -18.53 -48.64 5.22
N GLU E 66 -18.21 -48.34 3.96
CA GLU E 66 -18.21 -47.00 3.41
C GLU E 66 -19.08 -47.00 2.16
N VAL E 67 -19.90 -45.97 1.99
CA VAL E 67 -20.69 -45.76 0.78
C VAL E 67 -20.38 -44.37 0.21
N ASP E 68 -20.34 -44.27 -1.12
CA ASP E 68 -20.03 -43.03 -1.84
C ASP E 68 -21.27 -42.50 -2.59
N LEU E 69 -21.68 -41.27 -2.28
CA LEU E 69 -22.77 -40.59 -2.98
C LEU E 69 -22.30 -39.40 -3.77
N VAL E 70 -23.01 -39.13 -4.84
CA VAL E 70 -22.87 -37.91 -5.60
C VAL E 70 -24.23 -37.23 -5.53
N TYR E 71 -24.22 -35.98 -5.08
CA TYR E 71 -25.44 -35.20 -4.92
C TYR E 71 -25.12 -33.72 -5.05
N TYR E 72 -26.17 -32.92 -5.16
CA TYR E 72 -26.00 -31.52 -4.90
C TYR E 72 -26.94 -31.01 -3.81
N GLU E 73 -26.42 -30.06 -3.07
CA GLU E 73 -26.98 -29.63 -1.81
C GLU E 73 -27.36 -28.17 -1.98
N GLN E 74 -28.65 -27.87 -2.00
CA GLN E 74 -29.11 -26.50 -2.09
C GLN E 74 -29.07 -25.84 -0.71
N GLN E 75 -28.36 -24.72 -0.60
CA GLN E 75 -28.21 -23.96 0.64
C GLN E 75 -28.75 -22.55 0.44
N ARG E 76 -29.55 -22.07 1.39
CA ARG E 76 -30.18 -20.76 1.24
C ARG E 76 -30.23 -20.05 2.60
N TRP E 77 -29.78 -18.80 2.63
CA TRP E 77 -29.84 -17.95 3.82
C TRP E 77 -30.02 -16.49 3.40
N LYS E 78 -30.17 -15.60 4.38
CA LYS E 78 -30.52 -14.20 4.13
C LYS E 78 -29.81 -13.28 5.09
N LEU E 79 -29.17 -12.23 4.58
CA LEU E 79 -28.44 -11.25 5.40
C LEU E 79 -28.87 -9.84 5.06
N ASN E 80 -29.04 -9.00 6.09
CA ASN E 80 -29.29 -7.58 5.89
C ASN E 80 -28.16 -6.84 5.16
N SER E 81 -26.91 -7.20 5.46
CA SER E 81 -25.76 -6.54 4.85
C SER E 81 -25.57 -6.75 3.33
N LEU E 82 -26.36 -7.63 2.73
CA LEU E 82 -26.35 -7.85 1.29
C LEU E 82 -27.57 -7.28 0.58
N MET E 83 -28.37 -6.47 1.26
CA MET E 83 -29.51 -5.80 0.62
C MET E 83 -29.08 -4.63 -0.25
N TRP E 84 -29.81 -4.38 -1.33
CA TRP E 84 -29.67 -3.14 -2.08
C TRP E 84 -30.98 -2.79 -2.76
N ASP E 85 -31.12 -1.53 -3.14
CA ASP E 85 -32.28 -1.03 -3.89
C ASP E 85 -31.96 -1.17 -5.38
N PRO E 86 -32.73 -1.97 -6.13
CA PRO E 86 -32.42 -2.12 -7.56
C PRO E 86 -32.35 -0.81 -8.39
N ASN E 87 -33.16 0.18 -8.02
CA ASN E 87 -33.22 1.45 -8.78
C ASN E 87 -31.93 2.26 -8.73
N GLU E 88 -31.17 2.15 -7.64
CA GLU E 88 -29.85 2.77 -7.53
C GLU E 88 -28.72 2.06 -8.33
N TYR E 89 -29.04 0.93 -8.98
CA TYR E 89 -28.05 0.11 -9.66
C TYR E 89 -28.59 -0.50 -10.95
N GLY E 90 -29.25 0.32 -11.76
CA GLY E 90 -29.69 -0.09 -13.10
C GLY E 90 -30.66 -1.25 -13.16
N ASN E 91 -31.52 -1.39 -12.14
CA ASN E 91 -32.51 -2.48 -12.03
C ASN E 91 -31.94 -3.89 -11.92
N ILE E 92 -30.71 -4.02 -11.43
CA ILE E 92 -30.13 -5.33 -11.12
C ILE E 92 -30.83 -5.91 -9.91
N THR E 93 -31.48 -7.06 -10.08
CA THR E 93 -32.18 -7.78 -9.00
C THR E 93 -31.35 -8.90 -8.36
N ASP E 94 -30.35 -9.40 -9.09
CA ASP E 94 -29.45 -10.43 -8.55
C ASP E 94 -28.12 -10.49 -9.29
N PHE E 95 -27.14 -11.13 -8.66
CA PHE E 95 -25.88 -11.37 -9.33
C PHE E 95 -25.15 -12.61 -8.82
N ARG E 96 -24.29 -13.12 -9.69
CA ARG E 96 -23.39 -14.23 -9.42
C ARG E 96 -22.09 -13.70 -8.89
N THR E 97 -21.55 -14.37 -7.88
CA THR E 97 -20.28 -14.00 -7.31
C THR E 97 -19.56 -15.23 -6.75
N SER E 98 -18.25 -15.19 -6.81
CA SER E 98 -17.43 -16.20 -6.19
C SER E 98 -17.81 -16.38 -4.71
N ALA E 99 -17.86 -17.62 -4.26
CA ALA E 99 -18.18 -17.95 -2.87
C ALA E 99 -17.11 -17.52 -1.87
N ALA E 100 -15.88 -17.28 -2.33
CA ALA E 100 -14.84 -16.66 -1.47
C ALA E 100 -15.12 -15.18 -1.10
N ASP E 101 -15.89 -14.46 -1.93
CA ASP E 101 -16.28 -13.06 -1.65
C ASP E 101 -17.28 -12.92 -0.49
N ILE E 102 -17.93 -14.01 -0.09
CA ILE E 102 -18.99 -13.96 0.92
C ILE E 102 -18.78 -15.03 1.98
N TRP E 103 -19.47 -14.85 3.10
CA TRP E 103 -19.54 -15.88 4.10
C TRP E 103 -20.48 -16.96 3.58
N THR E 104 -20.12 -18.22 3.87
CA THR E 104 -21.01 -19.35 3.59
C THR E 104 -21.05 -20.24 4.82
N PRO E 105 -22.17 -20.94 5.04
CA PRO E 105 -22.26 -21.73 6.27
C PRO E 105 -21.39 -22.98 6.20
N ASP E 106 -20.91 -23.40 7.35
CA ASP E 106 -19.93 -24.51 7.49
C ASP E 106 -20.64 -25.88 7.60
N ILE E 107 -21.52 -26.19 6.66
CA ILE E 107 -22.34 -27.41 6.74
C ILE E 107 -21.45 -28.62 6.47
N THR E 108 -21.52 -29.59 7.37
CA THR E 108 -20.57 -30.71 7.44
C THR E 108 -21.35 -32.00 7.62
N ALA E 109 -20.95 -33.05 6.91
CA ALA E 109 -21.48 -34.40 7.14
C ALA E 109 -20.81 -34.94 8.38
N TYR E 110 -21.60 -35.51 9.29
CA TYR E 110 -21.11 -35.96 10.59
C TYR E 110 -20.47 -37.34 10.64
N SER E 111 -20.61 -38.13 9.59
CA SER E 111 -20.06 -39.47 9.58
C SER E 111 -19.28 -39.72 8.28
N SER E 112 -18.64 -38.68 7.76
CA SER E 112 -17.77 -38.84 6.61
C SER E 112 -16.47 -39.54 6.99
N THR E 113 -15.88 -40.24 6.00
CA THR E 113 -14.62 -40.92 6.16
C THR E 113 -13.52 -40.37 5.27
N ARG E 114 -13.83 -39.41 4.41
CA ARG E 114 -12.84 -38.77 3.53
C ARG E 114 -13.24 -37.31 3.40
N PRO E 115 -12.30 -36.44 3.02
CA PRO E 115 -12.75 -35.09 2.64
C PRO E 115 -13.76 -35.13 1.47
N VAL E 116 -14.76 -34.27 1.53
CA VAL E 116 -15.72 -34.09 0.46
C VAL E 116 -14.98 -33.59 -0.80
N GLN E 117 -15.35 -34.12 -1.94
CA GLN E 117 -14.80 -33.68 -3.21
C GLN E 117 -15.83 -32.75 -3.87
N VAL E 118 -15.35 -31.62 -4.35
CA VAL E 118 -16.19 -30.59 -4.92
C VAL E 118 -16.27 -30.80 -6.43
N LEU E 119 -17.47 -30.88 -6.96
CA LEU E 119 -17.68 -31.17 -8.37
C LEU E 119 -18.27 -30.02 -9.15
N SER E 120 -18.54 -28.88 -8.51
CA SER E 120 -19.09 -27.73 -9.21
C SER E 120 -18.31 -26.46 -8.84
N PRO E 121 -18.39 -25.40 -9.68
CA PRO E 121 -17.74 -24.13 -9.36
C PRO E 121 -18.27 -23.48 -8.10
N GLN E 122 -17.40 -22.78 -7.38
CA GLN E 122 -17.72 -22.21 -6.07
C GLN E 122 -18.28 -20.81 -6.34
N ILE E 123 -19.51 -20.77 -6.81
CA ILE E 123 -20.16 -19.53 -7.22
C ILE E 123 -21.56 -19.55 -6.64
N ALA E 124 -21.94 -18.45 -6.00
CA ALA E 124 -23.28 -18.31 -5.41
C ALA E 124 -24.06 -17.17 -6.11
N VAL E 125 -25.35 -17.12 -5.84
CA VAL E 125 -26.21 -16.06 -6.38
C VAL E 125 -26.84 -15.29 -5.25
N VAL E 126 -26.61 -13.97 -5.28
CA VAL E 126 -27.13 -13.04 -4.28
C VAL E 126 -28.27 -12.23 -4.91
N THR E 127 -29.37 -12.12 -4.17
CA THR E 127 -30.56 -11.40 -4.62
C THR E 127 -30.76 -10.13 -3.77
N HIS E 128 -31.43 -9.12 -4.34
CA HIS E 128 -31.54 -7.76 -3.77
C HIS E 128 -32.14 -7.67 -2.36
N ASP E 129 -33.00 -8.62 -2.01
CA ASP E 129 -33.51 -8.75 -0.63
C ASP E 129 -32.48 -9.29 0.39
N GLY E 130 -31.26 -9.60 -0.05
CA GLY E 130 -30.21 -10.09 0.84
C GLY E 130 -30.13 -11.61 0.90
N SER E 131 -30.92 -12.31 0.10
CA SER E 131 -30.89 -13.77 0.14
C SER E 131 -29.80 -14.31 -0.77
N VAL E 132 -29.21 -15.42 -0.34
CA VAL E 132 -28.11 -16.05 -1.05
C VAL E 132 -28.52 -17.47 -1.35
N MET E 133 -28.24 -17.94 -2.57
CA MET E 133 -28.40 -19.34 -2.89
C MET E 133 -27.06 -19.93 -3.35
N PHE E 134 -26.70 -21.09 -2.80
CA PHE E 134 -25.43 -21.74 -3.13
C PHE E 134 -25.69 -23.24 -3.26
N ILE E 135 -25.32 -23.84 -4.39
CA ILE E 135 -25.69 -25.22 -4.70
C ILE E 135 -24.48 -26.05 -5.12
N PRO E 136 -23.62 -26.38 -4.14
CA PRO E 136 -22.44 -27.19 -4.44
C PRO E 136 -22.77 -28.67 -4.74
N ALA E 137 -22.20 -29.20 -5.81
CA ALA E 137 -22.23 -30.61 -6.10
C ALA E 137 -21.02 -31.27 -5.42
N GLN E 138 -21.25 -32.44 -4.85
CA GLN E 138 -20.29 -33.06 -3.97
C GLN E 138 -20.25 -34.58 -4.16
N ARG E 139 -19.11 -35.15 -3.88
CA ARG E 139 -19.01 -36.58 -3.68
C ARG E 139 -18.56 -36.84 -2.25
N LEU E 140 -19.32 -37.66 -1.54
CA LEU E 140 -19.13 -37.95 -0.12
C LEU E 140 -18.96 -39.43 0.13
N SER E 141 -17.93 -39.82 0.86
CA SER E 141 -17.80 -41.16 1.45
C SER E 141 -18.23 -41.09 2.90
N PHE E 142 -19.14 -41.95 3.30
CA PHE E 142 -19.62 -41.98 4.68
C PHE E 142 -19.88 -43.39 5.20
N MET E 143 -20.03 -43.49 6.52
CA MET E 143 -20.20 -44.76 7.23
C MET E 143 -21.55 -45.36 7.00
N CYS E 144 -21.55 -46.58 6.47
CA CYS E 144 -22.78 -47.28 6.13
C CYS E 144 -22.48 -48.74 5.90
N ASP E 145 -23.22 -49.61 6.57
CA ASP E 145 -23.13 -51.07 6.38
C ASP E 145 -24.05 -51.50 5.25
N PRO E 146 -23.47 -51.94 4.10
CA PRO E 146 -24.30 -52.32 2.96
C PRO E 146 -24.70 -53.81 2.92
N THR E 147 -24.44 -54.58 3.98
CA THR E 147 -24.90 -55.96 4.08
C THR E 147 -26.42 -56.07 3.88
N GLY E 148 -26.82 -56.89 2.90
CA GLY E 148 -28.23 -57.04 2.52
C GLY E 148 -28.63 -56.20 1.30
N VAL E 149 -27.68 -55.48 0.71
CA VAL E 149 -27.97 -54.61 -0.40
C VAL E 149 -28.43 -55.39 -1.63
N ASP E 150 -27.96 -56.62 -1.75
CA ASP E 150 -28.34 -57.53 -2.83
C ASP E 150 -29.68 -58.27 -2.61
N SER E 151 -30.47 -57.87 -1.64
CA SER E 151 -31.76 -58.51 -1.37
C SER E 151 -32.89 -57.63 -1.90
N GLU E 152 -34.10 -58.10 -1.79
CA GLU E 152 -35.28 -57.37 -2.26
C GLU E 152 -35.64 -56.19 -1.34
N GLU E 153 -35.36 -56.34 -0.05
CA GLU E 153 -35.67 -55.31 0.94
C GLU E 153 -34.65 -54.16 0.98
N GLY E 154 -33.41 -54.46 0.61
CA GLY E 154 -32.34 -53.46 0.58
C GLY E 154 -31.74 -53.11 1.94
N VAL E 155 -31.03 -52.00 1.98
CA VAL E 155 -30.44 -51.47 3.20
C VAL E 155 -30.82 -50.03 3.35
N THR E 156 -30.76 -49.57 4.58
CA THR E 156 -31.00 -48.19 4.91
C THR E 156 -29.71 -47.62 5.45
N CYS E 157 -29.38 -46.40 5.02
N CYS E 157 -29.39 -46.41 5.03
CA CYS E 157 -28.26 -45.68 5.57
CA CYS E 157 -28.26 -45.68 5.57
C CYS E 157 -28.61 -44.22 5.77
C CYS E 157 -28.62 -44.23 5.78
N ALA E 158 -27.90 -43.60 6.71
CA ALA E 158 -28.22 -42.25 7.17
C ALA E 158 -26.97 -41.43 7.42
N VAL E 159 -27.06 -40.14 7.12
CA VAL E 159 -25.96 -39.24 7.43
C VAL E 159 -26.54 -37.87 7.82
N LYS E 160 -26.02 -37.33 8.92
CA LYS E 160 -26.44 -36.04 9.43
C LYS E 160 -25.60 -34.91 8.87
N PHE E 161 -26.26 -33.85 8.42
CA PHE E 161 -25.58 -32.65 7.95
C PHE E 161 -25.92 -31.49 8.88
N GLY E 162 -24.89 -30.80 9.37
CA GLY E 162 -25.07 -29.65 10.24
C GLY E 162 -23.83 -28.80 10.36
N SER E 163 -23.95 -27.67 11.04
CA SER E 163 -22.80 -26.86 11.37
C SER E 163 -21.90 -27.66 12.29
N TRP E 164 -20.61 -27.57 12.06
CA TRP E 164 -19.63 -28.18 12.96
C TRP E 164 -19.40 -27.34 14.22
N VAL E 165 -19.43 -26.02 14.09
CA VAL E 165 -19.02 -25.13 15.18
C VAL E 165 -20.10 -24.26 15.80
N TYR E 166 -21.22 -24.05 15.11
CA TYR E 166 -22.31 -23.23 15.64
C TYR E 166 -23.43 -24.09 16.17
N SER E 167 -23.87 -23.79 17.38
CA SER E 167 -25.03 -24.44 17.99
C SER E 167 -26.31 -23.87 17.44
N GLY E 168 -27.42 -24.44 17.89
CA GLY E 168 -28.76 -23.97 17.56
C GLY E 168 -29.09 -22.52 17.94
N PHE E 169 -28.35 -21.95 18.89
CA PHE E 169 -28.48 -20.52 19.22
C PHE E 169 -27.90 -19.56 18.17
N GLU E 170 -27.04 -20.03 17.27
CA GLU E 170 -26.55 -19.19 16.16
C GLU E 170 -27.05 -19.61 14.80
N ILE E 171 -27.07 -20.91 14.52
CA ILE E 171 -27.54 -21.43 13.24
C ILE E 171 -28.65 -22.43 13.48
N ASP E 172 -29.80 -22.16 12.88
CA ASP E 172 -30.89 -23.11 12.82
C ASP E 172 -31.00 -23.63 11.36
N LEU E 173 -31.54 -24.82 11.18
CA LEU E 173 -31.74 -25.40 9.86
C LEU E 173 -33.18 -25.71 9.64
N LYS E 174 -33.60 -25.70 8.39
CA LYS E 174 -34.91 -26.23 8.01
C LYS E 174 -34.84 -26.81 6.60
N THR E 175 -35.86 -27.58 6.25
CA THR E 175 -36.09 -28.04 4.89
C THR E 175 -37.40 -27.45 4.39
N ASP E 176 -37.55 -27.32 3.07
CA ASP E 176 -38.85 -26.95 2.45
C ASP E 176 -39.76 -28.16 2.30
N THR E 177 -39.18 -29.33 2.07
CA THR E 177 -39.90 -30.58 1.97
C THR E 177 -39.05 -31.66 2.65
N ASP E 178 -39.69 -32.72 3.12
CA ASP E 178 -38.99 -33.90 3.61
C ASP E 178 -38.62 -34.95 2.54
N GLN E 179 -39.05 -34.76 1.29
CA GLN E 179 -38.70 -35.66 0.19
C GLN E 179 -37.42 -35.15 -0.52
N VAL E 180 -36.43 -36.01 -0.56
CA VAL E 180 -35.25 -35.77 -1.37
C VAL E 180 -35.64 -35.80 -2.83
N ASP E 181 -35.08 -34.90 -3.62
CA ASP E 181 -35.32 -34.89 -5.06
C ASP E 181 -34.58 -36.05 -5.76
N LEU E 182 -35.34 -36.94 -6.37
CA LEU E 182 -34.82 -38.10 -7.07
C LEU E 182 -34.97 -38.07 -8.58
N SER E 183 -35.45 -36.93 -9.12
CA SER E 183 -35.77 -36.86 -10.55
C SER E 183 -34.53 -36.76 -11.46
N SER E 184 -33.35 -36.48 -10.92
CA SER E 184 -32.08 -36.56 -11.66
C SER E 184 -31.27 -37.81 -11.28
N TYR E 185 -31.86 -38.79 -10.61
CA TYR E 185 -31.10 -39.96 -10.22
C TYR E 185 -30.69 -40.75 -11.47
N TYR E 186 -29.43 -41.10 -11.58
CA TYR E 186 -28.90 -41.83 -12.71
C TYR E 186 -29.63 -43.20 -12.89
N ALA E 187 -30.33 -43.32 -14.01
CA ALA E 187 -31.15 -44.48 -14.34
C ALA E 187 -30.38 -45.81 -14.53
N SER E 188 -29.10 -45.77 -14.85
CA SER E 188 -28.29 -46.99 -14.99
C SER E 188 -27.28 -47.16 -13.87
N SER E 189 -27.54 -46.55 -12.71
CA SER E 189 -26.72 -46.80 -11.53
C SER E 189 -26.72 -48.30 -11.18
N LYS E 190 -25.67 -48.76 -10.55
CA LYS E 190 -25.68 -50.06 -9.89
C LYS E 190 -26.75 -50.21 -8.83
N TYR E 191 -27.18 -49.12 -8.20
CA TYR E 191 -28.16 -49.18 -7.10
C TYR E 191 -29.41 -48.42 -7.46
N GLU E 192 -30.57 -48.93 -7.10
CA GLU E 192 -31.82 -48.20 -7.21
C GLU E 192 -32.22 -47.67 -5.82
N ILE E 193 -32.88 -46.51 -5.83
CA ILE E 193 -33.33 -45.88 -4.61
C ILE E 193 -34.77 -46.29 -4.36
N LEU E 194 -35.06 -46.80 -3.17
CA LEU E 194 -36.42 -47.15 -2.80
C LEU E 194 -37.09 -45.95 -2.12
N SER E 195 -36.37 -45.25 -1.25
CA SER E 195 -36.85 -43.98 -0.72
C SER E 195 -35.70 -43.13 -0.19
N ALA E 196 -35.98 -41.84 -0.01
CA ALA E 196 -35.02 -40.89 0.44
C ALA E 196 -35.69 -39.71 1.10
N THR E 197 -35.39 -39.50 2.37
CA THR E 197 -35.95 -38.41 3.15
C THR E 197 -34.87 -37.51 3.75
N GLN E 198 -35.26 -36.27 4.06
CA GLN E 198 -34.39 -35.25 4.64
C GLN E 198 -35.18 -34.57 5.75
N THR E 199 -34.70 -34.69 6.99
CA THR E 199 -35.50 -34.34 8.15
C THR E 199 -34.67 -33.61 9.21
N ARG E 200 -35.18 -32.46 9.65
CA ARG E 200 -34.61 -31.71 10.75
C ARG E 200 -34.60 -32.49 12.05
N GLN E 201 -33.49 -32.44 12.80
CA GLN E 201 -33.35 -33.01 14.15
C GLN E 201 -32.55 -32.11 15.08
N VAL E 202 -32.74 -32.32 16.38
CA VAL E 202 -31.96 -31.66 17.43
C VAL E 202 -31.09 -32.71 18.11
N GLN E 203 -29.79 -32.42 18.30
CA GLN E 203 -28.86 -33.36 18.94
C GLN E 203 -28.11 -32.71 20.11
N HIS E 204 -27.75 -33.53 21.10
CA HIS E 204 -26.81 -33.14 22.16
C HIS E 204 -25.60 -34.04 22.04
N TYR E 205 -24.42 -33.48 22.25
CA TYR E 205 -23.17 -34.23 22.14
C TYR E 205 -22.44 -34.18 23.50
N SER E 206 -21.58 -35.19 23.75
CA SER E 206 -20.75 -35.27 24.96
C SER E 206 -19.87 -34.04 25.23
N CYS E 207 -19.25 -33.48 24.18
CA CYS E 207 -18.37 -32.32 24.32
C CYS E 207 -19.01 -31.05 24.89
N CYS E 208 -20.34 -30.91 24.73
CA CYS E 208 -20.97 -29.60 24.59
C CYS E 208 -22.38 -29.57 25.22
N PRO E 209 -22.71 -28.60 26.10
CA PRO E 209 -24.07 -28.54 26.73
C PRO E 209 -25.27 -28.02 25.89
N GLU E 210 -25.02 -27.43 24.74
CA GLU E 210 -26.04 -26.71 23.95
C GLU E 210 -26.56 -27.58 22.77
N PRO E 211 -27.83 -27.41 22.38
CA PRO E 211 -28.34 -28.20 21.23
C PRO E 211 -27.73 -27.82 19.86
N TYR E 212 -27.36 -28.84 19.07
CA TYR E 212 -26.93 -28.63 17.68
C TYR E 212 -28.07 -29.10 16.77
N ILE E 213 -28.25 -28.43 15.64
CA ILE E 213 -29.31 -28.81 14.69
C ILE E 213 -28.66 -29.51 13.50
N ASP E 214 -29.29 -30.55 12.98
CA ASP E 214 -28.87 -31.17 11.72
C ASP E 214 -30.05 -31.55 10.85
N VAL E 215 -29.75 -31.87 9.60
CA VAL E 215 -30.70 -32.47 8.72
C VAL E 215 -30.21 -33.88 8.44
N ASN E 216 -31.05 -34.86 8.75
CA ASN E 216 -30.75 -36.27 8.60
C ASN E 216 -31.22 -36.77 7.23
N LEU E 217 -30.27 -37.19 6.40
CA LEU E 217 -30.54 -37.71 5.07
C LEU E 217 -30.61 -39.23 5.21
N VAL E 218 -31.80 -39.81 5.00
CA VAL E 218 -32.01 -41.26 5.15
C VAL E 218 -32.31 -41.84 3.77
N VAL E 219 -31.49 -42.77 3.31
CA VAL E 219 -31.64 -43.34 1.98
C VAL E 219 -31.74 -44.86 2.06
N LYS E 220 -32.77 -45.39 1.43
CA LYS E 220 -32.99 -46.82 1.38
C LYS E 220 -32.77 -47.27 -0.06
N PHE E 221 -31.89 -48.25 -0.27
CA PHE E 221 -31.49 -48.65 -1.60
C PHE E 221 -31.16 -50.13 -1.72
N ARG E 222 -31.11 -50.61 -2.96
CA ARG E 222 -30.67 -51.97 -3.24
C ARG E 222 -30.01 -52.10 -4.58
N GLU E 223 -29.38 -53.24 -4.85
CA GLU E 223 -28.78 -53.50 -6.18
C GLU E 223 -29.85 -53.52 -7.25
N ARG E 224 -29.55 -52.94 -8.41
CA ARG E 224 -30.50 -52.89 -9.54
C ARG E 224 -30.89 -54.31 -10.01
N ARG E 225 -32.20 -54.50 -10.20
CA ARG E 225 -32.78 -55.74 -10.73
C ARG E 225 -33.94 -55.39 -11.68
CA GLN F 20 -4.40 6.09 26.45
C GLN F 20 -5.04 5.07 25.48
N ALA F 21 -5.03 3.81 25.94
CA ALA F 21 -5.52 2.67 25.13
C ALA F 21 -6.98 2.85 24.68
N ASN F 22 -7.84 3.22 25.64
CA ASN F 22 -9.23 3.47 25.33
C ASN F 22 -9.44 4.61 24.33
N LEU F 23 -8.70 5.69 24.48
CA LEU F 23 -8.80 6.81 23.56
C LEU F 23 -8.30 6.49 22.16
N MET F 24 -7.14 5.82 22.04
CA MET F 24 -6.61 5.39 20.73
C MET F 24 -7.62 4.53 19.98
N ARG F 25 -8.29 3.66 20.73
CA ARG F 25 -9.32 2.79 20.21
C ARG F 25 -10.55 3.57 19.74
N LEU F 26 -11.02 4.50 20.56
CA LEU F 26 -12.12 5.40 20.17
C LEU F 26 -11.82 6.20 18.91
N LYS F 27 -10.63 6.80 18.83
CA LYS F 27 -10.27 7.60 17.65
C LYS F 27 -10.17 6.73 16.40
N SER F 28 -9.58 5.57 16.55
CA SER F 28 -9.54 4.59 15.47
C SER F 28 -10.95 4.21 14.96
N ASP F 29 -11.88 3.95 15.87
CA ASP F 29 -13.25 3.62 15.47
C ASP F 29 -14.02 4.76 14.80
N LEU F 30 -13.78 6.00 15.22
CA LEU F 30 -14.47 7.14 14.60
C LEU F 30 -13.86 7.58 13.28
N PHE F 31 -12.53 7.51 13.12
CA PHE F 31 -11.85 8.12 11.95
C PHE F 31 -11.25 7.15 10.92
N ASN F 32 -10.78 5.97 11.34
CA ASN F 32 -10.17 5.01 10.39
C ASN F 32 -11.17 4.06 9.74
N ARG F 33 -12.32 3.81 10.37
CA ARG F 33 -13.30 2.83 9.88
C ARG F 33 -14.28 3.30 8.80
N SER F 34 -14.33 4.60 8.52
CA SER F 34 -15.30 5.14 7.55
C SER F 34 -14.62 6.18 6.64
N PRO F 35 -15.31 6.60 5.53
CA PRO F 35 -14.84 7.82 4.84
C PRO F 35 -15.25 9.07 5.65
N MET F 36 -14.57 10.19 5.41
CA MET F 36 -14.85 11.40 6.17
C MET F 36 -16.27 11.92 5.86
N TYR F 37 -16.87 12.57 6.85
CA TYR F 37 -18.13 13.30 6.69
C TYR F 37 -17.98 14.25 5.48
N PRO F 38 -18.87 14.13 4.46
CA PRO F 38 -18.74 14.95 3.26
C PRO F 38 -19.40 16.34 3.40
N GLY F 39 -19.82 16.71 4.60
CA GLY F 39 -20.50 17.97 4.86
C GLY F 39 -22.01 17.83 4.82
N PRO F 40 -22.72 18.90 5.20
CA PRO F 40 -24.17 18.89 5.25
C PRO F 40 -24.82 18.93 3.88
N THR F 41 -26.07 18.48 3.83
CA THR F 41 -26.87 18.39 2.61
C THR F 41 -28.25 19.01 2.87
N LYS F 42 -29.06 19.17 1.83
CA LYS F 42 -30.46 19.61 1.99
C LYS F 42 -31.29 18.65 2.85
N ASP F 43 -31.02 17.36 2.72
CA ASP F 43 -31.67 16.31 3.53
C ASP F 43 -31.19 16.22 4.96
N ASP F 44 -29.90 16.50 5.20
CA ASP F 44 -29.29 16.49 6.54
C ASP F 44 -28.59 17.82 6.82
N PRO F 45 -29.39 18.91 6.98
CA PRO F 45 -28.78 20.21 7.20
C PRO F 45 -28.16 20.31 8.59
N LEU F 46 -27.40 21.38 8.80
CA LEU F 46 -26.60 21.54 9.99
C LEU F 46 -26.77 22.96 10.51
N THR F 47 -26.90 23.10 11.82
CA THR F 47 -26.93 24.40 12.47
C THR F 47 -25.62 24.59 13.22
N VAL F 48 -24.93 25.70 12.90
CA VAL F 48 -23.70 26.06 13.56
C VAL F 48 -23.99 27.23 14.49
N THR F 49 -23.61 27.11 15.74
CA THR F 49 -23.73 28.20 16.69
C THR F 49 -22.43 29.00 16.70
N LEU F 50 -22.53 30.33 16.57
CA LEU F 50 -21.37 31.24 16.60
C LEU F 50 -21.45 32.20 17.77
N GLY F 51 -20.30 32.52 18.35
CA GLY F 51 -20.18 33.56 19.34
C GLY F 51 -18.80 34.18 19.32
N PHE F 52 -18.72 35.49 19.51
CA PHE F 52 -17.45 36.21 19.47
C PHE F 52 -17.01 36.68 20.84
N THR F 53 -15.70 36.62 21.07
CA THR F 53 -15.06 37.16 22.23
C THR F 53 -13.98 38.12 21.71
N LEU F 54 -14.21 39.41 21.89
CA LEU F 54 -13.37 40.43 21.31
C LEU F 54 -12.23 40.78 22.27
N GLN F 55 -11.00 40.68 21.78
CA GLN F 55 -9.82 40.93 22.61
C GLN F 55 -9.20 42.32 22.42
N ASP F 56 -9.14 42.81 21.18
CA ASP F 56 -8.48 44.07 20.93
C ASP F 56 -8.82 44.61 19.57
N ILE F 57 -9.02 45.91 19.49
CA ILE F 57 -8.96 46.61 18.23
C ILE F 57 -7.53 47.11 18.15
N VAL F 58 -6.74 46.52 17.27
CA VAL F 58 -5.30 46.71 17.27
C VAL F 58 -4.91 47.94 16.52
N LYS F 59 -5.43 48.10 15.31
CA LYS F 59 -5.21 49.35 14.59
C LYS F 59 -6.28 49.73 13.61
N VAL F 60 -6.38 51.03 13.37
CA VAL F 60 -7.20 51.59 12.30
C VAL F 60 -6.29 52.27 11.30
N ASP F 61 -6.60 52.16 10.02
CA ASP F 61 -5.85 52.85 8.96
C ASP F 61 -6.87 53.73 8.26
N SER F 62 -6.79 55.03 8.55
CA SER F 62 -7.73 56.00 7.96
C SER F 62 -7.39 56.34 6.51
N SER F 63 -6.20 56.00 6.04
CA SER F 63 -5.88 56.23 4.63
C SER F 63 -6.44 55.12 3.69
N THR F 64 -6.69 53.92 4.20
CA THR F 64 -7.29 52.83 3.41
C THR F 64 -8.66 52.33 3.88
N ASN F 65 -9.16 52.87 4.99
CA ASN F 65 -10.40 52.39 5.61
C ASN F 65 -10.38 50.88 5.89
N GLU F 66 -9.36 50.47 6.66
CA GLU F 66 -9.19 49.11 7.14
C GLU F 66 -9.04 49.17 8.66
N VAL F 67 -9.71 48.26 9.38
CA VAL F 67 -9.54 48.09 10.80
C VAL F 67 -9.13 46.65 11.09
N ASP F 68 -8.26 46.47 12.11
CA ASP F 68 -7.76 45.16 12.52
C ASP F 68 -8.28 44.76 13.90
N LEU F 69 -8.96 43.61 13.98
CA LEU F 69 -9.43 43.05 15.25
C LEU F 69 -8.70 41.78 15.58
N VAL F 70 -8.56 41.54 16.88
CA VAL F 70 -8.15 40.27 17.41
C VAL F 70 -9.30 39.76 18.26
N TYR F 71 -9.74 38.54 17.97
CA TYR F 71 -10.87 37.93 18.66
C TYR F 71 -10.73 36.42 18.60
N TYR F 72 -11.54 35.74 19.40
CA TYR F 72 -11.79 34.35 19.13
C TYR F 72 -13.25 34.05 18.95
N GLU F 73 -13.49 33.07 18.10
CA GLU F 73 -14.78 32.79 17.53
C GLU F 73 -15.16 31.39 17.98
N GLN F 74 -16.16 31.27 18.83
CA GLN F 74 -16.62 29.96 19.27
C GLN F 74 -17.56 29.38 18.22
N GLN F 75 -17.26 28.17 17.74
CA GLN F 75 -18.06 27.47 16.73
C GLN F 75 -18.52 26.14 17.30
N ARG F 76 -19.80 25.81 17.13
CA ARG F 76 -20.36 24.61 17.72
C ARG F 76 -21.38 23.98 16.76
N TRP F 77 -21.24 22.68 16.51
CA TRP F 77 -22.16 21.92 15.70
C TRP F 77 -22.23 20.47 16.23
N LYS F 78 -23.10 19.66 15.64
CA LYS F 78 -23.41 18.31 16.15
C LYS F 78 -23.63 17.34 15.01
N LEU F 79 -22.96 16.20 15.05
CA LEU F 79 -23.09 15.16 14.01
C LEU F 79 -23.39 13.81 14.65
N ASN F 80 -24.31 13.06 14.04
CA ASN F 80 -24.58 11.67 14.47
C ASN F 80 -23.37 10.74 14.32
N SER F 81 -22.59 10.92 13.26
CA SER F 81 -21.42 10.07 13.01
C SER F 81 -20.25 10.18 14.02
N LEU F 82 -20.31 11.15 14.93
CA LEU F 82 -19.33 11.30 15.99
C LEU F 82 -19.85 10.91 17.37
N MET F 83 -21.01 10.25 17.44
CA MET F 83 -21.54 9.74 18.71
C MET F 83 -20.79 8.48 19.16
N TRP F 84 -20.69 8.30 20.47
CA TRP F 84 -20.27 7.03 21.03
C TRP F 84 -20.86 6.84 22.42
N ASP F 85 -20.89 5.60 22.87
CA ASP F 85 -21.34 5.25 24.22
C ASP F 85 -20.12 5.26 25.13
N PRO F 86 -20.09 6.15 26.15
CA PRO F 86 -18.90 6.17 27.03
C PRO F 86 -18.50 4.84 27.68
N ASN F 87 -19.48 3.98 28.00
CA ASN F 87 -19.20 2.70 28.67
C ASN F 87 -18.38 1.72 27.84
N GLU F 88 -18.52 1.76 26.52
CA GLU F 88 -17.68 0.97 25.62
C GLU F 88 -16.23 1.47 25.45
N TYR F 89 -15.89 2.60 26.06
CA TYR F 89 -14.59 3.24 25.88
C TYR F 89 -14.06 3.87 27.18
N GLY F 90 -14.14 3.11 28.27
CA GLY F 90 -13.55 3.51 29.55
C GLY F 90 -14.04 4.81 30.14
N ASN F 91 -15.33 5.10 29.93
CA ASN F 91 -16.00 6.32 30.45
C ASN F 91 -15.47 7.66 29.90
N ILE F 92 -14.85 7.63 28.72
CA ILE F 92 -14.43 8.85 28.04
C ILE F 92 -15.67 9.59 27.54
N THR F 93 -15.86 10.83 28.02
CA THR F 93 -16.99 11.69 27.61
C THR F 93 -16.63 12.68 26.51
N ASP F 94 -15.34 13.01 26.37
CA ASP F 94 -14.87 13.90 25.32
C ASP F 94 -13.39 13.73 25.00
N PHE F 95 -12.98 14.25 23.86
CA PHE F 95 -11.56 14.28 23.53
C PHE F 95 -11.17 15.42 22.61
N ARG F 96 -9.90 15.77 22.67
CA ARG F 96 -9.25 16.74 21.81
C ARG F 96 -8.70 16.07 20.60
N THR F 97 -8.86 16.69 19.44
CA THR F 97 -8.35 16.17 18.21
C THR F 97 -8.01 17.30 17.25
N SER F 98 -7.00 17.07 16.43
CA SER F 98 -6.64 17.97 15.36
C SER F 98 -7.87 18.28 14.49
N ALA F 99 -8.02 19.54 14.11
CA ALA F 99 -9.11 19.97 13.23
C ALA F 99 -9.01 19.44 11.80
N ALA F 100 -7.84 18.99 11.37
CA ALA F 100 -7.69 18.28 10.09
C ALA F 100 -8.34 16.86 10.08
N ASP F 101 -8.49 16.24 11.23
CA ASP F 101 -9.17 14.92 11.35
C ASP F 101 -10.68 14.97 11.12
N ILE F 102 -11.28 16.16 11.17
CA ILE F 102 -12.72 16.32 11.09
C ILE F 102 -13.11 17.40 10.08
N TRP F 103 -14.36 17.37 9.68
CA TRP F 103 -14.93 18.46 8.91
C TRP F 103 -15.13 19.63 9.87
N THR F 104 -14.89 20.85 9.36
CA THR F 104 -15.21 22.08 10.08
C THR F 104 -15.93 23.01 9.13
N PRO F 105 -16.81 23.87 9.66
CA PRO F 105 -17.57 24.74 8.76
C PRO F 105 -16.69 25.85 8.19
N ASP F 106 -17.01 26.27 6.98
CA ASP F 106 -16.23 27.24 6.20
C ASP F 106 -16.65 28.70 6.50
N ILE F 107 -16.66 29.07 7.78
CA ILE F 107 -17.14 30.40 8.20
C ILE F 107 -16.14 31.47 7.76
N THR F 108 -16.63 32.47 7.06
CA THR F 108 -15.82 33.46 6.34
C THR F 108 -16.33 34.86 6.65
N ALA F 109 -15.43 35.80 6.88
CA ALA F 109 -15.77 37.22 6.98
C ALA F 109 -16.02 37.74 5.58
N TYR F 110 -17.12 38.46 5.37
CA TYR F 110 -17.53 38.91 4.05
C TYR F 110 -16.90 40.21 3.55
N SER F 111 -16.21 40.95 4.41
CA SER F 111 -15.61 42.21 4.00
C SER F 111 -14.15 42.29 4.45
N SER F 112 -13.47 41.14 4.49
CA SER F 112 -12.05 41.14 4.78
C SER F 112 -11.22 41.69 3.63
N THR F 113 -10.06 42.25 3.96
CA THR F 113 -9.12 42.78 2.98
C THR F 113 -7.78 42.05 2.96
N ARG F 114 -7.58 41.09 3.86
CA ARG F 114 -6.36 40.28 3.93
C ARG F 114 -6.77 38.89 4.35
N PRO F 115 -5.96 37.87 4.04
CA PRO F 115 -6.21 36.58 4.69
C PRO F 115 -6.19 36.67 6.21
N VAL F 116 -7.10 35.95 6.85
CA VAL F 116 -7.16 35.87 8.31
C VAL F 116 -5.88 35.21 8.81
N GLN F 117 -5.33 35.72 9.90
CA GLN F 117 -4.18 35.13 10.55
C GLN F 117 -4.65 34.33 11.75
N VAL F 118 -4.13 33.11 11.86
CA VAL F 118 -4.55 32.16 12.88
C VAL F 118 -3.60 32.29 14.05
N LEU F 119 -4.15 32.50 15.23
CA LEU F 119 -3.35 32.75 16.43
C LEU F 119 -3.44 31.63 17.46
N SER F 120 -4.22 30.59 17.20
CA SER F 120 -4.33 29.48 18.13
C SER F 120 -4.16 28.14 17.40
N PRO F 121 -3.83 27.06 18.14
CA PRO F 121 -3.71 25.74 17.53
C PRO F 121 -5.03 25.22 16.95
N GLN F 122 -4.93 24.45 15.86
CA GLN F 122 -6.07 23.97 15.13
C GLN F 122 -6.53 22.66 15.75
N ILE F 123 -7.16 22.77 16.91
CA ILE F 123 -7.54 21.63 17.71
C ILE F 123 -8.96 21.87 18.19
N ALA F 124 -9.81 20.87 18.05
CA ALA F 124 -11.21 20.93 18.48
C ALA F 124 -11.49 19.91 19.58
N VAL F 125 -12.65 20.02 20.21
CA VAL F 125 -13.09 19.10 21.24
C VAL F 125 -14.39 18.45 20.81
N VAL F 126 -14.38 17.12 20.77
CA VAL F 126 -15.54 16.32 20.41
C VAL F 126 -16.11 15.68 21.67
N THR F 127 -17.42 15.75 21.84
CA THR F 127 -18.13 15.19 23.00
C THR F 127 -19.01 14.01 22.56
N HIS F 128 -19.26 13.08 23.50
CA HIS F 128 -19.91 11.78 23.23
C HIS F 128 -21.29 11.84 22.56
N ASP F 129 -22.03 12.92 22.79
CA ASP F 129 -23.28 13.17 22.05
C ASP F 129 -23.12 13.59 20.58
N GLY F 130 -21.88 13.71 20.10
CA GLY F 130 -21.59 14.08 18.71
C GLY F 130 -21.37 15.56 18.50
N SER F 131 -21.34 16.34 19.57
CA SER F 131 -21.15 17.78 19.43
C SER F 131 -19.66 18.10 19.38
N VAL F 132 -19.34 19.12 18.59
CA VAL F 132 -17.98 19.55 18.38
C VAL F 132 -17.88 21.01 18.77
N MET F 133 -16.83 21.37 19.49
CA MET F 133 -16.53 22.77 19.74
C MET F 133 -15.16 23.14 19.21
N PHE F 134 -15.08 24.26 18.51
CA PHE F 134 -13.83 24.70 17.89
C PHE F 134 -13.73 26.22 18.09
N ILE F 135 -12.64 26.69 18.67
CA ILE F 135 -12.53 28.10 19.09
C ILE F 135 -11.25 28.74 18.57
N PRO F 136 -11.20 29.00 17.26
CA PRO F 136 -10.01 29.65 16.69
C PRO F 136 -9.87 31.13 17.06
N ALA F 137 -8.66 31.52 17.45
CA ALA F 137 -8.31 32.91 17.65
C ALA F 137 -7.75 33.45 16.35
N GLN F 138 -8.14 34.66 16.00
CA GLN F 138 -7.89 35.21 14.68
C GLN F 138 -7.55 36.69 14.75
N ARG F 139 -6.79 37.15 13.77
CA ARG F 139 -6.65 38.55 13.50
C ARG F 139 -7.19 38.82 12.12
N LEU F 140 -8.11 39.77 12.04
CA LEU F 140 -8.84 40.09 10.83
C LEU F 140 -8.67 41.57 10.46
N SER F 141 -8.31 41.85 9.21
CA SER F 141 -8.41 43.19 8.63
C SER F 141 -9.67 43.25 7.79
N PHE F 142 -10.52 44.25 8.04
CA PHE F 142 -11.75 44.39 7.29
C PHE F 142 -12.10 45.87 7.01
N MET F 143 -13.04 46.05 6.09
CA MET F 143 -13.46 47.36 5.58
C MET F 143 -14.25 48.13 6.62
N CYS F 144 -13.75 49.30 6.95
CA CYS F 144 -14.35 50.13 7.98
C CYS F 144 -13.77 51.54 7.92
N ASP F 145 -14.64 52.54 7.88
CA ASP F 145 -14.24 53.95 7.91
C ASP F 145 -14.12 54.43 9.35
N PRO F 146 -12.89 54.70 9.84
CA PRO F 146 -12.72 55.13 11.22
C PRO F 146 -12.77 56.65 11.47
N THR F 147 -13.14 57.45 10.46
CA THR F 147 -13.33 58.89 10.63
C THR F 147 -14.34 59.18 11.75
N GLY F 148 -13.90 59.98 12.73
CA GLY F 148 -14.70 60.30 13.91
C GLY F 148 -14.37 59.46 15.13
N VAL F 149 -13.38 58.59 15.02
CA VAL F 149 -13.04 57.69 16.12
C VAL F 149 -12.52 58.46 17.34
N ASP F 150 -11.90 59.60 17.08
CA ASP F 150 -11.38 60.48 18.13
C ASP F 150 -12.44 61.42 18.77
N SER F 151 -13.72 61.20 18.53
CA SER F 151 -14.77 62.02 19.08
C SER F 151 -15.44 61.28 20.24
N GLU F 152 -16.40 61.93 20.89
CA GLU F 152 -17.10 61.36 21.99
C GLU F 152 -18.13 60.28 21.55
N GLU F 153 -18.69 60.45 20.36
CA GLU F 153 -19.69 59.54 19.83
C GLU F 153 -19.10 58.26 19.21
N GLY F 154 -17.86 58.36 18.72
CA GLY F 154 -17.16 57.23 18.13
C GLY F 154 -17.59 56.87 16.73
N VAL F 155 -17.23 55.66 16.30
CA VAL F 155 -17.62 55.13 15.00
C VAL F 155 -18.22 53.76 15.20
N THR F 156 -19.01 53.36 14.23
CA THR F 156 -19.60 52.05 14.19
C THR F 156 -19.04 51.33 13.00
N CYS F 157 -18.68 50.07 13.17
N CYS F 157 -18.68 50.07 13.17
CA CYS F 157 -18.30 49.22 12.06
CA CYS F 157 -18.29 49.22 12.06
C CYS F 157 -18.92 47.85 12.18
C CYS F 157 -18.91 47.85 12.18
N ALA F 158 -19.06 47.17 11.04
CA ALA F 158 -19.79 45.91 10.96
C ALA F 158 -19.14 44.95 9.99
N VAL F 159 -19.19 43.67 10.33
CA VAL F 159 -18.70 42.65 9.42
C VAL F 159 -19.55 41.40 9.56
N LYS F 160 -19.94 40.84 8.42
CA LYS F 160 -20.78 39.64 8.37
C LYS F 160 -19.94 38.38 8.31
N PHE F 161 -20.28 37.40 9.13
CA PHE F 161 -19.64 36.09 9.11
C PHE F 161 -20.65 35.04 8.68
N GLY F 162 -20.28 34.24 7.68
CA GLY F 162 -21.15 33.17 7.19
C GLY F 162 -20.40 32.17 6.34
N SER F 163 -21.10 31.10 5.97
CA SER F 163 -20.57 30.17 5.00
C SER F 163 -20.40 30.88 3.68
N TRP F 164 -19.29 30.60 3.02
CA TRP F 164 -19.05 31.13 1.68
C TRP F 164 -19.82 30.33 0.61
N VAL F 165 -19.93 29.02 0.80
CA VAL F 165 -20.45 28.15 -0.25
C VAL F 165 -21.78 27.45 0.02
N TYR F 166 -22.20 27.37 1.28
CA TYR F 166 -23.45 26.73 1.61
C TYR F 166 -24.54 27.76 1.90
N SER F 167 -25.70 27.57 1.27
CA SER F 167 -26.86 28.40 1.52
C SER F 167 -27.55 27.99 2.80
N GLY F 168 -28.59 28.72 3.15
CA GLY F 168 -29.45 28.42 4.29
C GLY F 168 -30.12 27.06 4.30
N PHE F 169 -30.27 26.44 3.13
CA PHE F 169 -30.80 25.07 3.03
C PHE F 169 -29.82 23.98 3.50
N GLU F 170 -28.52 24.27 3.60
CA GLU F 170 -27.56 23.32 4.15
C GLU F 170 -26.97 23.73 5.50
N ILE F 171 -26.63 25.00 5.64
CA ILE F 171 -26.07 25.51 6.91
C ILE F 171 -26.92 26.67 7.38
N ASP F 172 -27.43 26.54 8.59
CA ASP F 172 -28.08 27.63 9.29
C ASP F 172 -27.15 28.07 10.45
N LEU F 173 -27.28 29.32 10.89
CA LEU F 173 -26.50 29.84 11.98
C LEU F 173 -27.41 30.31 13.09
N LYS F 174 -26.91 30.29 14.32
CA LYS F 174 -27.56 30.96 15.42
C LYS F 174 -26.53 31.45 16.42
N THR F 175 -26.97 32.33 17.32
CA THR F 175 -26.17 32.76 18.45
C THR F 175 -26.89 32.32 19.74
N ASP F 176 -26.14 32.14 20.82
CA ASP F 176 -26.72 31.92 22.16
C ASP F 176 -27.16 33.22 22.83
N THR F 177 -26.41 34.28 22.56
CA THR F 177 -26.72 35.62 23.05
C THR F 177 -26.40 36.62 21.94
N ASP F 178 -27.05 37.77 21.94
CA ASP F 178 -26.68 38.87 21.04
C ASP F 178 -25.57 39.80 21.55
N GLN F 179 -25.11 39.61 22.79
CA GLN F 179 -24.01 40.39 23.37
C GLN F 179 -22.67 39.69 23.12
N VAL F 180 -21.77 40.39 22.44
CA VAL F 180 -20.40 39.96 22.30
C VAL F 180 -19.74 39.96 23.68
N ASP F 181 -18.94 38.94 23.95
CA ASP F 181 -18.24 38.83 25.22
C ASP F 181 -17.05 39.83 25.24
N LEU F 182 -17.10 40.77 26.19
CA LEU F 182 -16.08 41.80 26.34
C LEU F 182 -15.22 41.63 27.60
N SER F 183 -15.36 40.52 28.31
CA SER F 183 -14.66 40.37 29.59
C SER F 183 -13.16 40.07 29.46
N SER F 184 -12.68 39.71 28.27
CA SER F 184 -11.23 39.63 27.99
C SER F 184 -10.71 40.82 27.17
N TYR F 185 -11.49 41.89 27.04
CA TYR F 185 -11.04 43.01 26.20
C TYR F 185 -9.83 43.67 26.86
N TYR F 186 -8.78 43.87 26.09
CA TYR F 186 -7.55 44.48 26.60
C TYR F 186 -7.81 45.89 27.17
N ALA F 187 -7.58 46.03 28.47
CA ALA F 187 -7.87 47.26 29.23
C ALA F 187 -7.00 48.48 28.83
N SER F 188 -5.83 48.26 28.24
CA SER F 188 -4.99 49.37 27.78
C SER F 188 -4.95 49.51 26.26
N SER F 189 -5.96 48.99 25.57
CA SER F 189 -6.10 49.23 24.14
C SER F 189 -6.16 50.73 23.86
N LYS F 190 -5.72 51.13 22.68
CA LYS F 190 -6.00 52.47 22.17
C LYS F 190 -7.48 52.78 22.06
N TYR F 191 -8.34 51.79 21.88
CA TYR F 191 -9.77 52.01 21.65
C TYR F 191 -10.59 51.37 22.75
N GLU F 192 -11.64 52.05 23.19
CA GLU F 192 -12.60 51.46 24.10
C GLU F 192 -13.88 51.13 23.35
N ILE F 193 -14.57 50.07 23.80
CA ILE F 193 -15.75 49.57 23.15
C ILE F 193 -16.96 50.18 23.83
N LEU F 194 -17.84 50.78 23.05
CA LEU F 194 -19.10 51.33 23.57
C LEU F 194 -20.21 50.30 23.52
N SER F 195 -20.27 49.54 22.44
CA SER F 195 -21.15 48.36 22.38
C SER F 195 -20.67 47.38 21.32
N ALA F 196 -21.11 46.15 21.45
CA ALA F 196 -20.74 45.09 20.53
C ALA F 196 -21.81 44.02 20.52
N THR F 197 -22.45 43.85 19.36
CA THR F 197 -23.51 42.89 19.19
C THR F 197 -23.21 41.89 18.07
N GLN F 198 -23.87 40.73 18.16
CA GLN F 198 -23.74 39.65 17.20
C GLN F 198 -25.14 39.15 16.90
N THR F 199 -25.58 39.27 15.65
CA THR F 199 -26.97 39.08 15.29
C THR F 199 -27.13 38.31 14.00
N ARG F 200 -27.97 37.27 14.05
CA ARG F 200 -28.33 36.49 12.88
C ARG F 200 -29.08 37.34 11.84
N GLN F 201 -28.73 37.18 10.56
CA GLN F 201 -29.43 37.81 9.42
C GLN F 201 -29.54 36.87 8.22
N VAL F 202 -30.49 37.17 7.35
CA VAL F 202 -30.68 36.47 6.08
C VAL F 202 -30.32 37.43 4.94
N GLN F 203 -29.51 36.98 3.97
CA GLN F 203 -29.09 37.80 2.83
C GLN F 203 -29.38 37.14 1.50
N HIS F 204 -29.65 37.95 0.48
CA HIS F 204 -29.73 37.50 -0.91
C HIS F 204 -28.62 38.20 -1.68
N TYR F 205 -27.96 37.48 -2.58
CA TYR F 205 -26.86 38.02 -3.35
C TYR F 205 -27.18 37.99 -4.84
N SER F 206 -26.56 38.87 -5.62
CA SER F 206 -26.76 38.94 -7.09
C SER F 206 -26.47 37.64 -7.85
N CYS F 207 -25.40 36.95 -7.46
CA CYS F 207 -24.99 35.70 -8.11
C CYS F 207 -26.01 34.55 -8.05
N CYS F 208 -26.89 34.56 -7.05
CA CYS F 208 -27.42 33.32 -6.45
C CYS F 208 -28.89 33.52 -5.97
N PRO F 209 -29.82 32.62 -6.36
CA PRO F 209 -31.26 32.78 -5.95
C PRO F 209 -31.67 32.40 -4.51
N GLU F 210 -30.81 31.73 -3.75
CA GLU F 210 -31.17 31.12 -2.45
C GLU F 210 -30.67 31.99 -1.28
N PRO F 211 -31.39 31.99 -0.14
CA PRO F 211 -30.92 32.77 1.02
C PRO F 211 -29.61 32.23 1.67
N TYR F 212 -28.69 33.13 1.99
CA TYR F 212 -27.51 32.80 2.78
C TYR F 212 -27.69 33.38 4.18
N ILE F 213 -27.19 32.68 5.20
CA ILE F 213 -27.30 33.15 6.58
C ILE F 213 -25.95 33.68 7.02
N ASP F 214 -25.96 34.77 7.79
CA ASP F 214 -24.73 35.26 8.44
C ASP F 214 -25.01 35.75 9.84
N VAL F 215 -23.93 35.96 10.59
CA VAL F 215 -23.99 36.64 11.86
C VAL F 215 -23.25 37.95 11.68
N ASN F 216 -23.96 39.05 11.94
CA ASN F 216 -23.44 40.40 11.80
C ASN F 216 -22.84 40.88 13.11
N LEU F 217 -21.53 41.12 13.09
CA LEU F 217 -20.79 41.61 14.26
C LEU F 217 -20.74 43.13 14.14
N VAL F 218 -21.41 43.85 15.03
CA VAL F 218 -21.48 45.32 14.98
C VAL F 218 -20.74 45.86 16.21
N VAL F 219 -19.71 46.65 15.98
CA VAL F 219 -18.89 47.17 17.08
C VAL F 219 -18.83 48.68 17.00
N LYS F 220 -19.16 49.32 18.12
CA LYS F 220 -19.08 50.76 18.23
C LYS F 220 -17.97 51.11 19.20
N PHE F 221 -17.03 51.95 18.76
CA PHE F 221 -15.83 52.21 19.55
C PHE F 221 -15.30 53.62 19.37
N ARG F 222 -14.43 54.04 20.28
CA ARG F 222 -13.75 55.33 20.17
C ARG F 222 -12.37 55.28 20.80
N GLU F 223 -11.57 56.31 20.57
CA GLU F 223 -10.26 56.42 21.21
C GLU F 223 -10.41 56.52 22.72
N ARG F 224 -9.54 55.82 23.45
CA ARG F 224 -9.49 55.87 24.91
C ARG F 224 -8.77 57.14 25.32
N GLN G 20 -26.04 11.75 3.96
CA GLN G 20 -24.57 11.48 4.08
C GLN G 20 -24.17 10.28 3.25
N ALA G 21 -24.84 9.14 3.44
CA ALA G 21 -24.48 7.87 2.78
C ALA G 21 -24.48 7.99 1.24
N ASN G 22 -25.55 8.56 0.70
CA ASN G 22 -25.65 8.77 -0.72
C ASN G 22 -24.57 9.69 -1.28
N LEU G 23 -24.26 10.77 -0.56
CA LEU G 23 -23.22 11.69 -1.00
C LEU G 23 -21.82 11.09 -0.94
N MET G 24 -21.49 10.37 0.15
CA MET G 24 -20.18 9.68 0.27
C MET G 24 -19.97 8.71 -0.90
N ARG G 25 -21.05 8.03 -1.26
CA ARG G 25 -21.06 7.09 -2.37
C ARG G 25 -20.86 7.79 -3.71
N LEU G 26 -21.59 8.87 -3.94
CA LEU G 26 -21.40 9.71 -5.14
C LEU G 26 -19.98 10.24 -5.29
N LYS G 27 -19.41 10.76 -4.22
CA LYS G 27 -18.04 11.31 -4.27
C LYS G 27 -17.02 10.22 -4.54
N SER G 28 -17.20 9.09 -3.87
CA SER G 28 -16.37 7.91 -4.14
C SER G 28 -16.44 7.47 -5.63
N ASP G 29 -17.62 7.42 -6.20
CA ASP G 29 -17.77 7.04 -7.62
C ASP G 29 -17.16 8.04 -8.60
N LEU G 30 -17.22 9.34 -8.31
CA LEU G 30 -16.63 10.34 -9.20
C LEU G 30 -15.13 10.48 -9.06
N PHE G 31 -14.58 10.36 -7.85
CA PHE G 31 -13.16 10.70 -7.59
C PHE G 31 -12.21 9.53 -7.30
N ASN G 32 -12.67 8.45 -6.69
CA ASN G 32 -11.80 7.28 -6.40
C ASN G 32 -11.72 6.27 -7.53
N ARG G 33 -12.73 6.21 -8.40
CA ARG G 33 -12.79 5.18 -9.46
C ARG G 33 -12.03 5.50 -10.76
N SER G 34 -11.55 6.73 -10.93
CA SER G 34 -10.88 7.12 -12.18
C SER G 34 -9.60 7.92 -11.92
N PRO G 35 -8.74 8.11 -12.95
CA PRO G 35 -7.70 9.15 -12.80
C PRO G 35 -8.32 10.55 -12.98
N MET G 36 -7.64 11.58 -12.47
CA MET G 36 -8.19 12.94 -12.54
C MET G 36 -8.25 13.41 -14.00
N TYR G 37 -9.22 14.26 -14.29
CA TYR G 37 -9.32 14.97 -15.57
C TYR G 37 -7.96 15.66 -15.84
N PRO G 38 -7.32 15.36 -17.00
CA PRO G 38 -6.01 15.92 -17.30
C PRO G 38 -6.06 17.32 -17.92
N GLY G 39 -7.23 17.94 -17.95
CA GLY G 39 -7.43 19.25 -18.55
C GLY G 39 -7.90 19.16 -20.00
N PRO G 40 -8.27 20.30 -20.59
CA PRO G 40 -8.77 20.35 -21.94
C PRO G 40 -7.71 20.14 -23.00
N THR G 41 -8.15 19.73 -24.18
CA THR G 41 -7.29 19.43 -25.33
C THR G 41 -7.85 20.13 -26.57
N LYS G 42 -7.11 20.09 -27.69
CA LYS G 42 -7.64 20.61 -28.97
C LYS G 42 -8.88 19.85 -29.44
N ASP G 43 -8.93 18.54 -29.18
CA ASP G 43 -10.08 17.69 -29.51
C ASP G 43 -11.27 17.88 -28.57
N ASP G 44 -11.03 18.15 -27.29
CA ASP G 44 -12.08 18.38 -26.28
C ASP G 44 -11.86 19.74 -25.58
N PRO G 45 -12.05 20.84 -26.32
CA PRO G 45 -11.83 22.15 -25.72
C PRO G 45 -12.90 22.51 -24.70
N LEU G 46 -12.65 23.57 -23.94
CA LEU G 46 -13.48 23.95 -22.81
C LEU G 46 -13.73 25.44 -22.84
N THR G 47 -14.96 25.84 -22.53
CA THR G 47 -15.33 27.24 -22.42
C THR G 47 -15.55 27.55 -20.94
N VAL G 48 -14.82 28.55 -20.44
CA VAL G 48 -14.98 29.01 -19.07
C VAL G 48 -15.71 30.34 -19.10
N THR G 49 -16.78 30.45 -18.32
CA THR G 49 -17.47 31.72 -18.19
C THR G 49 -16.91 32.47 -16.97
N LEU G 50 -16.54 33.75 -17.16
CA LEU G 50 -16.03 34.61 -16.08
C LEU G 50 -16.92 35.79 -15.79
N GLY G 51 -17.00 36.18 -14.54
CA GLY G 51 -17.69 37.41 -14.16
C GLY G 51 -17.11 37.95 -12.87
N PHE G 52 -16.99 39.28 -12.77
CA PHE G 52 -16.41 39.93 -11.61
C PHE G 52 -17.43 40.66 -10.76
N THR G 53 -17.24 40.60 -9.46
CA THR G 53 -17.99 41.35 -8.48
C THR G 53 -16.96 42.14 -7.67
N LEU G 54 -16.94 43.45 -7.88
CA LEU G 54 -15.94 44.31 -7.32
C LEU G 54 -16.38 44.80 -5.94
N GLN G 55 -15.56 44.56 -4.91
CA GLN G 55 -15.89 44.94 -3.55
C GLN G 55 -15.25 46.22 -3.05
N ASP G 56 -13.99 46.45 -3.41
CA ASP G 56 -13.28 47.61 -2.89
C ASP G 56 -12.02 47.89 -3.66
N ILE G 57 -11.76 49.16 -3.93
CA ILE G 57 -10.42 49.58 -4.30
C ILE G 57 -9.80 50.01 -2.98
N VAL G 58 -8.85 49.22 -2.49
CA VAL G 58 -8.36 49.36 -1.14
C VAL G 58 -7.28 50.41 -1.05
N LYS G 59 -6.29 50.34 -1.95
CA LYS G 59 -5.31 51.40 -2.01
C LYS G 59 -4.66 51.61 -3.35
N VAL G 60 -4.20 52.83 -3.56
CA VAL G 60 -3.37 53.19 -4.70
C VAL G 60 -2.01 53.62 -4.18
N ASP G 61 -0.95 53.26 -4.88
CA ASP G 61 0.41 53.70 -4.55
C ASP G 61 0.90 54.46 -5.76
N SER G 62 0.93 55.79 -5.65
CA SER G 62 1.36 56.65 -6.74
C SER G 62 2.87 56.68 -6.92
N SER G 63 3.63 56.21 -5.93
CA SER G 63 5.08 56.14 -6.11
C SER G 63 5.55 54.90 -6.90
N THR G 64 4.75 53.82 -6.93
CA THR G 64 5.06 52.61 -7.72
C THR G 64 4.08 52.28 -8.84
N ASN G 65 3.00 53.05 -8.98
CA ASN G 65 1.92 52.75 -9.93
C ASN G 65 1.38 51.32 -9.77
N GLU G 66 0.91 51.03 -8.56
CA GLU G 66 0.24 49.80 -8.20
C GLU G 66 -1.09 50.16 -7.57
N VAL G 67 -2.15 49.44 -7.94
CA VAL G 67 -3.46 49.55 -7.30
C VAL G 67 -3.89 48.19 -6.76
N ASP G 68 -4.57 48.17 -5.61
CA ASP G 68 -5.05 46.97 -4.95
C ASP G 68 -6.58 46.87 -4.98
N LEU G 69 -7.10 45.79 -5.55
CA LEU G 69 -8.54 45.50 -5.57
C LEU G 69 -8.88 44.31 -4.74
N VAL G 70 -10.09 44.33 -4.19
CA VAL G 70 -10.69 43.17 -3.58
C VAL G 70 -11.95 42.89 -4.38
N TYR G 71 -12.06 41.66 -4.86
CA TYR G 71 -13.18 41.23 -5.68
C TYR G 71 -13.40 39.74 -5.52
N TYR G 72 -14.53 39.27 -6.02
CA TYR G 72 -14.64 37.86 -6.29
C TYR G 72 -15.00 37.58 -7.74
N GLU G 73 -14.47 36.45 -8.19
CA GLU G 73 -14.43 36.11 -9.59
C GLU G 73 -15.24 34.83 -9.76
N GLN G 74 -16.39 34.92 -10.42
CA GLN G 74 -17.21 33.75 -10.67
C GLN G 74 -16.66 32.99 -11.88
N GLN G 75 -16.36 31.71 -11.71
CA GLN G 75 -15.82 30.84 -12.78
C GLN G 75 -16.76 29.67 -12.98
N ARG G 76 -17.08 29.35 -14.23
CA ARG G 76 -18.04 28.30 -14.53
C ARG G 76 -17.61 27.52 -15.76
N TRP G 77 -17.57 26.20 -15.66
CA TRP G 77 -17.27 25.32 -16.78
C TRP G 77 -18.05 24.00 -16.62
N LYS G 78 -17.94 23.11 -17.59
CA LYS G 78 -18.76 21.89 -17.68
C LYS G 78 -17.97 20.72 -18.22
N LEU G 79 -17.99 19.59 -17.53
CA LEU G 79 -17.28 18.37 -17.94
C LEU G 79 -18.21 17.19 -17.97
N ASN G 80 -18.06 16.34 -18.99
CA ASN G 80 -18.83 15.07 -19.05
C ASN G 80 -18.47 14.12 -17.91
N SER G 81 -17.20 14.06 -17.52
CA SER G 81 -16.75 13.16 -16.46
C SER G 81 -17.29 13.44 -15.05
N LEU G 82 -17.98 14.56 -14.85
CA LEU G 82 -18.63 14.89 -13.58
C LEU G 82 -20.16 14.75 -13.62
N MET G 83 -20.71 14.14 -14.67
CA MET G 83 -22.16 13.90 -14.75
C MET G 83 -22.59 12.74 -13.85
N TRP G 84 -23.80 12.82 -13.33
CA TRP G 84 -24.44 11.67 -12.70
C TRP G 84 -25.95 11.78 -12.80
N ASP G 85 -26.61 10.65 -12.64
CA ASP G 85 -28.09 10.58 -12.63
C ASP G 85 -28.55 10.75 -11.17
N PRO G 86 -29.31 11.82 -10.86
CA PRO G 86 -29.74 11.99 -9.47
C PRO G 86 -30.49 10.81 -8.82
N ASN G 87 -31.24 10.06 -9.60
CA ASN G 87 -32.05 8.94 -9.07
C ASN G 87 -31.23 7.80 -8.52
N GLU G 88 -30.04 7.58 -9.07
CA GLU G 88 -29.09 6.60 -8.51
C GLU G 88 -28.38 7.01 -7.21
N TYR G 89 -28.63 8.24 -6.74
CA TYR G 89 -27.92 8.80 -5.59
C TYR G 89 -28.84 9.66 -4.72
N GLY G 90 -30.03 9.16 -4.42
CA GLY G 90 -30.94 9.79 -3.48
C GLY G 90 -31.41 11.19 -3.84
N ASN G 91 -31.56 11.47 -5.13
CA ASN G 91 -31.96 12.79 -5.66
C ASN G 91 -31.02 13.96 -5.36
N ILE G 92 -29.75 13.68 -5.15
CA ILE G 92 -28.72 14.72 -5.03
C ILE G 92 -28.52 15.37 -6.39
N THR G 93 -28.78 16.68 -6.47
CA THR G 93 -28.60 17.46 -7.71
C THR G 93 -27.27 18.23 -7.75
N ASP G 94 -26.67 18.47 -6.59
CA ASP G 94 -25.37 19.14 -6.52
C ASP G 94 -24.64 18.87 -5.20
N PHE G 95 -23.35 19.15 -5.19
CA PHE G 95 -22.59 19.06 -3.97
C PHE G 95 -21.38 19.99 -3.93
N ARG G 96 -20.96 20.31 -2.72
CA ARG G 96 -19.76 21.07 -2.42
C ARG G 96 -18.60 20.14 -2.25
N THR G 97 -17.46 20.53 -2.80
CA THR G 97 -16.24 19.75 -2.68
C THR G 97 -15.02 20.67 -2.72
N SER G 98 -13.98 20.25 -2.01
CA SER G 98 -12.71 20.91 -2.06
C SER G 98 -12.23 21.06 -3.51
N ALA G 99 -11.67 22.23 -3.82
CA ALA G 99 -11.13 22.52 -5.15
C ALA G 99 -9.89 21.71 -5.50
N ALA G 100 -9.20 21.15 -4.51
CA ALA G 100 -8.09 20.19 -4.77
C ALA G 100 -8.57 18.83 -5.34
N ASP G 101 -9.82 18.44 -5.08
CA ASP G 101 -10.42 17.20 -5.62
C ASP G 101 -10.67 17.25 -7.14
N ILE G 102 -10.69 18.45 -7.74
CA ILE G 102 -11.04 18.62 -9.14
C ILE G 102 -10.03 19.50 -9.87
N TRP G 103 -10.07 19.43 -11.17
CA TRP G 103 -9.33 20.36 -12.00
C TRP G 103 -10.05 21.70 -11.93
N THR G 104 -9.26 22.78 -11.91
CA THR G 104 -9.78 24.14 -12.02
C THR G 104 -8.94 24.89 -13.03
N PRO G 105 -9.55 25.87 -13.72
CA PRO G 105 -8.79 26.56 -14.76
C PRO G 105 -7.76 27.50 -14.15
N ASP G 106 -6.67 27.69 -14.88
CA ASP G 106 -5.50 28.46 -14.43
C ASP G 106 -5.64 29.97 -14.77
N ILE G 107 -6.75 30.59 -14.39
CA ILE G 107 -7.03 31.97 -14.77
C ILE G 107 -6.10 32.90 -13.99
N THR G 108 -5.42 33.77 -14.71
CA THR G 108 -4.29 34.56 -14.20
C THR G 108 -4.47 36.02 -14.64
N ALA G 109 -4.20 36.96 -13.74
CA ALA G 109 -4.12 38.37 -14.10
C ALA G 109 -2.79 38.60 -14.79
N TYR G 110 -2.81 39.30 -15.92
CA TYR G 110 -1.62 39.47 -16.75
C TYR G 110 -0.68 40.61 -16.35
N SER G 111 -1.11 41.50 -15.45
CA SER G 111 -0.29 42.61 -15.05
C SER G 111 -0.25 42.74 -13.53
N SER G 112 -0.29 41.61 -12.83
CA SER G 112 -0.12 41.62 -11.39
C SER G 112 1.33 41.89 -10.99
N THR G 113 1.51 42.47 -9.81
CA THR G 113 2.82 42.76 -9.26
C THR G 113 3.12 42.00 -7.96
N ARG G 114 2.17 41.25 -7.44
CA ARG G 114 2.34 40.43 -6.25
C ARG G 114 1.53 39.17 -6.44
N PRO G 115 1.89 38.09 -5.73
CA PRO G 115 0.96 36.94 -5.75
C PRO G 115 -0.44 37.33 -5.22
N VAL G 116 -1.47 36.79 -5.84
CA VAL G 116 -2.83 37.01 -5.41
CA VAL G 116 -2.82 37.03 -5.38
C VAL G 116 -3.02 36.42 -4.01
N GLN G 117 -3.75 37.13 -3.16
CA GLN G 117 -4.09 36.64 -1.84
C GLN G 117 -5.52 36.10 -1.88
N VAL G 118 -5.69 34.93 -1.29
CA VAL G 118 -6.96 34.22 -1.33
C VAL G 118 -7.72 34.55 -0.07
N LEU G 119 -8.96 35.01 -0.23
CA LEU G 119 -9.77 35.46 0.88
C LEU G 119 -10.97 34.58 1.15
N SER G 120 -11.18 33.52 0.38
CA SER G 120 -12.31 32.63 0.60
C SER G 120 -11.83 31.17 0.58
N PRO G 121 -12.61 30.25 1.17
CA PRO G 121 -12.25 28.83 1.15
C PRO G 121 -12.24 28.24 -0.27
N GLN G 122 -11.35 27.28 -0.50
CA GLN G 122 -11.13 26.71 -1.81
C GLN G 122 -12.11 25.55 -1.99
N ILE G 123 -13.36 25.91 -2.21
CA ILE G 123 -14.46 24.96 -2.27
C ILE G 123 -15.30 25.35 -3.47
N ALA G 124 -15.64 24.37 -4.30
CA ALA G 124 -16.47 24.56 -5.49
C ALA G 124 -17.78 23.77 -5.36
N VAL G 125 -18.72 24.06 -6.26
CA VAL G 125 -19.99 23.36 -6.31
C VAL G 125 -20.15 22.69 -7.65
N VAL G 126 -20.37 21.37 -7.61
CA VAL G 126 -20.57 20.55 -8.80
C VAL G 126 -22.04 20.17 -8.90
N THR G 127 -22.59 20.31 -10.10
CA THR G 127 -24.01 20.02 -10.39
C THR G 127 -24.11 18.79 -11.31
N HIS G 128 -25.23 18.07 -11.22
CA HIS G 128 -25.43 16.75 -11.87
C HIS G 128 -25.25 16.71 -13.38
N ASP G 129 -25.49 17.84 -14.05
CA ASP G 129 -25.16 17.98 -15.49
C ASP G 129 -23.66 18.09 -15.80
N GLY G 130 -22.80 18.08 -14.79
CA GLY G 130 -21.35 18.17 -14.98
C GLY G 130 -20.80 19.59 -14.89
N SER G 131 -21.64 20.56 -14.55
CA SER G 131 -21.18 21.93 -14.47
C SER G 131 -20.59 22.22 -13.09
N VAL G 132 -19.57 23.06 -13.08
CA VAL G 132 -18.84 23.40 -11.87
C VAL G 132 -18.91 24.91 -11.70
N MET G 133 -19.15 25.37 -10.49
CA MET G 133 -19.02 26.77 -10.18
C MET G 133 -18.02 26.99 -9.07
N PHE G 134 -17.12 27.95 -9.27
CA PHE G 134 -16.05 28.23 -8.30
C PHE G 134 -15.90 29.75 -8.20
N ILE G 135 -16.00 30.29 -6.98
CA ILE G 135 -16.08 31.75 -6.80
C ILE G 135 -15.06 32.23 -5.78
N PRO G 136 -13.77 32.24 -6.15
CA PRO G 136 -12.73 32.70 -5.24
C PRO G 136 -12.74 34.22 -5.03
N ALA G 137 -12.66 34.64 -3.77
CA ALA G 137 -12.44 36.04 -3.42
C ALA G 137 -10.94 36.28 -3.33
N GLN G 138 -10.50 37.41 -3.85
CA GLN G 138 -9.08 37.67 -4.05
C GLN G 138 -8.75 39.12 -3.74
N ARG G 139 -7.50 39.33 -3.34
CA ARG G 139 -6.93 40.66 -3.36
C ARG G 139 -5.78 40.67 -4.33
N LEU G 140 -5.81 41.61 -5.26
CA LEU G 140 -4.87 41.71 -6.37
C LEU G 140 -4.18 43.07 -6.37
N SER G 141 -2.86 43.09 -6.45
CA SER G 141 -2.07 44.27 -6.78
C SER G 141 -1.71 44.21 -8.24
N PHE G 142 -2.01 45.27 -8.99
CA PHE G 142 -1.68 45.31 -10.41
C PHE G 142 -1.23 46.70 -10.88
N MET G 143 -0.65 46.73 -12.08
CA MET G 143 -0.05 47.91 -12.67
C MET G 143 -1.10 48.91 -13.12
N CYS G 144 -1.02 50.11 -12.57
CA CYS G 144 -2.00 51.14 -12.82
C CYS G 144 -1.46 52.48 -12.33
N ASP G 145 -1.49 53.49 -13.20
CA ASP G 145 -1.11 54.85 -12.86
C ASP G 145 -2.32 55.61 -12.30
N PRO G 146 -2.29 55.94 -10.99
CA PRO G 146 -3.42 56.64 -10.38
C PRO G 146 -3.35 58.18 -10.42
N THR G 147 -2.38 58.75 -11.12
CA THR G 147 -2.29 60.20 -11.30
C THR G 147 -3.59 60.76 -11.90
N GLY G 148 -4.20 61.73 -11.20
CA GLY G 148 -5.49 62.30 -11.58
C GLY G 148 -6.67 61.71 -10.85
N VAL G 149 -6.43 60.80 -9.92
CA VAL G 149 -7.51 60.12 -9.21
C VAL G 149 -8.31 61.11 -8.35
N ASP G 150 -7.64 62.15 -7.89
CA ASP G 150 -8.28 63.21 -7.09
C ASP G 150 -9.01 64.29 -7.92
N SER G 151 -9.23 64.07 -9.21
CA SER G 151 -9.92 65.04 -10.05
C SER G 151 -11.34 64.56 -10.30
N GLU G 152 -12.11 65.38 -11.02
CA GLU G 152 -13.50 65.07 -11.33
C GLU G 152 -13.62 63.95 -12.40
N GLU G 153 -12.66 63.90 -13.32
CA GLU G 153 -12.68 62.93 -14.41
C GLU G 153 -12.19 61.53 -14.00
N GLY G 154 -11.32 61.48 -13.00
CA GLY G 154 -10.80 60.23 -12.47
C GLY G 154 -9.71 59.60 -13.31
N VAL G 155 -9.45 58.33 -13.06
CA VAL G 155 -8.49 57.55 -13.83
C VAL G 155 -9.13 56.27 -14.29
N THR G 156 -8.58 55.73 -15.34
CA THR G 156 -9.03 54.45 -15.87
C THR G 156 -7.88 53.48 -15.72
N CYS G 157 -8.19 52.27 -15.29
N CYS G 157 -8.19 52.27 -15.29
CA CYS G 157 -7.20 51.20 -15.26
CA CYS G 157 -7.19 51.21 -15.24
C CYS G 157 -7.80 49.90 -15.75
C CYS G 157 -7.80 49.90 -15.75
N ALA G 158 -6.92 49.02 -16.22
CA ALA G 158 -7.33 47.80 -16.91
C ALA G 158 -6.43 46.64 -16.57
N VAL G 159 -7.02 45.46 -16.46
CA VAL G 159 -6.23 44.26 -16.27
C VAL G 159 -6.89 43.09 -16.98
N LYS G 160 -6.08 42.32 -17.70
CA LYS G 160 -6.53 41.18 -18.47
C LYS G 160 -6.46 39.90 -17.65
N PHE G 161 -7.53 39.12 -17.68
CA PHE G 161 -7.56 37.82 -17.02
C PHE G 161 -7.69 36.73 -18.07
N GLY G 162 -6.80 35.74 -18.04
CA GLY G 162 -6.87 34.61 -18.95
C GLY G 162 -6.01 33.45 -18.52
N SER G 163 -6.09 32.37 -19.27
CA SER G 163 -5.22 31.23 -19.03
C SER G 163 -3.80 31.66 -19.31
N TRP G 164 -2.89 31.23 -18.47
CA TRP G 164 -1.47 31.47 -18.69
C TRP G 164 -0.88 30.50 -19.73
N VAL G 165 -1.34 29.24 -19.73
CA VAL G 165 -0.71 28.19 -20.54
C VAL G 165 -1.54 27.62 -21.68
N TYR G 166 -2.86 27.81 -21.67
CA TYR G 166 -3.70 27.29 -22.73
C TYR G 166 -4.11 28.38 -23.69
N SER G 167 -3.94 28.12 -24.98
CA SER G 167 -4.38 29.02 -26.04
C SER G 167 -5.87 28.88 -26.26
N GLY G 168 -6.38 29.71 -27.16
CA GLY G 168 -7.78 29.66 -27.60
C GLY G 168 -8.27 28.34 -28.19
N PHE G 169 -7.35 27.51 -28.68
CA PHE G 169 -7.69 26.17 -29.15
C PHE G 169 -8.03 25.16 -28.04
N GLU G 170 -7.64 25.43 -26.78
CA GLU G 170 -8.04 24.58 -25.67
C GLU G 170 -9.01 25.23 -24.69
N ILE G 171 -8.79 26.50 -24.36
CA ILE G 171 -9.68 27.23 -23.46
C ILE G 171 -10.18 28.47 -24.15
N ASP G 172 -11.49 28.60 -24.24
CA ASP G 172 -12.14 29.84 -24.65
C ASP G 172 -12.82 30.46 -23.42
N LEU G 173 -13.02 31.78 -23.44
CA LEU G 173 -13.69 32.48 -22.37
C LEU G 173 -14.90 33.19 -22.88
N LYS G 174 -15.88 33.41 -22.02
CA LYS G 174 -16.98 34.32 -22.31
C LYS G 174 -17.47 34.97 -21.02
N THR G 175 -18.27 36.02 -21.18
CA THR G 175 -18.98 36.64 -20.07
C THR G 175 -20.49 36.49 -20.31
N ASP G 176 -21.29 36.49 -19.26
CA ASP G 176 -22.76 36.57 -19.38
C ASP G 176 -23.25 38.00 -19.59
N THR G 177 -22.54 38.95 -19.01
CA THR G 177 -22.83 40.38 -19.17
C THR G 177 -21.50 41.12 -19.27
N ASP G 178 -21.50 42.27 -19.92
CA ASP G 178 -20.32 43.16 -19.91
C ASP G 178 -20.24 44.14 -18.72
N GLN G 179 -21.27 44.18 -17.87
CA GLN G 179 -21.29 45.01 -16.67
C GLN G 179 -20.76 44.25 -15.48
N VAL G 180 -19.71 44.78 -14.87
CA VAL G 180 -19.21 44.28 -13.60
C VAL G 180 -20.27 44.52 -12.54
N ASP G 181 -20.48 43.55 -11.65
CA ASP G 181 -21.44 43.69 -10.58
C ASP G 181 -20.87 44.62 -9.48
N LEU G 182 -21.58 45.73 -9.25
CA LEU G 182 -21.20 46.73 -8.26
C LEU G 182 -22.10 46.79 -7.03
N SER G 183 -23.02 45.84 -6.89
CA SER G 183 -24.01 45.90 -5.81
C SER G 183 -23.46 45.54 -4.43
N SER G 184 -22.28 44.93 -4.36
CA SER G 184 -21.57 44.76 -3.07
C SER G 184 -20.41 45.74 -2.89
N TYR G 185 -20.32 46.79 -3.72
CA TYR G 185 -19.20 47.71 -3.59
C TYR G 185 -19.28 48.45 -2.25
N TYR G 186 -18.20 48.46 -1.51
CA TYR G 186 -18.15 49.12 -0.20
C TYR G 186 -18.47 50.62 -0.30
N ALA G 187 -19.58 51.00 0.31
CA ALA G 187 -20.13 52.37 0.25
C ALA G 187 -19.24 53.46 0.89
N SER G 188 -18.36 53.09 1.83
CA SER G 188 -17.44 54.07 2.43
C SER G 188 -15.99 53.89 1.98
N SER G 189 -15.78 53.28 0.81
CA SER G 189 -14.46 53.22 0.22
C SER G 189 -13.90 54.63 0.02
N LYS G 190 -12.58 54.75 0.06
CA LYS G 190 -11.92 55.96 -0.40
C LYS G 190 -12.22 56.31 -1.85
N TYR G 191 -12.53 55.33 -2.70
CA TYR G 191 -12.73 55.57 -4.13
C TYR G 191 -14.13 55.21 -4.54
N GLU G 192 -14.74 56.01 -5.41
CA GLU G 192 -16.00 55.63 -6.02
C GLU G 192 -15.79 55.18 -7.46
N ILE G 193 -16.65 54.27 -7.91
CA ILE G 193 -16.54 53.68 -9.23
C ILE G 193 -17.43 54.48 -10.17
N LEU G 194 -16.89 54.93 -11.28
CA LEU G 194 -17.66 55.62 -12.31
C LEU G 194 -18.19 54.64 -13.34
N SER G 195 -17.36 53.68 -13.74
CA SER G 195 -17.82 52.56 -14.56
C SER G 195 -16.89 51.36 -14.42
N ALA G 196 -17.42 50.20 -14.78
CA ALA G 196 -16.67 48.96 -14.68
C ALA G 196 -17.22 47.96 -15.66
N THR G 197 -16.39 47.57 -16.63
CA THR G 197 -16.76 46.63 -17.66
C THR G 197 -15.84 45.42 -17.71
N GLN G 198 -16.37 44.32 -18.26
CA GLN G 198 -15.65 43.07 -18.42
C GLN G 198 -15.94 42.56 -19.82
N THR G 199 -14.89 42.44 -20.64
CA THR G 199 -15.06 42.24 -22.07
C THR G 199 -14.07 41.22 -22.62
N ARG G 200 -14.58 40.24 -23.35
CA ARG G 200 -13.78 39.26 -24.06
C ARG G 200 -12.89 39.91 -25.11
N GLN G 201 -11.62 39.48 -25.20
CA GLN G 201 -10.67 39.89 -26.25
C GLN G 201 -9.80 38.72 -26.71
N VAL G 202 -9.23 38.87 -27.91
CA VAL G 202 -8.27 37.94 -28.47
C VAL G 202 -6.90 38.64 -28.53
N GLN G 203 -5.83 37.98 -28.08
CA GLN G 203 -4.48 38.55 -28.09
C GLN G 203 -3.49 37.62 -28.79
N HIS G 204 -2.47 38.21 -29.40
CA HIS G 204 -1.28 37.50 -29.88
C HIS G 204 -0.08 38.04 -29.10
N TYR G 205 0.83 37.16 -28.74
CA TYR G 205 2.01 37.53 -27.96
C TYR G 205 3.28 37.22 -28.75
N SER G 206 4.37 37.93 -28.47
CA SER G 206 5.68 37.71 -29.13
C SER G 206 6.23 36.28 -29.03
N CYS G 207 6.09 35.66 -27.88
CA CYS G 207 6.58 34.29 -27.64
C CYS G 207 5.97 33.19 -28.55
N CYS G 208 4.75 33.43 -29.06
CA CYS G 208 3.80 32.34 -29.32
C CYS G 208 2.90 32.65 -30.55
N PRO G 209 2.80 31.74 -31.53
CA PRO G 209 1.98 32.01 -32.76
C PRO G 209 0.43 31.92 -32.67
N GLU G 210 -0.11 31.38 -31.58
CA GLU G 210 -1.56 31.02 -31.50
C GLU G 210 -2.32 32.08 -30.67
N PRO G 211 -3.61 32.31 -30.98
CA PRO G 211 -4.39 33.30 -30.19
C PRO G 211 -4.67 32.87 -28.73
N TYR G 212 -4.50 33.79 -27.79
CA TYR G 212 -4.90 33.59 -26.39
C TYR G 212 -6.15 34.43 -26.14
N ILE G 213 -7.06 33.94 -25.32
CA ILE G 213 -8.28 34.68 -25.00
C ILE G 213 -8.15 35.25 -23.59
N ASP G 214 -8.65 36.48 -23.40
CA ASP G 214 -8.75 37.04 -22.04
C ASP G 214 -10.04 37.81 -21.85
N VAL G 215 -10.34 38.13 -20.61
CA VAL G 215 -11.40 39.05 -20.29
C VAL G 215 -10.73 40.28 -19.68
N ASN G 216 -10.98 41.42 -20.31
CA ASN G 216 -10.40 42.70 -19.90
C ASN G 216 -11.33 43.42 -18.94
N LEU G 217 -10.85 43.61 -17.71
CA LEU G 217 -11.58 44.30 -16.66
C LEU G 217 -11.15 45.76 -16.69
N VAL G 218 -12.05 46.66 -17.07
CA VAL G 218 -11.74 48.09 -17.19
C VAL G 218 -12.52 48.85 -16.12
N VAL G 219 -11.81 49.54 -15.23
CA VAL G 219 -12.45 50.23 -14.10
C VAL G 219 -12.04 51.69 -14.11
N LYS G 220 -13.05 52.56 -14.07
CA LYS G 220 -12.84 53.98 -14.02
C LYS G 220 -13.29 54.47 -12.65
N PHE G 221 -12.41 55.18 -11.94
CA PHE G 221 -12.69 55.54 -10.56
C PHE G 221 -12.06 56.87 -10.16
N ARG G 222 -12.54 57.44 -9.06
CA ARG G 222 -11.95 58.65 -8.48
C ARG G 222 -12.10 58.69 -6.99
N GLU G 223 -11.42 59.63 -6.34
CA GLU G 223 -11.57 59.82 -4.88
C GLU G 223 -13.00 60.21 -4.53
N ARG G 224 -13.54 59.64 -3.47
CA ARG G 224 -14.93 59.90 -3.07
C ARG G 224 -15.14 61.37 -2.72
N ARG G 225 -16.24 61.93 -3.24
CA ARG G 225 -16.66 63.31 -2.97
C ARG G 225 -18.20 63.38 -2.79
N GLN H 20 -9.61 13.12 -23.79
CA GLN H 20 -9.26 12.80 -22.38
C GLN H 20 -8.57 11.45 -22.27
N ALA H 21 -9.19 10.40 -22.82
CA ALA H 21 -8.70 9.02 -22.66
C ALA H 21 -7.26 8.83 -23.15
N ASN H 22 -7.00 9.33 -24.35
CA ASN H 22 -5.66 9.25 -24.92
C ASN H 22 -4.62 10.01 -24.11
N LEU H 23 -4.99 11.19 -23.62
CA LEU H 23 -4.06 11.99 -22.81
C LEU H 23 -3.78 11.36 -21.44
N MET H 24 -4.81 10.86 -20.75
CA MET H 24 -4.63 10.15 -19.46
C MET H 24 -3.67 8.98 -19.61
N ARG H 25 -3.82 8.27 -20.71
CA ARG H 25 -2.99 7.14 -21.06
C ARG H 25 -1.54 7.56 -21.32
N LEU H 26 -1.34 8.60 -22.12
CA LEU H 26 -0.01 9.17 -22.36
C LEU H 26 0.69 9.62 -21.08
N LYS H 27 -0.02 10.34 -20.21
CA LYS H 27 0.58 10.82 -18.97
C LYS H 27 0.95 9.65 -18.04
N SER H 28 0.05 8.68 -17.96
CA SER H 28 0.33 7.45 -17.22
C SER H 28 1.60 6.73 -17.74
N ASP H 29 1.74 6.61 -19.05
CA ASP H 29 2.93 5.96 -19.62
C ASP H 29 4.24 6.74 -19.40
N LEU H 30 4.20 8.07 -19.41
CA LEU H 30 5.41 8.85 -19.18
C LEU H 30 5.80 8.99 -17.71
N PHE H 31 4.83 9.08 -16.80
CA PHE H 31 5.11 9.43 -15.39
C PHE H 31 4.93 8.30 -14.35
N ASN H 32 3.99 7.38 -14.55
CA ASN H 32 3.76 6.27 -13.59
C ASN H 32 4.63 5.05 -13.84
N ARG H 33 5.10 4.83 -15.06
CA ARG H 33 5.84 3.60 -15.42
C ARG H 33 7.34 3.61 -15.13
N SER H 34 7.92 4.76 -14.77
CA SER H 34 9.37 4.86 -14.56
C SER H 34 9.69 5.67 -13.29
N PRO H 35 10.96 5.65 -12.81
CA PRO H 35 11.35 6.68 -11.82
C PRO H 35 11.58 8.02 -12.53
N MET H 36 11.52 9.11 -11.76
CA MET H 36 11.67 10.45 -12.37
C MET H 36 13.10 10.63 -12.92
N TYR H 37 13.21 11.44 -13.96
CA TYR H 37 14.50 11.90 -14.48
C TYR H 37 15.31 12.48 -13.29
N PRO H 38 16.53 11.95 -13.04
CA PRO H 38 17.33 12.40 -11.91
C PRO H 38 18.17 13.66 -12.20
N GLY H 39 17.94 14.29 -13.35
CA GLY H 39 18.70 15.47 -13.77
C GLY H 39 19.87 15.11 -14.67
N PRO H 40 20.53 16.13 -15.24
CA PRO H 40 21.63 15.92 -16.17
C PRO H 40 22.91 15.48 -15.50
N THR H 41 23.78 14.86 -16.29
CA THR H 41 25.06 14.31 -15.82
C THR H 41 26.18 14.78 -16.78
N LYS H 42 27.44 14.53 -16.44
CA LYS H 42 28.55 14.80 -17.35
C LYS H 42 28.46 14.01 -18.66
N ASP H 43 27.95 12.78 -18.57
CA ASP H 43 27.73 11.91 -19.75
C ASP H 43 26.51 12.32 -20.59
N ASP H 44 25.45 12.83 -19.95
CA ASP H 44 24.22 13.26 -20.64
C ASP H 44 23.91 14.72 -20.24
N PRO H 45 24.73 15.67 -20.70
CA PRO H 45 24.50 17.07 -20.33
C PRO H 45 23.27 17.65 -21.02
N LEU H 46 22.87 18.83 -20.58
CA LEU H 46 21.63 19.44 -21.01
C LEU H 46 21.88 20.90 -21.31
N THR H 47 21.28 21.40 -22.38
CA THR H 47 21.32 22.80 -22.74
C THR H 47 19.95 23.39 -22.50
N VAL H 48 19.89 24.45 -21.68
CA VAL H 48 18.66 25.17 -21.42
C VAL H 48 18.71 26.49 -22.15
N THR H 49 17.68 26.79 -22.92
CA THR H 49 17.56 28.09 -23.58
C THR H 49 16.77 29.03 -22.69
N LEU H 50 17.30 30.23 -22.44
CA LEU H 50 16.62 31.28 -21.64
C LEU H 50 16.32 32.51 -22.45
N GLY H 51 15.19 33.14 -22.15
CA GLY H 51 14.86 34.45 -22.71
C GLY H 51 13.96 35.21 -21.77
N PHE H 52 14.17 36.53 -21.68
CA PHE H 52 13.40 37.38 -20.78
C PHE H 52 12.43 38.29 -21.51
N THR H 53 11.27 38.47 -20.90
CA THR H 53 10.27 39.44 -21.34
C THR H 53 10.00 40.33 -20.13
N LEU H 54 10.45 41.57 -20.22
CA LEU H 54 10.42 42.49 -19.12
C LEU H 54 9.10 43.27 -19.12
N GLN H 55 8.36 43.21 -18.02
CA GLN H 55 7.06 43.86 -17.91
C GLN H 55 7.07 45.19 -17.17
N ASP H 56 7.84 45.31 -16.10
CA ASP H 56 7.82 46.53 -15.30
C ASP H 56 9.00 46.60 -14.37
N ILE H 57 9.58 47.78 -14.25
CA ILE H 57 10.43 48.07 -13.11
C ILE H 57 9.49 48.73 -12.12
N VAL H 58 9.19 48.02 -11.04
CA VAL H 58 8.11 48.40 -10.14
C VAL H 58 8.57 49.40 -9.13
N LYS H 59 9.71 49.14 -8.47
CA LYS H 59 10.30 50.16 -7.63
C LYS H 59 11.80 50.08 -7.47
N VAL H 60 12.37 51.25 -7.14
CA VAL H 60 13.76 51.35 -6.72
C VAL H 60 13.77 51.82 -5.26
N ASP H 61 14.69 51.29 -4.47
CA ASP H 61 14.89 51.74 -3.09
C ASP H 61 16.32 52.24 -3.02
N SER H 62 16.48 53.56 -3.01
CA SER H 62 17.81 54.18 -2.97
C SER H 62 18.44 54.12 -1.58
N SER H 63 17.68 53.83 -0.55
CA SER H 63 18.27 53.68 0.79
C SER H 63 18.91 52.29 1.02
N THR H 64 18.48 51.26 0.29
CA THR H 64 19.07 49.91 0.38
C THR H 64 19.73 49.38 -0.90
N ASN H 65 19.68 50.15 -1.99
CA ASN H 65 20.17 49.71 -3.30
C ASN H 65 19.57 48.35 -3.72
N GLU H 66 18.23 48.33 -3.77
CA GLU H 66 17.45 47.20 -4.26
C GLU H 66 16.52 47.73 -5.35
N VAL H 67 16.39 46.97 -6.44
CA VAL H 67 15.41 47.25 -7.49
C VAL H 67 14.52 46.02 -7.68
N ASP H 68 13.24 46.27 -7.96
CA ASP H 68 12.23 45.23 -8.15
C ASP H 68 11.75 45.17 -9.60
N LEU H 69 11.91 44.01 -10.25
CA LEU H 69 11.40 43.77 -11.60
C LEU H 69 10.29 42.77 -11.62
N VAL H 70 9.40 42.94 -12.58
CA VAL H 70 8.42 41.95 -12.93
C VAL H 70 8.69 41.55 -14.36
N TYR H 71 8.85 40.25 -14.58
CA TYR H 71 9.19 39.71 -15.89
C TYR H 71 8.67 38.29 -16.00
N TYR H 72 8.69 37.76 -17.22
CA TYR H 72 8.61 36.34 -17.36
C TYR H 72 9.78 35.78 -18.15
N GLU H 73 10.16 34.57 -17.75
CA GLU H 73 11.40 33.97 -18.13
C GLU H 73 11.05 32.71 -18.91
N GLN H 74 11.32 32.69 -20.21
CA GLN H 74 11.08 31.51 -21.01
C GLN H 74 12.24 30.52 -20.84
N GLN H 75 11.93 29.29 -20.46
CA GLN H 75 12.92 28.21 -20.26
C GLN H 75 12.57 27.05 -21.17
N ARG H 76 13.57 26.51 -21.86
CA ARG H 76 13.34 25.44 -22.83
C ARG H 76 14.48 24.43 -22.80
N TRP H 77 14.13 23.15 -22.69
CA TRP H 77 15.10 22.06 -22.72
C TRP H 77 14.45 20.83 -23.37
N LYS H 78 15.23 19.75 -23.55
CA LYS H 78 14.80 18.57 -24.31
C LYS H 78 15.33 17.30 -23.70
N LEU H 79 14.46 16.32 -23.47
CA LEU H 79 14.83 15.03 -22.89
C LEU H 79 14.33 13.89 -23.74
N ASN H 80 15.16 12.85 -23.91
CA ASN H 80 14.73 11.62 -24.59
C ASN H 80 13.59 10.89 -23.85
N SER H 81 13.62 10.89 -22.52
CA SER H 81 12.61 10.18 -21.74
C SER H 81 11.17 10.75 -21.81
N LEU H 82 11.00 11.92 -22.44
CA LEU H 82 9.69 12.50 -22.66
C LEU H 82 9.21 12.42 -24.11
N MET H 83 9.89 11.64 -24.94
CA MET H 83 9.45 11.42 -26.33
C MET H 83 8.25 10.47 -26.40
N TRP H 84 7.39 10.68 -27.39
CA TRP H 84 6.38 9.70 -27.75
C TRP H 84 6.01 9.83 -29.22
N ASP H 85 5.43 8.77 -29.76
CA ASP H 85 4.93 8.75 -31.14
C ASP H 85 3.46 9.22 -31.11
N PRO H 86 3.14 10.34 -31.78
CA PRO H 86 1.74 10.80 -31.73
C PRO H 86 0.68 9.79 -32.18
N ASN H 87 1.02 8.92 -33.14
CA ASN H 87 0.04 7.95 -33.68
C ASN H 87 -0.43 6.91 -32.67
N GLU H 88 0.42 6.55 -31.71
CA GLU H 88 0.03 5.67 -30.60
C GLU H 88 -0.86 6.32 -29.52
N TYR H 89 -1.13 7.63 -29.64
CA TYR H 89 -1.86 8.38 -28.62
C TYR H 89 -2.81 9.42 -29.24
N GLY H 90 -3.57 9.00 -30.25
CA GLY H 90 -4.61 9.84 -30.85
C GLY H 90 -4.16 11.15 -31.45
N ASN H 91 -2.96 11.18 -32.01
CA ASN H 91 -2.35 12.38 -32.63
C ASN H 91 -2.10 13.57 -31.69
N ILE H 92 -1.94 13.30 -30.40
CA ILE H 92 -1.53 14.33 -29.44
C ILE H 92 -0.07 14.68 -29.70
N THR H 93 0.18 15.95 -30.03
CA THR H 93 1.53 16.47 -30.29
C THR H 93 2.16 17.17 -29.08
N ASP H 94 1.32 17.63 -28.13
CA ASP H 94 1.80 18.26 -26.91
C ASP H 94 0.76 18.23 -25.79
N PHE H 95 1.22 18.45 -24.58
CA PHE H 95 0.31 18.59 -23.47
C PHE H 95 0.84 19.48 -22.34
N ARG H 96 -0.10 20.00 -21.57
CA ARG H 96 0.17 20.78 -20.37
C ARG H 96 0.20 19.87 -19.18
N THR H 97 1.14 20.12 -18.30
CA THR H 97 1.27 19.34 -17.07
C THR H 97 1.87 20.19 -15.96
N SER H 98 1.47 19.88 -14.75
CA SER H 98 2.03 20.48 -13.57
C SER H 98 3.58 20.35 -13.58
N ALA H 99 4.26 21.42 -13.19
CA ALA H 99 5.72 21.42 -13.11
C ALA H 99 6.29 20.50 -12.00
N ALA H 100 5.47 20.13 -11.02
CA ALA H 100 5.86 19.11 -10.02
C ALA H 100 5.97 17.68 -10.62
N ASP H 101 5.27 17.39 -11.71
CA ASP H 101 5.35 16.08 -12.39
C ASP H 101 6.69 15.85 -13.12
N ILE H 102 7.46 16.90 -13.36
CA ILE H 102 8.68 16.81 -14.15
C ILE H 102 9.85 17.50 -13.46
N TRP H 103 11.04 17.17 -13.91
CA TRP H 103 12.22 17.89 -13.51
C TRP H 103 12.20 19.24 -14.22
N THR H 104 12.63 20.28 -13.50
CA THR H 104 12.83 21.60 -14.08
C THR H 104 14.19 22.11 -13.64
N PRO H 105 14.83 22.95 -14.47
CA PRO H 105 16.17 23.40 -14.11
C PRO H 105 16.11 24.42 -12.97
N ASP H 106 17.17 24.43 -12.17
CA ASP H 106 17.26 25.24 -10.95
C ASP H 106 17.83 26.65 -11.23
N ILE H 107 17.23 27.37 -12.17
CA ILE H 107 17.76 28.66 -12.61
C ILE H 107 17.51 29.68 -11.51
N THR H 108 18.57 30.39 -11.13
CA THR H 108 18.62 31.22 -9.93
C THR H 108 19.25 32.56 -10.29
N ALA H 109 18.67 33.66 -9.78
CA ALA H 109 19.31 34.98 -9.87
C ALA H 109 20.42 35.03 -8.84
N TYR H 110 21.60 35.50 -9.25
CA TYR H 110 22.78 35.47 -8.39
C TYR H 110 22.94 36.64 -7.42
N SER H 111 22.15 37.69 -7.55
CA SER H 111 22.24 38.84 -6.69
C SER H 111 20.87 39.26 -6.17
N SER H 112 20.00 38.29 -5.95
CA SER H 112 18.71 38.57 -5.34
C SER H 112 18.86 38.88 -3.85
N THR H 113 17.93 39.67 -3.33
CA THR H 113 17.87 40.02 -1.91
C THR H 113 16.63 39.50 -1.20
N ARG H 114 15.70 38.88 -1.93
CA ARG H 114 14.49 38.29 -1.33
C ARG H 114 14.19 37.03 -2.12
N PRO H 115 13.45 36.08 -1.53
CA PRO H 115 12.94 34.99 -2.38
C PRO H 115 12.07 35.52 -3.52
N VAL H 116 12.21 34.92 -4.70
CA VAL H 116 11.43 35.28 -5.86
C VAL H 116 9.95 34.98 -5.58
N GLN H 117 9.07 35.87 -6.02
CA GLN H 117 7.65 35.66 -5.90
C GLN H 117 7.11 35.19 -7.24
N VAL H 118 6.28 34.16 -7.17
CA VAL H 118 5.77 33.49 -8.36
C VAL H 118 4.42 34.09 -8.69
N LEU H 119 4.26 34.55 -9.92
CA LEU H 119 3.05 35.24 -10.34
C LEU H 119 2.24 34.47 -11.36
N SER H 120 2.68 33.28 -11.77
CA SER H 120 1.94 32.49 -12.74
C SER H 120 1.83 31.04 -12.25
N PRO H 121 0.84 30.28 -12.77
CA PRO H 121 0.71 28.86 -12.39
C PRO H 121 1.94 28.02 -12.82
N GLN H 122 2.25 27.01 -12.04
CA GLN H 122 3.42 26.18 -12.21
C GLN H 122 3.06 25.04 -13.15
N ILE H 123 2.94 25.38 -14.43
CA ILE H 123 2.45 24.48 -15.45
C ILE H 123 3.38 24.65 -16.64
N ALA H 124 3.86 23.53 -17.18
CA ALA H 124 4.73 23.51 -18.36
C ALA H 124 4.05 22.80 -19.53
N VAL H 125 4.63 22.93 -20.71
CA VAL H 125 4.14 22.28 -21.91
C VAL H 125 5.21 21.35 -22.47
N VAL H 126 4.85 20.08 -22.61
CA VAL H 126 5.74 19.05 -23.15
C VAL H 126 5.28 18.70 -24.56
N THR H 127 6.24 18.62 -25.48
CA THR H 127 5.99 18.33 -26.90
C THR H 127 6.58 16.93 -27.24
N HIS H 128 5.99 16.29 -28.25
CA HIS H 128 6.28 14.88 -28.61
C HIS H 128 7.73 14.54 -28.91
N ASP H 129 8.50 15.51 -29.39
CA ASP H 129 9.96 15.36 -29.55
C ASP H 129 10.75 15.37 -28.24
N GLY H 130 10.09 15.53 -27.09
CA GLY H 130 10.76 15.54 -25.79
C GLY H 130 11.13 16.93 -25.29
N SER H 131 10.72 17.97 -26.01
CA SER H 131 11.06 19.32 -25.59
C SER H 131 10.02 19.84 -24.60
N VAL H 132 10.50 20.64 -23.65
CA VAL H 132 9.67 21.18 -22.59
C VAL H 132 9.79 22.70 -22.64
N MET H 133 8.68 23.40 -22.51
CA MET H 133 8.70 24.83 -22.34
C MET H 133 8.03 25.23 -21.05
N PHE H 134 8.69 26.11 -20.28
CA PHE H 134 8.18 26.53 -18.98
C PHE H 134 8.43 28.05 -18.86
N ILE H 135 7.37 28.82 -18.61
CA ILE H 135 7.44 30.28 -18.66
C ILE H 135 6.92 30.93 -17.39
N PRO H 136 7.67 30.81 -16.29
CA PRO H 136 7.22 31.42 -15.03
C PRO H 136 7.33 32.96 -15.02
N ALA H 137 6.29 33.61 -14.54
CA ALA H 137 6.30 35.04 -14.28
C ALA H 137 6.75 35.25 -12.84
N GLN H 138 7.59 36.24 -12.63
CA GLN H 138 8.26 36.41 -11.37
C GLN H 138 8.39 37.88 -11.00
N ARG H 139 8.46 38.13 -9.70
CA ARG H 139 8.91 39.41 -9.21
C ARG H 139 10.19 39.19 -8.43
N LEU H 140 11.22 39.93 -8.80
CA LEU H 140 12.56 39.78 -8.25
C LEU H 140 13.06 41.10 -7.65
N SER H 141 13.54 41.05 -6.41
CA SER H 141 14.34 42.15 -5.82
C SER H 141 15.81 41.78 -5.94
N PHE H 142 16.61 42.67 -6.49
CA PHE H 142 18.03 42.42 -6.63
C PHE H 142 18.87 43.68 -6.39
N MET H 143 20.18 43.46 -6.21
CA MET H 143 21.15 44.49 -5.87
C MET H 143 21.42 45.41 -7.04
N CYS H 144 21.17 46.69 -6.83
CA CYS H 144 21.31 47.70 -7.89
C CYS H 144 21.28 49.09 -7.26
N ASP H 145 22.28 49.90 -7.59
CA ASP H 145 22.37 51.29 -7.16
C ASP H 145 21.63 52.18 -8.16
N PRO H 146 20.47 52.77 -7.76
CA PRO H 146 19.69 53.59 -8.65
C PRO H 146 20.05 55.09 -8.67
N THR H 147 21.12 55.50 -7.99
CA THR H 147 21.60 56.87 -8.03
C THR H 147 21.85 57.34 -9.47
N GLY H 148 21.19 58.45 -9.85
CA GLY H 148 21.26 58.97 -11.21
C GLY H 148 20.08 58.58 -12.09
N VAL H 149 19.11 57.85 -11.53
CA VAL H 149 17.97 57.38 -12.30
C VAL H 149 17.12 58.53 -12.83
N ASP H 150 17.10 59.62 -12.09
CA ASP H 150 16.38 60.84 -12.45
C ASP H 150 17.12 61.76 -13.44
N SER H 151 18.19 61.30 -14.05
CA SER H 151 18.94 62.10 -15.01
C SER H 151 18.62 61.64 -16.42
N GLU H 152 19.19 62.30 -17.41
CA GLU H 152 18.95 61.99 -18.82
C GLU H 152 19.70 60.71 -19.25
N GLU H 153 20.85 60.44 -18.62
CA GLU H 153 21.67 59.28 -18.96
C GLU H 153 21.18 57.98 -18.31
N GLY H 154 20.51 58.09 -17.17
CA GLY H 154 19.95 56.95 -16.46
C GLY H 154 20.97 56.13 -15.67
N VAL H 155 20.57 54.92 -15.30
CA VAL H 155 21.44 53.98 -14.61
C VAL H 155 21.39 52.65 -15.33
N THR H 156 22.44 51.88 -15.11
CA THR H 156 22.55 50.55 -15.65
C THR H 156 22.58 49.60 -14.48
N CYS H 157 21.85 48.50 -14.60
N CYS H 157 21.85 48.49 -14.59
CA CYS H 157 21.90 47.43 -13.60
CA CYS H 157 21.89 47.45 -13.59
C CYS H 157 21.90 46.08 -14.27
C CYS H 157 21.91 46.08 -14.27
N ALA H 158 22.44 45.09 -13.56
CA ALA H 158 22.72 43.78 -14.13
C ALA H 158 22.46 42.68 -13.12
N VAL H 159 21.93 41.56 -13.60
CA VAL H 159 21.76 40.40 -12.75
C VAL H 159 22.00 39.13 -13.56
N LYS H 160 22.78 38.22 -12.99
CA LYS H 160 23.13 36.96 -13.63
C LYS H 160 22.15 35.86 -13.25
N PHE H 161 21.69 35.11 -14.25
CA PHE H 161 20.81 33.97 -14.03
C PHE H 161 21.54 32.70 -14.46
N GLY H 162 21.58 31.71 -13.58
N GLY H 162 21.58 31.71 -13.58
CA GLY H 162 22.23 30.43 -13.87
CA GLY H 162 22.23 30.43 -13.87
C GLY H 162 21.85 29.35 -12.90
C GLY H 162 21.84 29.35 -12.91
N SER H 163 22.28 28.12 -13.19
CA SER H 163 22.14 27.04 -12.25
C SER H 163 22.95 27.36 -11.01
N TRP H 164 22.38 27.08 -9.85
CA TRP H 164 23.09 27.23 -8.59
C TRP H 164 24.04 26.06 -8.33
N VAL H 165 23.66 24.85 -8.72
CA VAL H 165 24.40 23.65 -8.35
C VAL H 165 25.08 22.89 -9.47
N TYR H 166 24.70 23.10 -10.71
CA TYR H 166 25.31 22.40 -11.84
C TYR H 166 26.29 23.31 -12.57
N SER H 167 27.49 22.80 -12.80
CA SER H 167 28.50 23.49 -13.59
C SER H 167 28.21 23.37 -15.07
N GLY H 168 29.04 24.02 -15.87
CA GLY H 168 28.99 23.95 -17.33
C GLY H 168 29.13 22.55 -17.94
N PHE H 169 29.71 21.61 -17.20
CA PHE H 169 29.79 20.21 -17.63
C PHE H 169 28.46 19.46 -17.56
N GLU H 170 27.46 19.95 -16.80
CA GLU H 170 26.13 19.33 -16.79
C GLU H 170 25.05 20.19 -17.42
N ILE H 171 25.06 21.50 -17.15
CA ILE H 171 24.07 22.41 -17.72
C ILE H 171 24.79 23.52 -18.45
N ASP H 172 24.49 23.67 -19.73
CA ASP H 172 24.90 24.80 -20.52
C ASP H 172 23.66 25.69 -20.79
N LEU H 173 23.87 26.97 -21.02
CA LEU H 173 22.80 27.90 -21.33
C LEU H 173 23.04 28.55 -22.67
N LYS H 174 21.96 28.96 -23.33
CA LYS H 174 22.05 29.81 -24.50
C LYS H 174 20.83 30.70 -24.58
N THR H 175 20.92 31.73 -25.42
CA THR H 175 19.79 32.58 -25.77
C THR H 175 19.52 32.43 -27.28
N ASP H 176 18.28 32.69 -27.69
CA ASP H 176 17.95 32.77 -29.13
C ASP H 176 18.29 34.13 -29.73
N THR H 177 18.17 35.18 -28.92
CA THR H 177 18.51 36.54 -29.28
C THR H 177 19.16 37.20 -28.07
N ASP H 178 19.99 38.21 -28.30
CA ASP H 178 20.51 39.04 -27.21
C ASP H 178 19.62 40.23 -26.80
N GLN H 179 18.53 40.46 -27.51
CA GLN H 179 17.57 41.51 -27.17
C GLN H 179 16.47 40.98 -26.28
N VAL H 180 16.34 41.59 -25.11
CA VAL H 180 15.22 41.33 -24.21
C VAL H 180 13.95 41.82 -24.89
N ASP H 181 12.87 41.04 -24.77
CA ASP H 181 11.59 41.43 -25.33
C ASP H 181 10.95 42.55 -24.50
N LEU H 182 10.72 43.70 -25.12
CA LEU H 182 10.13 44.87 -24.46
C LEU H 182 8.72 45.19 -24.94
N SER H 183 8.11 44.34 -25.74
CA SER H 183 6.80 44.64 -26.33
C SER H 183 5.62 44.54 -25.36
N SER H 184 5.82 43.91 -24.19
CA SER H 184 4.82 43.96 -23.12
C SER H 184 5.20 44.93 -21.98
N TYR H 185 6.19 45.80 -22.19
CA TYR H 185 6.61 46.69 -21.12
C TYR H 185 5.49 47.68 -20.82
N TYR H 186 5.15 47.81 -19.55
CA TYR H 186 4.09 48.69 -19.11
C TYR H 186 4.37 50.16 -19.50
N ALA H 187 3.50 50.70 -20.36
CA ALA H 187 3.66 52.04 -20.93
C ALA H 187 3.56 53.20 -19.91
N SER H 188 2.91 53.00 -18.78
CA SER H 188 2.84 54.04 -17.74
C SER H 188 3.68 53.72 -16.51
N SER H 189 4.71 52.89 -16.67
CA SER H 189 5.67 52.68 -15.60
C SER H 189 6.31 54.00 -15.18
N LYS H 190 6.73 54.08 -13.94
CA LYS H 190 7.61 55.17 -13.50
C LYS H 190 8.91 55.24 -14.28
N TYR H 191 9.41 54.12 -14.81
CA TYR H 191 10.72 54.08 -15.48
C TYR H 191 10.57 53.67 -16.92
N GLU H 192 11.33 54.31 -17.81
CA GLU H 192 11.41 53.87 -19.19
C GLU H 192 12.73 53.15 -19.44
N ILE H 193 12.71 52.19 -20.35
CA ILE H 193 13.85 51.36 -20.64
C ILE H 193 14.59 51.96 -21.82
N LEU H 194 15.88 52.17 -21.67
CA LEU H 194 16.73 52.66 -22.76
C LEU H 194 17.32 51.51 -23.55
N SER H 195 17.77 50.46 -22.85
CA SER H 195 18.15 49.21 -23.49
C SER H 195 18.08 48.04 -22.52
N ALA H 196 18.01 46.84 -23.08
CA ALA H 196 17.91 45.63 -22.30
C ALA H 196 18.47 44.47 -23.10
N THR H 197 19.56 43.89 -22.60
CA THR H 197 20.21 42.77 -23.26
C THR H 197 20.32 41.54 -22.36
N GLN H 198 20.44 40.39 -22.99
CA GLN H 198 20.58 39.09 -22.32
C GLN H 198 21.68 38.33 -23.01
N THR H 199 22.75 38.02 -22.27
CA THR H 199 23.99 37.54 -22.87
C THR H 199 24.61 36.41 -22.07
N ARG H 200 24.94 35.32 -22.77
CA ARG H 200 25.67 34.19 -22.19
C ARG H 200 27.06 34.61 -21.69
N GLN H 201 27.45 34.13 -20.51
CA GLN H 201 28.81 34.30 -19.96
C GLN H 201 29.29 33.04 -19.23
N VAL H 202 30.61 32.93 -19.10
CA VAL H 202 31.26 31.87 -18.33
C VAL H 202 31.89 32.49 -17.08
N GLN H 203 31.66 31.90 -15.90
CA GLN H 203 32.21 32.43 -14.63
C GLN H 203 32.98 31.35 -13.86
N HIS H 204 33.98 31.79 -13.10
CA HIS H 204 34.65 30.96 -12.09
C HIS H 204 34.39 31.58 -10.74
N TYR H 205 34.18 30.75 -9.73
CA TYR H 205 33.90 31.22 -8.37
C TYR H 205 34.98 30.71 -7.42
N SER H 206 35.21 31.43 -6.32
CA SER H 206 36.22 31.06 -5.30
C SER H 206 36.04 29.66 -4.69
N CYS H 207 34.80 29.28 -4.41
CA CYS H 207 34.48 27.97 -3.82
C CYS H 207 34.87 26.74 -4.66
N CYS H 208 34.98 26.90 -5.97
CA CYS H 208 34.66 25.81 -6.91
C CYS H 208 35.54 25.89 -8.20
N PRO H 209 36.26 24.80 -8.57
CA PRO H 209 37.24 24.88 -9.70
C PRO H 209 36.70 24.85 -11.16
N GLU H 210 35.42 24.53 -11.37
CA GLU H 210 34.85 24.29 -12.70
C GLU H 210 34.06 25.52 -13.19
N PRO H 211 33.99 25.75 -14.52
CA PRO H 211 33.20 26.88 -15.04
C PRO H 211 31.67 26.74 -14.84
N TYR H 212 31.02 27.82 -14.40
CA TYR H 212 29.56 27.90 -14.35
C TYR H 212 29.09 28.82 -15.47
N ILE H 213 27.93 28.53 -16.05
CA ILE H 213 27.39 29.35 -17.13
C ILE H 213 26.24 30.19 -16.58
N ASP H 214 26.13 31.44 -17.02
CA ASP H 214 24.95 32.27 -16.72
C ASP H 214 24.52 33.09 -17.90
N VAL H 215 23.33 33.66 -17.80
CA VAL H 215 22.87 34.66 -18.73
C VAL H 215 22.77 35.96 -17.95
N ASN H 216 23.48 36.97 -18.43
CA ASN H 216 23.54 38.28 -17.80
C ASN H 216 22.48 39.20 -18.40
N LEU H 217 21.53 39.62 -17.56
CA LEU H 217 20.46 40.51 -17.95
C LEU H 217 20.90 41.93 -17.59
N VAL H 218 21.14 42.78 -18.60
CA VAL H 218 21.64 44.14 -18.38
C VAL H 218 20.55 45.11 -18.82
N VAL H 219 20.08 45.95 -17.90
CA VAL H 219 18.98 46.87 -18.18
C VAL H 219 19.41 48.29 -17.85
N LYS H 220 19.23 49.17 -18.82
CA LYS H 220 19.53 50.57 -18.67
C LYS H 220 18.21 51.35 -18.68
N PHE H 221 17.97 52.15 -17.65
CA PHE H 221 16.68 52.80 -17.50
C PHE H 221 16.77 54.16 -16.82
N ARG H 222 15.70 54.94 -16.94
CA ARG H 222 15.60 56.22 -16.24
C ARG H 222 14.17 56.56 -15.91
N GLU H 223 13.97 57.59 -15.09
CA GLU H 223 12.61 58.06 -14.78
C GLU H 223 11.90 58.56 -16.03
N ARG H 224 10.63 58.23 -16.18
CA ARG H 224 9.80 58.69 -17.28
C ARG H 224 9.37 60.13 -16.98
N GLN I 20 21.62 8.43 -17.43
CA GLN I 20 20.41 8.35 -16.62
C GLN I 20 20.28 7.03 -15.87
N ALA I 21 20.41 5.92 -16.59
CA ALA I 21 20.14 4.57 -16.03
C ALA I 21 21.02 4.26 -14.81
N ASN I 22 22.32 4.51 -14.95
CA ASN I 22 23.25 4.29 -13.87
C ASN I 22 22.97 5.17 -12.65
N LEU I 23 22.63 6.43 -12.88
CA LEU I 23 22.31 7.33 -11.78
C LEU I 23 21.01 6.98 -11.06
N MET I 24 19.95 6.65 -11.81
CA MET I 24 18.67 6.20 -11.20
C MET I 24 18.88 4.99 -10.30
N ARG I 25 19.73 4.09 -10.76
CA ARG I 25 20.09 2.89 -10.04
C ARG I 25 20.88 3.21 -8.76
N LEU I 26 21.88 4.07 -8.87
CA LEU I 26 22.63 4.54 -7.70
C LEU I 26 21.74 5.21 -6.65
N LYS I 27 20.86 6.10 -7.07
CA LYS I 27 19.97 6.79 -6.13
C LYS I 27 19.01 5.82 -5.46
N SER I 28 18.47 4.90 -6.24
CA SER I 28 17.64 3.83 -5.70
C SER I 28 18.38 2.99 -4.64
N ASP I 29 19.62 2.61 -4.90
CA ASP I 29 20.40 1.84 -3.94
C ASP I 29 20.75 2.60 -2.65
N LEU I 30 21.01 3.90 -2.74
CA LEU I 30 21.33 4.69 -1.54
C LEU I 30 20.09 5.08 -0.72
N PHE I 31 18.96 5.38 -1.36
CA PHE I 31 17.80 5.97 -0.66
C PHE I 31 16.57 5.06 -0.46
N ASN I 32 16.29 4.15 -1.39
CA ASN I 32 15.12 3.25 -1.27
C ASN I 32 15.39 1.97 -0.49
N ARG I 33 16.64 1.52 -0.41
CA ARG I 33 16.97 0.22 0.22
C ARG I 33 17.17 0.24 1.73
N SER I 34 17.23 1.41 2.35
CA SER I 34 17.48 1.51 3.80
C SER I 34 16.53 2.53 4.46
N PRO I 35 16.48 2.57 5.81
CA PRO I 35 15.86 3.76 6.46
C PRO I 35 16.82 4.95 6.39
N MET I 36 16.29 6.17 6.52
CA MET I 36 17.14 7.36 6.44
C MET I 36 18.12 7.41 7.63
N TYR I 37 19.29 8.00 7.38
CA TYR I 37 20.26 8.29 8.43
C TYR I 37 19.54 9.06 9.56
N PRO I 38 19.58 8.55 10.80
CA PRO I 38 18.86 9.19 11.90
C PRO I 38 19.66 10.33 12.57
N GLY I 39 20.78 10.74 11.98
CA GLY I 39 21.64 11.76 12.52
C GLY I 39 22.77 11.20 13.36
N PRO I 40 23.71 12.06 13.76
CA PRO I 40 24.88 11.65 14.52
C PRO I 40 24.57 11.29 15.96
N THR I 41 25.46 10.50 16.56
CA THR I 41 25.34 10.01 17.93
C THR I 41 26.66 10.23 18.65
N LYS I 42 26.70 10.01 19.95
CA LYS I 42 27.94 10.05 20.74
C LYS I 42 28.97 9.02 20.25
N ASP I 43 28.48 7.83 19.83
CA ASP I 43 29.34 6.78 19.26
C ASP I 43 29.81 7.05 17.84
N ASP I 44 28.98 7.71 17.02
CA ASP I 44 29.32 8.06 15.62
C ASP I 44 29.14 9.58 15.40
N PRO I 45 30.01 10.39 16.03
CA PRO I 45 29.87 11.84 15.89
C PRO I 45 30.25 12.31 14.50
N LEU I 46 29.96 13.57 14.22
CA LEU I 46 30.11 14.14 12.89
C LEU I 46 30.75 15.51 12.98
N THR I 47 31.65 15.80 12.06
CA THR I 47 32.25 17.13 11.96
C THR I 47 31.71 17.80 10.72
N VAL I 48 31.14 18.99 10.90
CA VAL I 48 30.66 19.80 9.79
C VAL I 48 31.61 20.96 9.58
N THR I 49 32.05 21.14 8.36
CA THR I 49 32.89 22.29 8.01
C THR I 49 31.99 23.43 7.51
N LEU I 50 32.16 24.63 8.06
CA LEU I 50 31.39 25.82 7.64
C LEU I 50 32.28 26.91 7.08
N GLY I 51 31.77 27.63 6.09
CA GLY I 51 32.43 28.81 5.57
C GLY I 51 31.42 29.78 4.99
N PHE I 52 31.64 31.07 5.17
CA PHE I 52 30.73 32.10 4.71
C PHE I 52 31.28 32.88 3.54
N THR I 53 30.38 33.23 2.62
CA THR I 53 30.65 34.11 1.51
C THR I 53 29.63 35.24 1.60
N LEU I 54 30.09 36.41 1.96
CA LEU I 54 29.23 37.54 2.25
C LEU I 54 28.97 38.34 0.98
N GLN I 55 27.71 38.52 0.62
CA GLN I 55 27.33 39.19 -0.62
C GLN I 55 26.90 40.65 -0.44
N ASP I 56 26.15 40.96 0.62
CA ASP I 56 25.65 42.31 0.80
C ASP I 56 25.14 42.52 2.20
N ILE I 57 25.43 43.70 2.75
CA ILE I 57 24.68 44.19 3.89
C ILE I 57 23.61 45.04 3.28
N VAL I 58 22.37 44.56 3.36
CA VAL I 58 21.27 45.16 2.60
C VAL I 58 20.70 46.35 3.34
N LYS I 59 20.38 46.17 4.61
CA LYS I 59 19.93 47.29 5.41
C LYS I 59 20.19 47.22 6.89
N VAL I 60 20.27 48.38 7.51
CA VAL I 60 20.35 48.52 8.96
C VAL I 60 19.11 49.26 9.44
N ASP I 61 18.57 48.87 10.58
CA ASP I 61 17.43 49.56 11.20
C ASP I 61 17.92 50.03 12.56
N SER I 62 18.21 51.33 12.66
CA SER I 62 18.71 51.90 13.91
C SER I 62 17.62 52.08 14.97
N SER I 63 16.35 52.02 14.58
CA SER I 63 15.28 52.12 15.57
C SER I 63 14.99 50.77 16.29
N THR I 64 15.35 49.63 15.69
CA THR I 64 15.19 48.31 16.32
C THR I 64 16.49 47.53 16.56
N ASN I 65 17.63 48.07 16.15
CA ASN I 65 18.91 47.37 16.20
C ASN I 65 18.86 45.97 15.54
N GLU I 66 18.48 45.98 14.26
CA GLU I 66 18.46 44.81 13.41
C GLU I 66 19.28 45.15 12.16
N VAL I 67 20.12 44.21 11.70
CA VAL I 67 20.82 44.32 10.42
C VAL I 67 20.48 43.13 9.55
N ASP I 68 20.40 43.33 8.23
CA ASP I 68 20.08 42.31 7.25
C ASP I 68 21.28 41.99 6.35
N LEU I 69 21.70 40.72 6.34
CA LEU I 69 22.76 40.24 5.44
C LEU I 69 22.25 39.28 4.42
N VAL I 70 22.92 39.28 3.28
CA VAL I 70 22.73 38.27 2.26
C VAL I 70 24.08 37.58 2.10
N TYR I 71 24.08 36.26 2.24
CA TYR I 71 25.30 35.47 2.16
C TYR I 71 24.97 34.06 1.69
N TYR I 72 26.00 33.32 1.33
CA TYR I 72 25.85 31.89 1.27
C TYR I 72 26.83 31.16 2.15
N GLU I 73 26.36 30.04 2.66
CA GLU I 73 26.99 29.33 3.72
C GLU I 73 27.37 27.94 3.19
N GLN I 74 28.65 27.68 3.05
CA GLN I 74 29.12 26.38 2.58
C GLN I 74 29.14 25.40 3.75
N GLN I 75 28.45 24.27 3.60
CA GLN I 75 28.36 23.23 4.63
C GLN I 75 28.89 21.92 4.05
N ARG I 76 29.73 21.22 4.80
CA ARG I 76 30.36 20.00 4.29
C ARG I 76 30.49 18.97 5.42
N TRP I 77 30.03 17.75 5.16
CA TRP I 77 30.16 16.64 6.10
C TRP I 77 30.32 15.33 5.33
N LYS I 78 30.52 14.22 6.03
CA LYS I 78 30.86 12.93 5.44
C LYS I 78 30.18 11.79 6.18
N LEU I 79 29.53 10.90 5.45
CA LEU I 79 28.85 9.73 6.02
C LEU I 79 29.26 8.45 5.32
N ASN I 80 29.48 7.39 6.08
CA ASN I 80 29.74 6.05 5.50
C ASN I 80 28.58 5.52 4.66
N SER I 81 27.34 5.76 5.10
CA SER I 81 26.16 5.25 4.40
C SER I 81 25.90 5.85 3.00
N LEU I 82 26.65 6.88 2.61
CA LEU I 82 26.55 7.46 1.27
C LEU I 82 27.75 7.11 0.38
N MET I 83 28.58 6.17 0.78
CA MET I 83 29.70 5.71 -0.06
C MET I 83 29.22 4.80 -1.19
N TRP I 84 29.91 4.85 -2.31
CA TRP I 84 29.75 3.85 -3.37
C TRP I 84 31.03 3.71 -4.17
N ASP I 85 31.15 2.59 -4.86
CA ASP I 85 32.27 2.33 -5.77
C ASP I 85 31.87 2.84 -7.16
N PRO I 86 32.59 3.82 -7.71
CA PRO I 86 32.20 4.32 -9.04
C PRO I 86 32.11 3.27 -10.17
N ASN I 87 32.93 2.23 -10.12
CA ASN I 87 32.94 1.20 -11.18
C ASN I 87 31.66 0.39 -11.26
N GLU I 88 30.98 0.19 -10.15
CA GLU I 88 29.65 -0.46 -10.13
C GLU I 88 28.49 0.41 -10.66
N TYR I 89 28.76 1.68 -11.01
CA TYR I 89 27.72 2.63 -11.41
C TYR I 89 28.19 3.56 -12.53
N GLY I 90 28.81 2.98 -13.56
CA GLY I 90 29.19 3.71 -14.76
C GLY I 90 30.15 4.87 -14.57
N ASN I 91 31.05 4.76 -13.61
CA ASN I 91 32.04 5.81 -13.28
C ASN I 91 31.48 7.15 -12.78
N ILE I 92 30.28 7.12 -12.21
CA ILE I 92 29.71 8.30 -11.54
C ILE I 92 30.49 8.56 -10.24
N THR I 93 31.11 9.73 -10.16
CA THR I 93 31.88 10.16 -8.97
C THR I 93 31.07 11.06 -8.02
N ASP I 94 30.02 11.71 -8.53
CA ASP I 94 29.15 12.53 -7.72
C ASP I 94 27.78 12.76 -8.34
N PHE I 95 26.83 13.21 -7.54
CA PHE I 95 25.54 13.57 -8.05
C PHE I 95 24.83 14.63 -7.22
N ARG I 96 23.92 15.33 -7.88
CA ARG I 96 23.02 16.31 -7.28
C ARG I 96 21.76 15.65 -6.84
N THR I 97 21.27 16.03 -5.68
CA THR I 97 20.04 15.50 -5.14
C THR I 97 19.35 16.53 -4.26
N SER I 98 18.03 16.48 -4.26
CA SER I 98 17.23 17.27 -3.37
C SER I 98 17.69 17.09 -1.92
N ALA I 99 17.74 18.19 -1.17
CA ALA I 99 18.13 18.15 0.24
C ALA I 99 17.10 17.46 1.15
N ALA I 100 15.85 17.31 0.69
CA ALA I 100 14.86 16.49 1.42
C ALA I 100 15.17 14.97 1.38
N ASP I 101 15.92 14.50 0.38
CA ASP I 101 16.33 13.09 0.27
C ASP I 101 17.38 12.66 1.31
N ILE I 102 18.04 13.63 1.94
CA ILE I 102 19.16 13.35 2.85
C ILE I 102 18.99 14.11 4.16
N TRP I 103 19.73 13.67 5.16
CA TRP I 103 19.88 14.40 6.38
C TRP I 103 20.78 15.59 6.09
N THR I 104 20.46 16.73 6.70
CA THR I 104 21.31 17.91 6.67
C THR I 104 21.42 18.46 8.07
N PRO I 105 22.55 19.09 8.39
CA PRO I 105 22.71 19.57 9.77
C PRO I 105 21.82 20.80 10.03
N ASP I 106 21.42 20.93 11.28
CA ASP I 106 20.45 21.95 11.72
C ASP I 106 21.17 23.26 12.14
N ILE I 107 22.00 23.80 11.27
CA ILE I 107 22.82 24.96 11.58
C ILE I 107 21.92 26.20 11.66
N THR I 108 22.01 26.92 12.77
CA THR I 108 21.06 27.97 13.16
C THR I 108 21.85 29.20 13.61
N ALA I 109 21.40 30.39 13.20
CA ALA I 109 21.91 31.64 13.74
C ALA I 109 21.32 31.85 15.12
N TYR I 110 22.16 32.19 16.10
CA TYR I 110 21.72 32.28 17.50
C TYR I 110 21.10 33.62 17.89
N SER I 111 21.21 34.65 17.06
CA SER I 111 20.67 35.94 17.38
C SER I 111 19.83 36.51 16.24
N SER I 112 19.16 35.63 15.51
CA SER I 112 18.24 36.09 14.48
C SER I 112 16.95 36.66 15.09
N THR I 113 16.33 37.57 14.35
CA THR I 113 15.08 38.20 14.76
C THR I 113 13.90 37.89 13.82
N ARG I 114 14.15 37.18 12.73
CA ARG I 114 13.11 36.76 11.78
C ARG I 114 13.50 35.39 11.28
N PRO I 115 12.54 34.61 10.78
CA PRO I 115 12.95 33.41 10.03
C PRO I 115 13.87 33.73 8.85
N VAL I 116 14.89 32.90 8.66
CA VAL I 116 15.81 33.06 7.54
C VAL I 116 15.03 32.84 6.24
N GLN I 117 15.34 33.64 5.24
CA GLN I 117 14.74 33.49 3.92
C GLN I 117 15.74 32.77 3.02
N VAL I 118 15.23 31.79 2.29
CA VAL I 118 16.05 30.93 1.46
C VAL I 118 16.07 31.49 0.05
N LEU I 119 17.25 31.71 -0.50
CA LEU I 119 17.40 32.33 -1.80
C LEU I 119 17.96 31.40 -2.86
N SER I 120 18.24 30.16 -2.52
CA SER I 120 18.77 29.20 -3.50
C SER I 120 17.98 27.89 -3.43
N PRO I 121 18.05 27.07 -4.50
CA PRO I 121 17.40 25.76 -4.49
C PRO I 121 17.98 24.81 -3.43
N GLN I 122 17.12 23.95 -2.88
CA GLN I 122 17.48 23.07 -1.80
C GLN I 122 18.04 21.79 -2.39
N ILE I 123 19.26 21.88 -2.90
CA ILE I 123 19.88 20.82 -3.66
C ILE I 123 21.31 20.72 -3.15
N ALA I 124 21.75 19.51 -2.84
CA ALA I 124 23.11 19.24 -2.38
C ALA I 124 23.85 18.33 -3.38
N VAL I 125 25.16 18.21 -3.20
CA VAL I 125 25.99 17.37 -4.04
C VAL I 125 26.68 16.33 -3.17
N VAL I 126 26.46 15.06 -3.52
CA VAL I 126 27.03 13.92 -2.81
C VAL I 126 28.15 13.32 -3.68
N THR I 127 29.28 13.04 -3.05
CA THR I 127 30.46 12.49 -3.73
C THR I 127 30.70 11.04 -3.23
N HIS I 128 31.34 10.24 -4.09
CA HIS I 128 31.50 8.77 -3.89
C HIS I 128 32.16 8.33 -2.59
N ASP I 129 33.03 9.17 -2.04
CA ASP I 129 33.61 8.94 -0.70
C ASP I 129 32.64 9.16 0.47
N GLY I 130 31.39 9.57 0.19
CA GLY I 130 30.39 9.80 1.23
C GLY I 130 30.31 11.25 1.69
N SER I 131 31.05 12.15 1.06
CA SER I 131 31.02 13.54 1.46
C SER I 131 29.87 14.27 0.77
N VAL I 132 29.30 15.22 1.49
CA VAL I 132 28.16 15.99 1.03
C VAL I 132 28.54 17.46 1.08
N MET I 133 28.20 18.21 0.05
CA MET I 133 28.32 19.65 0.07
C MET I 133 26.98 20.32 -0.17
N PHE I 134 26.66 21.30 0.66
CA PHE I 134 25.36 21.99 0.58
C PHE I 134 25.62 23.48 0.82
N ILE I 135 25.18 24.33 -0.12
CA ILE I 135 25.55 25.76 -0.10
C ILE I 135 24.32 26.66 -0.21
N PRO I 136 23.52 26.71 0.86
CA PRO I 136 22.33 27.57 0.85
C PRO I 136 22.64 29.06 0.91
N ALA I 137 21.99 29.83 0.04
CA ALA I 137 22.01 31.28 0.07
C ALA I 137 20.86 31.74 0.94
N GLN I 138 21.11 32.74 1.77
CA GLN I 138 20.18 33.14 2.80
C GLN I 138 20.16 34.65 2.97
N ARG I 139 19.01 35.16 3.42
CA ARG I 139 18.93 36.49 3.96
C ARG I 139 18.54 36.40 5.42
N LEU I 140 19.35 37.02 6.26
CA LEU I 140 19.24 36.94 7.72
C LEU I 140 19.08 38.33 8.32
N SER I 141 18.07 38.50 9.18
CA SER I 141 17.97 39.66 10.08
C SER I 141 18.48 39.23 11.44
N PHE I 142 19.42 39.98 12.00
CA PHE I 142 19.95 39.66 13.32
C PHE I 142 20.23 40.90 14.17
N MET I 143 20.45 40.66 15.46
CA MET I 143 20.61 41.70 16.47
C MET I 143 21.97 42.39 16.32
N CYS I 144 21.93 43.69 16.11
CA CYS I 144 23.13 44.47 15.86
C CYS I 144 22.83 45.95 16.00
N ASP I 145 23.61 46.65 16.82
CA ASP I 145 23.50 48.10 16.99
C ASP I 145 24.35 48.81 15.93
N PRO I 146 23.70 49.50 14.98
CA PRO I 146 24.44 50.17 13.91
C PRO I 146 24.82 51.64 14.21
N THR I 147 24.62 52.12 15.43
CA THR I 147 25.07 53.45 15.83
C THR I 147 26.57 53.63 15.58
N GLY I 148 26.92 54.67 14.82
CA GLY I 148 28.30 54.93 14.40
C GLY I 148 28.66 54.41 13.03
N VAL I 149 27.69 53.84 12.32
CA VAL I 149 27.96 53.24 11.01
C VAL I 149 28.40 54.30 10.00
N ASP I 150 27.90 55.51 10.18
CA ASP I 150 28.26 56.66 9.33
C ASP I 150 29.58 57.35 9.68
N SER I 151 30.40 56.76 10.52
CA SER I 151 31.68 57.35 10.91
C SER I 151 32.80 56.64 10.18
N GLU I 152 34.03 57.10 10.39
CA GLU I 152 35.22 56.53 9.75
C GLU I 152 35.59 55.17 10.38
N GLU I 153 35.32 54.99 11.66
CA GLU I 153 35.67 53.78 12.39
C GLU I 153 34.68 52.62 12.18
N GLY I 154 33.42 52.96 11.86
CA GLY I 154 32.38 51.97 11.65
C GLY I 154 31.83 51.29 12.87
N VAL I 155 31.14 50.17 12.66
CA VAL I 155 30.58 49.35 13.73
C VAL I 155 30.97 47.92 13.52
N THR I 156 30.95 47.16 14.59
CA THR I 156 31.25 45.75 14.57
C THR I 156 30.02 45.03 15.00
N CYS I 157 29.68 43.94 14.32
N CYS I 157 29.69 43.94 14.32
CA CYS I 157 28.58 43.08 14.71
CA CYS I 157 28.56 43.09 14.68
C CYS I 157 28.96 41.63 14.56
C CYS I 157 28.95 41.62 14.55
N ALA I 158 28.27 40.77 15.29
CA ALA I 158 28.63 39.37 15.42
C ALA I 158 27.40 38.48 15.52
N VAL I 159 27.48 37.30 14.92
CA VAL I 159 26.42 36.34 15.06
C VAL I 159 27.00 34.92 15.06
N LYS I 160 26.53 34.11 16.00
CA LYS I 160 27.00 32.74 16.15
C LYS I 160 26.13 31.77 15.37
N PHE I 161 26.77 30.87 14.63
CA PHE I 161 26.08 29.82 13.89
C PHE I 161 26.46 28.46 14.47
N GLY I 162 25.47 27.65 14.84
CA GLY I 162 25.70 26.33 15.37
C GLY I 162 24.48 25.46 15.35
N SER I 163 24.65 24.19 15.71
CA SER I 163 23.52 23.30 15.89
C SER I 163 22.69 23.83 17.04
N TRP I 164 21.37 23.78 16.87
CA TRP I 164 20.45 24.14 17.92
C TRP I 164 20.29 23.00 18.94
N VAL I 165 20.30 21.76 18.48
CA VAL I 165 19.96 20.62 19.34
C VAL I 165 21.05 19.62 19.64
N TYR I 166 22.14 19.61 18.88
CA TYR I 166 23.25 18.70 19.13
C TYR I 166 24.40 19.40 19.81
N SER I 167 24.90 18.80 20.89
CA SER I 167 26.07 19.29 21.59
C SER I 167 27.33 18.90 20.85
N GLY I 168 28.46 19.35 21.37
CA GLY I 168 29.79 19.00 20.88
C GLY I 168 30.13 17.51 20.86
N PHE I 169 29.45 16.72 21.68
CA PHE I 169 29.60 15.25 21.63
C PHE I 169 28.97 14.57 20.41
N GLU I 170 28.06 15.23 19.71
CA GLU I 170 27.51 14.69 18.46
C GLU I 170 27.94 15.44 17.21
N ILE I 171 27.94 16.77 17.27
CA ILE I 171 28.35 17.59 16.13
C ILE I 171 29.47 18.53 16.57
N ASP I 172 30.60 18.44 15.88
CA ASP I 172 31.67 19.39 15.99
C ASP I 172 31.70 20.26 14.71
N LEU I 173 32.22 21.47 14.82
CA LEU I 173 32.35 22.36 13.68
C LEU I 173 33.80 22.74 13.49
N LYS I 174 34.16 23.05 12.25
CA LYS I 174 35.44 23.67 11.96
C LYS I 174 35.32 24.58 10.75
N THR I 175 36.34 25.42 10.56
CA THR I 175 36.46 26.23 9.35
C THR I 175 37.76 25.81 8.64
N ASP I 176 37.83 26.01 7.33
CA ASP I 176 39.08 25.84 6.55
C ASP I 176 39.98 27.07 6.65
N THR I 177 39.36 28.25 6.76
CA THR I 177 40.07 29.51 6.94
C THR I 177 39.27 30.37 7.91
N ASP I 178 39.94 31.28 8.59
CA ASP I 178 39.26 32.29 9.42
C ASP I 178 38.83 33.57 8.67
N GLN I 179 39.19 33.70 7.39
CA GLN I 179 38.78 34.83 6.57
C GLN I 179 37.50 34.52 5.82
N VAL I 180 36.48 35.34 6.03
CA VAL I 180 35.25 35.28 5.26
C VAL I 180 35.58 35.65 3.82
N ASP I 181 34.98 34.95 2.87
CA ASP I 181 35.18 35.26 1.46
C ASP I 181 34.40 36.53 1.07
N LEU I 182 35.14 37.54 0.62
CA LEU I 182 34.56 38.83 0.22
C LEU I 182 34.65 39.09 -1.28
N SER I 183 35.04 38.10 -2.08
CA SER I 183 35.25 38.32 -3.51
C SER I 183 33.95 38.45 -4.33
N SER I 184 32.81 38.07 -3.77
CA SER I 184 31.50 38.36 -4.36
C SER I 184 30.77 39.53 -3.68
N TYR I 185 31.43 40.30 -2.83
CA TYR I 185 30.75 41.37 -2.12
C TYR I 185 30.31 42.44 -3.12
N TYR I 186 29.04 42.82 -3.07
CA TYR I 186 28.49 43.80 -3.98
C TYR I 186 29.23 45.16 -3.87
N ALA I 187 29.88 45.54 -4.96
CA ALA I 187 30.73 46.74 -5.03
C ALA I 187 29.98 48.08 -4.86
N SER I 188 28.67 48.12 -5.15
CA SER I 188 27.89 49.35 -4.94
C SER I 188 26.93 49.25 -3.75
N SER I 189 27.22 48.38 -2.79
CA SER I 189 26.46 48.34 -1.54
C SER I 189 26.51 49.70 -0.87
N LYS I 190 25.47 50.01 -0.09
CA LYS I 190 25.56 51.13 0.85
C LYS I 190 26.67 51.01 1.86
N TYR I 191 27.09 49.79 2.21
CA TYR I 191 28.09 49.58 3.26
C TYR I 191 29.33 48.92 2.70
N GLU I 192 30.50 49.34 3.14
CA GLU I 192 31.74 48.65 2.81
C GLU I 192 32.24 47.87 4.01
N ILE I 193 32.90 46.75 3.72
CA ILE I 193 33.38 45.84 4.75
C ILE I 193 34.80 46.19 5.08
N LEU I 194 35.10 46.39 6.36
CA LEU I 194 36.46 46.68 6.82
C LEU I 194 37.16 45.38 7.20
N SER I 195 36.46 44.46 7.84
CA SER I 195 36.95 43.10 8.04
C SER I 195 35.81 42.12 8.30
N ALA I 196 36.10 40.84 8.10
CA ALA I 196 35.11 39.79 8.29
C ALA I 196 35.80 38.49 8.59
N THR I 197 35.57 37.97 9.79
CA THR I 197 36.17 36.73 10.24
C THR I 197 35.13 35.69 10.65
N GLN I 198 35.55 34.42 10.63
CA GLN I 198 34.72 33.28 10.98
C GLN I 198 35.56 32.36 11.85
N THR I 199 35.13 32.15 13.10
CA THR I 199 35.98 31.53 14.10
C THR I 199 35.21 30.55 14.96
N ARG I 200 35.76 29.34 15.08
CA ARG I 200 35.22 28.31 15.97
C ARG I 200 35.27 28.75 17.43
N GLN I 201 34.19 28.49 18.19
CA GLN I 201 34.10 28.71 19.64
C GLN I 201 33.35 27.60 20.35
N VAL I 202 33.60 27.46 21.65
CA VAL I 202 32.87 26.55 22.53
C VAL I 202 32.02 27.37 23.50
N GLN I 203 30.74 27.03 23.67
CA GLN I 203 29.82 27.76 24.58
C GLN I 203 29.15 26.82 25.56
N HIS I 204 28.83 27.33 26.76
CA HIS I 204 27.98 26.64 27.73
C HIS I 204 26.72 27.45 27.93
N TYR I 205 25.58 26.78 28.02
CA TYR I 205 24.30 27.46 28.18
C TYR I 205 23.65 27.01 29.50
N SER I 206 22.84 27.89 30.09
CA SER I 206 22.16 27.61 31.38
C SER I 206 21.27 26.36 31.39
N CYS I 207 20.53 26.17 30.32
CA CYS I 207 19.63 25.01 30.16
C CYS I 207 20.28 23.62 30.24
N CYS I 208 21.57 23.52 29.92
CA CYS I 208 22.15 22.32 29.30
C CYS I 208 23.62 22.10 29.77
N PRO I 209 23.95 20.88 30.29
CA PRO I 209 25.30 20.65 30.89
C PRO I 209 26.52 20.43 29.96
N GLU I 210 26.27 20.20 28.64
CA GLU I 210 27.34 19.87 27.68
C GLU I 210 27.80 21.10 26.89
N PRO I 211 29.06 21.12 26.41
CA PRO I 211 29.51 22.17 25.48
C PRO I 211 28.81 22.15 24.10
N TYR I 212 28.40 23.31 23.61
CA TYR I 212 27.90 23.47 22.24
C TYR I 212 28.96 24.19 21.41
N ILE I 213 29.10 23.84 20.14
CA ILE I 213 30.10 24.45 19.28
C ILE I 213 29.40 25.41 18.33
N ASP I 214 30.02 26.56 18.05
CA ASP I 214 29.53 27.47 17.01
C ASP I 214 30.66 28.07 16.22
N VAL I 215 30.31 28.70 15.11
CA VAL I 215 31.23 29.52 14.36
C VAL I 215 30.71 30.95 14.47
N ASN I 216 31.57 31.82 14.98
CA ASN I 216 31.26 33.23 15.21
C ASN I 216 31.66 34.07 14.01
N LEU I 217 30.67 34.67 13.36
CA LEU I 217 30.87 35.51 12.18
C LEU I 217 30.95 36.95 12.70
N VAL I 218 32.13 37.58 12.60
CA VAL I 218 32.34 38.95 13.08
C VAL I 218 32.58 39.86 11.88
N VAL I 219 31.73 40.86 11.69
CA VAL I 219 31.83 41.74 10.54
C VAL I 219 31.91 43.19 11.00
N LYS I 220 32.91 43.88 10.49
CA LYS I 220 33.10 45.29 10.77
C LYS I 220 32.87 46.08 9.50
N PHE I 221 31.98 47.07 9.56
CA PHE I 221 31.55 47.77 8.35
C PHE I 221 31.22 49.24 8.61
N ARG I 222 31.15 50.02 7.53
CA ARG I 222 30.69 51.40 7.61
C ARG I 222 30.00 51.83 6.33
N GLU I 223 29.37 53.00 6.35
CA GLU I 223 28.77 53.57 5.14
C GLU I 223 29.82 53.86 4.08
N ARG I 224 29.52 53.53 2.83
CA ARG I 224 30.39 53.81 1.69
C ARG I 224 30.25 55.28 1.32
N GLN J 20 24.49 3.95 14.37
CA GLN J 20 23.33 4.11 13.47
C GLN J 20 22.32 3.00 13.64
N ALA J 21 22.78 1.75 13.54
CA ALA J 21 21.90 0.56 13.54
C ALA J 21 21.03 0.47 14.79
N ASN J 22 21.64 0.65 15.96
CA ASN J 22 20.91 0.62 17.20
C ASN J 22 19.86 1.74 17.31
N LEU J 23 20.22 2.94 16.86
CA LEU J 23 19.29 4.05 16.90
C LEU J 23 18.12 3.89 15.93
N MET J 24 18.38 3.46 14.68
CA MET J 24 17.31 3.18 13.70
C MET J 24 16.31 2.18 14.25
N ARG J 25 16.84 1.17 14.93
CA ARG J 25 16.05 0.12 15.55
C ARG J 25 15.19 0.67 16.70
N LEU J 26 15.79 1.46 17.58
CA LEU J 26 15.06 2.13 18.65
C LEU J 26 13.93 3.02 18.14
N LYS J 27 14.20 3.84 17.12
CA LYS J 27 13.18 4.73 16.59
C LYS J 27 12.04 3.95 15.94
N SER J 28 12.41 2.92 15.19
CA SER J 28 11.42 2.00 14.63
C SER J 28 10.51 1.36 15.72
N ASP J 29 11.10 0.90 16.81
CA ASP J 29 10.31 0.30 17.90
C ASP J 29 9.39 1.30 18.62
N LEU J 30 9.82 2.56 18.79
CA LEU J 30 8.98 3.55 19.45
C LEU J 30 7.90 4.15 18.55
N PHE J 31 8.16 4.34 17.26
CA PHE J 31 7.24 5.10 16.38
C PHE J 31 6.47 4.28 15.32
N ASN J 32 7.05 3.21 14.78
CA ASN J 32 6.38 2.41 13.75
C ASN J 32 5.49 1.29 14.30
N ARG J 33 5.74 0.82 15.52
CA ARG J 33 5.00 -0.31 16.09
C ARG J 33 3.68 0.01 16.78
N SER J 34 3.35 1.29 16.98
CA SER J 34 2.13 1.68 17.71
C SER J 34 1.40 2.83 16.99
N PRO J 35 0.14 3.14 17.41
CA PRO J 35 -0.42 4.44 16.97
C PRO J 35 0.19 5.59 17.78
N MET J 36 0.13 6.81 17.25
CA MET J 36 0.71 7.96 17.96
C MET J 36 -0.04 8.22 19.29
N TYR J 37 0.70 8.72 20.28
CA TYR J 37 0.12 9.19 21.53
C TYR J 37 -1.01 10.18 21.20
N PRO J 38 -2.24 9.93 21.69
CA PRO J 38 -3.36 10.80 21.35
C PRO J 38 -3.48 12.03 22.27
N GLY J 39 -2.48 12.27 23.12
CA GLY J 39 -2.49 13.36 24.08
C GLY J 39 -3.02 12.91 25.45
N PRO J 40 -2.92 13.79 26.45
CA PRO J 40 -3.32 13.48 27.81
C PRO J 40 -4.81 13.43 28.00
N THR J 41 -5.24 12.75 29.06
CA THR J 41 -6.65 12.55 29.41
C THR J 41 -6.84 12.86 30.90
N LYS J 42 -8.08 12.88 31.36
CA LYS J 42 -8.36 13.04 32.81
C LYS J 42 -7.78 11.90 33.64
N ASP J 43 -7.79 10.68 33.08
CA ASP J 43 -7.20 9.49 33.73
C ASP J 43 -5.66 9.46 33.69
N ASP J 44 -5.06 9.98 32.62
CA ASP J 44 -3.59 10.05 32.47
C ASP J 44 -3.16 11.48 32.18
N PRO J 45 -3.27 12.37 33.18
CA PRO J 45 -2.91 13.77 32.96
C PRO J 45 -1.40 13.94 32.83
N LEU J 46 -0.99 15.13 32.41
CA LEU J 46 0.39 15.41 32.08
C LEU J 46 0.78 16.75 32.69
N THR J 47 1.98 16.81 33.23
CA THR J 47 2.56 18.06 33.72
C THR J 47 3.66 18.49 32.78
N VAL J 48 3.55 19.71 32.27
CA VAL J 48 4.55 20.30 31.40
C VAL J 48 5.31 21.34 32.19
N THR J 49 6.63 21.26 32.19
CA THR J 49 7.47 22.26 32.82
C THR J 49 7.85 23.30 31.77
N LEU J 50 7.65 24.60 32.07
CA LEU J 50 8.02 25.71 31.19
C LEU J 50 9.06 26.61 31.78
N GLY J 51 9.92 27.14 30.92
CA GLY J 51 10.91 28.11 31.34
C GLY J 51 11.29 29.00 30.16
N PHE J 52 11.48 30.30 30.41
CA PHE J 52 11.80 31.25 29.36
C PHE J 52 13.22 31.74 29.43
N THR J 53 13.82 31.95 28.27
CA THR J 53 15.12 32.57 28.10
C THR J 53 14.90 33.75 27.14
N LEU J 54 14.96 34.95 27.67
CA LEU J 54 14.65 36.15 26.93
C LEU J 54 15.89 36.69 26.23
N GLN J 55 15.82 36.84 24.92
CA GLN J 55 16.98 37.28 24.10
C GLN J 55 16.96 38.75 23.73
N ASP J 56 15.79 39.29 23.38
CA ASP J 56 15.71 40.67 22.93
C ASP J 56 14.31 41.19 22.94
N ILE J 57 14.12 42.42 23.38
CA ILE J 57 12.93 43.17 23.07
C ILE J 57 13.30 43.95 21.83
N VAL J 58 12.71 43.56 20.71
CA VAL J 58 13.13 44.05 19.41
C VAL J 58 12.49 45.38 19.09
N LYS J 59 11.18 45.48 19.27
CA LYS J 59 10.53 46.78 19.14
C LYS J 59 9.27 46.95 19.96
N VAL J 60 8.98 48.22 20.23
CA VAL J 60 7.71 48.64 20.78
C VAL J 60 7.01 49.52 19.74
N ASP J 61 5.70 49.37 19.62
CA ASP J 61 4.90 50.25 18.77
C ASP J 61 3.90 50.94 19.68
N SER J 62 4.15 52.20 19.98
CA SER J 62 3.29 52.99 20.87
C SER J 62 2.00 53.44 20.19
N SER J 63 1.92 53.37 18.85
CA SER J 63 0.66 53.70 18.19
C SER J 63 -0.36 52.55 18.19
N THR J 64 0.09 51.30 18.34
CA THR J 64 -0.82 50.13 18.45
C THR J 64 -0.76 49.37 19.77
N ASN J 65 0.11 49.75 20.68
CA ASN J 65 0.37 49.01 21.93
C ASN J 65 0.68 47.53 21.68
N GLU J 66 1.72 47.30 20.88
CA GLU J 66 2.26 45.99 20.60
C GLU J 66 3.74 46.02 20.92
N VAL J 67 4.24 44.96 21.56
CA VAL J 67 5.67 44.77 21.80
C VAL J 67 6.10 43.43 21.20
N ASP J 68 7.32 43.40 20.64
CA ASP J 68 7.89 42.22 20.00
C ASP J 68 9.08 41.67 20.79
N LEU J 69 8.98 40.40 21.21
CA LEU J 69 10.06 39.70 21.91
C LEU J 69 10.64 38.59 21.09
N VAL J 70 11.91 38.32 21.30
CA VAL J 70 12.57 37.14 20.82
C VAL J 70 13.04 36.38 22.05
N TYR J 71 12.65 35.12 22.14
CA TYR J 71 12.96 34.28 23.28
C TYR J 71 12.99 32.83 22.84
N TYR J 72 13.52 31.97 23.72
CA TYR J 72 13.23 30.57 23.60
C TYR J 72 12.62 29.99 24.84
N GLU J 73 11.76 29.02 24.62
CA GLU J 73 10.84 28.50 25.59
C GLU J 73 11.18 27.04 25.80
N GLN J 74 11.71 26.69 26.96
CA GLN J 74 12.01 25.30 27.29
C GLN J 74 10.74 24.60 27.74
N GLN J 75 10.40 23.49 27.08
CA GLN J 75 9.22 22.67 27.40
C GLN J 75 9.68 21.26 27.74
N ARG J 76 9.15 20.70 28.80
CA ARG J 76 9.56 19.38 29.27
C ARG J 76 8.35 18.60 29.80
N TRP J 77 8.19 17.37 29.33
CA TRP J 77 7.16 16.46 29.80
C TRP J 77 7.66 15.01 29.74
N LYS J 78 6.86 14.06 30.20
CA LYS J 78 7.29 12.68 30.40
C LYS J 78 6.15 11.71 30.07
N LEU J 79 6.44 10.72 29.23
CA LEU J 79 5.44 9.71 28.82
C LEU J 79 5.99 8.31 29.05
N ASN J 80 5.15 7.40 29.54
CA ASN J 80 5.52 5.99 29.65
C ASN J 80 5.79 5.33 28.28
N SER J 81 5.02 5.70 27.26
CA SER J 81 5.18 5.09 25.93
C SER J 81 6.50 5.41 25.21
N LEU J 82 7.31 6.31 25.74
CA LEU J 82 8.64 6.62 25.19
C LEU J 82 9.79 6.07 26.03
N MET J 83 9.50 5.20 26.99
CA MET J 83 10.56 4.55 27.79
C MET J 83 11.27 3.45 27.00
N TRP J 84 12.55 3.26 27.28
CA TRP J 84 13.27 2.07 26.82
C TRP J 84 14.41 1.76 27.76
N ASP J 85 14.87 0.51 27.69
CA ASP J 85 16.02 0.04 28.46
C ASP J 85 17.28 0.27 27.60
N PRO J 86 18.22 1.11 28.07
CA PRO J 86 19.41 1.35 27.25
C PRO J 86 20.22 0.10 26.83
N ASN J 87 20.24 -0.94 27.67
CA ASN J 87 21.01 -2.16 27.36
C ASN J 87 20.51 -2.94 26.15
N GLU J 88 19.23 -2.88 25.88
CA GLU J 88 18.65 -3.48 24.66
C GLU J 88 18.93 -2.68 23.35
N TYR J 89 19.59 -1.52 23.46
CA TYR J 89 19.80 -0.64 22.31
C TYR J 89 21.19 0.03 22.36
N GLY J 90 22.22 -0.76 22.63
CA GLY J 90 23.60 -0.28 22.56
C GLY J 90 23.97 0.86 23.49
N ASN J 91 23.34 0.91 24.66
CA ASN J 91 23.56 1.99 25.66
C ASN J 91 23.18 3.41 25.25
N ILE J 92 22.26 3.53 24.29
CA ILE J 92 21.69 4.83 23.92
C ILE J 92 20.79 5.32 25.06
N THR J 93 21.14 6.46 25.64
CA THR J 93 20.37 7.10 26.72
C THR J 93 19.41 8.19 26.24
N ASP J 94 19.67 8.76 25.06
CA ASP J 94 18.79 9.75 24.46
C ASP J 94 18.96 9.88 22.96
N PHE J 95 17.98 10.52 22.31
CA PHE J 95 18.10 10.82 20.91
C PHE J 95 17.32 12.04 20.48
N ARG J 96 17.76 12.63 19.38
CA ARG J 96 17.12 13.74 18.70
C ARG J 96 16.16 13.21 17.67
N THR J 97 15.00 13.83 17.58
CA THR J 97 14.00 13.46 16.60
C THR J 97 13.16 14.66 16.20
N SER J 98 12.71 14.65 14.97
CA SER J 98 11.78 15.65 14.46
C SER J 98 10.55 15.74 15.40
N ALA J 99 10.10 16.96 15.67
CA ALA J 99 8.92 17.20 16.50
C ALA J 99 7.62 16.74 15.85
N ALA J 100 7.59 16.54 14.54
CA ALA J 100 6.43 15.91 13.87
C ALA J 100 6.26 14.40 14.20
N ASP J 101 7.34 13.72 14.59
CA ASP J 101 7.28 12.30 15.00
C ASP J 101 6.58 12.07 16.35
N ILE J 102 6.41 13.13 17.15
CA ILE J 102 5.85 13.01 18.50
C ILE J 102 4.76 14.03 18.74
N TRP J 103 3.98 13.80 19.77
CA TRP J 103 3.04 14.78 20.26
C TRP J 103 3.85 15.86 20.98
N THR J 104 3.42 17.10 20.84
CA THR J 104 3.97 18.22 21.60
C THR J 104 2.82 19.04 22.18
N PRO J 105 3.02 19.68 23.33
CA PRO J 105 1.92 20.40 23.93
C PRO J 105 1.61 21.70 23.18
N ASP J 106 0.34 22.08 23.21
CA ASP J 106 -0.19 23.21 22.43
C ASP J 106 -0.07 24.56 23.20
N ILE J 107 1.13 24.87 23.68
CA ILE J 107 1.33 26.03 24.54
C ILE J 107 1.21 27.31 23.69
N THR J 108 0.36 28.24 24.14
CA THR J 108 -0.09 29.38 23.36
C THR J 108 0.00 30.65 24.21
N ALA J 109 0.46 31.74 23.63
CA ALA J 109 0.40 33.05 24.27
C ALA J 109 -1.02 33.56 24.16
N TYR J 110 -1.56 34.06 25.28
CA TYR J 110 -2.96 34.45 25.35
C TYR J 110 -3.28 35.88 24.87
N SER J 111 -2.28 36.70 24.63
CA SER J 111 -2.52 38.05 24.19
C SER J 111 -1.64 38.41 22.99
N SER J 112 -1.38 37.43 22.14
CA SER J 112 -0.66 37.70 20.91
C SER J 112 -1.52 38.45 19.89
N THR J 113 -0.86 39.21 19.02
CA THR J 113 -1.52 39.96 17.95
C THR J 113 -1.10 39.51 16.55
N ARG J 114 -0.15 38.58 16.45
CA ARG J 114 0.29 38.03 15.18
C ARG J 114 0.61 36.57 15.40
N PRO J 115 0.57 35.74 14.34
CA PRO J 115 1.12 34.39 14.52
C PRO J 115 2.59 34.43 14.98
N VAL J 116 2.95 33.51 15.87
CA VAL J 116 4.31 33.35 16.31
C VAL J 116 5.19 32.93 15.14
N GLN J 117 6.38 33.50 15.05
CA GLN J 117 7.34 33.12 14.06
C GLN J 117 8.37 32.18 14.70
N VAL J 118 8.66 31.10 14.02
CA VAL J 118 9.54 30.07 14.51
C VAL J 118 10.95 30.34 14.01
N LEU J 119 11.91 30.39 14.92
CA LEU J 119 13.27 30.73 14.60
C LEU J 119 14.25 29.60 14.78
N SER J 120 13.80 28.43 15.21
CA SER J 120 14.70 27.30 15.40
C SER J 120 14.12 26.03 14.75
N PRO J 121 14.97 25.03 14.47
CA PRO J 121 14.47 23.76 13.91
C PRO J 121 13.54 23.02 14.88
N GLN J 122 12.57 22.31 14.31
CA GLN J 122 11.51 21.65 15.06
C GLN J 122 12.03 20.25 15.40
N ILE J 123 12.94 20.20 16.38
CA ILE J 123 13.61 18.99 16.75
C ILE J 123 13.61 18.93 18.27
N ALA J 124 13.23 17.78 18.82
CA ALA J 124 13.19 17.56 20.27
C ALA J 124 14.16 16.44 20.68
N VAL J 125 14.41 16.32 21.97
CA VAL J 125 15.29 15.31 22.53
C VAL J 125 14.51 14.44 23.48
N VAL J 126 14.51 13.13 23.21
CA VAL J 126 13.83 12.13 24.02
C VAL J 126 14.88 11.34 24.81
N THR J 127 14.62 11.15 26.10
CA THR J 127 15.52 10.44 27.02
C THR J 127 14.86 9.12 27.46
N HIS J 128 15.70 8.15 27.82
CA HIS J 128 15.29 6.75 28.09
C HIS J 128 14.22 6.56 29.16
N ASP J 129 14.17 7.47 30.13
CA ASP J 129 13.07 7.49 31.13
C ASP J 129 11.72 7.98 30.59
N GLY J 130 11.65 8.34 29.30
CA GLY J 130 10.41 8.79 28.69
C GLY J 130 10.23 10.31 28.70
N SER J 131 11.23 11.05 29.14
CA SER J 131 11.11 12.49 29.19
C SER J 131 11.51 13.10 27.85
N VAL J 132 10.84 14.19 27.52
CA VAL J 132 11.05 14.89 26.27
C VAL J 132 11.41 16.33 26.59
N MET J 133 12.40 16.87 25.90
CA MET J 133 12.71 18.29 25.99
C MET J 133 12.60 18.93 24.60
N PHE J 134 11.92 20.06 24.52
CA PHE J 134 11.70 20.76 23.25
C PHE J 134 11.85 22.26 23.52
N ILE J 135 12.75 22.92 22.76
CA ILE J 135 13.13 24.30 23.05
C ILE J 135 13.01 25.20 21.83
N PRO J 136 11.77 25.51 21.43
CA PRO J 136 11.57 26.39 20.27
C PRO J 136 11.91 27.86 20.54
N ALA J 137 12.64 28.46 19.62
CA ALA J 137 12.91 29.89 19.62
C ALA J 137 11.82 30.57 18.80
N GLN J 138 11.34 31.70 19.30
CA GLN J 138 10.16 32.34 18.77
C GLN J 138 10.29 33.86 18.76
N ARG J 139 9.58 34.48 17.83
CA ARG J 139 9.33 35.90 17.91
C ARG J 139 7.84 36.12 18.07
N LEU J 140 7.47 36.87 19.10
CA LEU J 140 6.09 37.08 19.49
C LEU J 140 5.76 38.58 19.53
N SER J 141 4.67 38.98 18.89
CA SER J 141 4.04 40.29 19.08
C SER J 141 2.88 40.13 20.03
N PHE J 142 2.84 40.92 21.09
CA PHE J 142 1.75 40.84 22.05
C PHE J 142 1.34 42.23 22.59
N MET J 143 0.17 42.25 23.22
CA MET J 143 -0.47 43.47 23.73
C MET J 143 0.25 44.02 24.94
N CYS J 144 0.72 45.25 24.81
CA CYS J 144 1.50 45.90 25.85
C CYS J 144 1.57 47.40 25.57
N ASP J 145 1.22 48.20 26.58
CA ASP J 145 1.32 49.65 26.52
C ASP J 145 2.72 50.10 26.95
N PRO J 146 3.54 50.61 26.01
CA PRO J 146 4.91 51.02 26.35
C PRO J 146 5.06 52.49 26.82
N THR J 147 3.97 53.20 27.04
CA THR J 147 4.02 54.56 27.59
C THR J 147 4.79 54.61 28.91
N GLY J 148 5.82 55.46 28.96
CA GLY J 148 6.73 55.55 30.11
C GLY J 148 8.02 54.77 29.95
N VAL J 149 8.21 54.13 28.81
CA VAL J 149 9.39 53.29 28.60
C VAL J 149 10.68 54.11 28.62
N ASP J 150 10.58 55.37 28.21
CA ASP J 150 11.69 56.31 28.21
C ASP J 150 11.98 56.99 29.57
N SER J 151 11.39 56.50 30.65
CA SER J 151 11.61 57.07 31.98
C SER J 151 12.56 56.18 32.76
N GLU J 152 12.89 56.59 33.98
CA GLU J 152 13.79 55.84 34.85
C GLU J 152 13.10 54.59 35.44
N GLU J 153 11.79 54.66 35.67
CA GLU J 153 11.02 53.58 36.27
C GLU J 153 10.67 52.47 35.24
N GLY J 154 10.53 52.83 33.97
CA GLY J 154 10.17 51.91 32.94
C GLY J 154 8.71 51.52 32.88
N VAL J 155 8.44 50.43 32.17
CA VAL J 155 7.10 49.88 32.04
C VAL J 155 7.16 48.40 32.39
N THR J 156 6.00 47.89 32.76
CA THR J 156 5.81 46.50 33.02
C THR J 156 4.85 45.97 31.97
N CYS J 157 5.16 44.80 31.44
N CYS J 157 5.17 44.80 31.41
CA CYS J 157 4.24 44.09 30.56
CA CYS J 157 4.36 44.07 30.43
C CYS J 157 4.21 42.62 30.89
C CYS J 157 4.20 42.64 30.91
N ALA J 158 3.08 41.98 30.56
CA ALA J 158 2.81 40.61 30.96
C ALA J 158 2.09 39.84 29.86
N VAL J 159 2.42 38.56 29.75
CA VAL J 159 1.73 37.69 28.82
C VAL J 159 1.62 36.29 29.41
N LYS J 160 0.44 35.71 29.32
CA LYS J 160 0.15 34.37 29.84
C LYS J 160 0.37 33.31 28.78
N PHE J 161 1.07 32.25 29.15
CA PHE J 161 1.28 31.10 28.28
C PHE J 161 0.59 29.89 28.88
N GLY J 162 -0.23 29.21 28.08
CA GLY J 162 -0.92 28.01 28.52
C GLY J 162 -1.49 27.20 27.37
N SER J 163 -2.02 26.03 27.68
CA SER J 163 -2.74 25.25 26.70
C SER J 163 -3.97 26.03 26.28
N TRP J 164 -4.25 26.01 24.99
CA TRP J 164 -5.46 26.63 24.46
C TRP J 164 -6.68 25.72 24.68
N VAL J 165 -6.51 24.41 24.57
CA VAL J 165 -7.66 23.50 24.56
C VAL J 165 -7.77 22.54 25.74
N TYR J 166 -6.70 22.32 26.50
CA TYR J 166 -6.75 21.43 27.65
C TYR J 166 -6.85 22.21 28.95
N SER J 167 -7.79 21.82 29.80
CA SER J 167 -7.94 22.39 31.14
C SER J 167 -6.91 21.80 32.08
N GLY J 168 -6.93 22.29 33.31
CA GLY J 168 -6.10 21.79 34.39
C GLY J 168 -6.27 20.31 34.74
N PHE J 169 -7.41 19.72 34.39
CA PHE J 169 -7.63 18.28 34.55
C PHE J 169 -6.84 17.38 33.58
N GLU J 170 -6.36 17.93 32.46
CA GLU J 170 -5.50 17.17 31.54
C GLU J 170 -4.06 17.64 31.50
N ILE J 171 -3.85 18.96 31.48
CA ILE J 171 -2.49 19.52 31.46
C ILE J 171 -2.34 20.46 32.62
N ASP J 172 -1.33 20.20 33.46
CA ASP J 172 -0.88 21.11 34.48
C ASP J 172 0.48 21.68 34.07
N LEU J 173 0.82 22.86 34.57
CA LEU J 173 2.09 23.49 34.28
C LEU J 173 2.86 23.72 35.57
N LYS J 174 4.18 23.75 35.46
CA LYS J 174 5.02 24.24 36.54
C LYS J 174 6.26 24.89 35.97
N THR J 175 6.97 25.64 36.82
CA THR J 175 8.29 26.17 36.52
C THR J 175 9.28 25.55 37.51
N ASP J 176 10.56 25.47 37.12
CA ASP J 176 11.65 25.08 38.06
C ASP J 176 12.12 26.25 38.91
N THR J 177 12.07 27.44 38.34
CA THR J 177 12.43 28.68 39.02
C THR J 177 11.43 29.76 38.55
N ASP J 178 11.23 30.77 39.39
CA ASP J 178 10.47 31.96 38.99
C ASP J 178 11.27 33.05 38.27
N GLN J 179 12.60 32.90 38.17
CA GLN J 179 13.46 33.87 37.48
C GLN J 179 13.65 33.45 36.03
N VAL J 180 13.26 34.34 35.11
CA VAL J 180 13.53 34.18 33.71
C VAL J 180 15.03 34.26 33.49
N ASP J 181 15.56 33.43 32.62
CA ASP J 181 16.98 33.45 32.28
C ASP J 181 17.30 34.66 31.38
N LEU J 182 18.15 35.54 31.90
CA LEU J 182 18.58 36.76 31.22
C LEU J 182 20.03 36.76 30.77
N SER J 183 20.71 35.62 30.89
CA SER J 183 22.15 35.56 30.60
C SER J 183 22.49 35.57 29.11
N SER J 184 21.53 35.36 28.24
CA SER J 184 21.68 35.56 26.78
C SER J 184 21.03 36.85 26.29
N TYR J 185 20.63 37.76 27.18
CA TYR J 185 19.96 38.97 26.74
C TYR J 185 20.95 39.84 25.94
N TYR J 186 20.53 40.27 24.76
CA TYR J 186 21.35 41.11 23.90
C TYR J 186 21.79 42.42 24.59
N ALA J 187 23.08 42.55 24.82
CA ALA J 187 23.69 43.67 25.54
C ALA J 187 23.54 45.05 24.85
N SER J 188 23.34 45.09 23.55
CA SER J 188 23.13 46.38 22.85
C SER J 188 21.69 46.55 22.36
N SER J 189 20.76 45.88 22.99
CA SER J 189 19.34 46.12 22.71
C SER J 189 18.99 47.58 22.95
N LYS J 190 17.99 48.07 22.25
CA LYS J 190 17.35 49.34 22.60
C LYS J 190 16.80 49.38 24.01
N TYR J 191 16.40 48.24 24.57
CA TYR J 191 15.77 48.19 25.89
C TYR J 191 16.60 47.38 26.85
N GLU J 192 16.70 47.83 28.10
CA GLU J 192 17.28 47.02 29.16
C GLU J 192 16.21 46.43 30.04
N ILE J 193 16.49 45.23 30.56
CA ILE J 193 15.56 44.52 31.40
C ILE J 193 15.89 44.85 32.84
N LEU J 194 14.87 45.27 33.61
CA LEU J 194 15.04 45.51 35.03
C LEU J 194 14.72 44.24 35.82
N SER J 195 13.65 43.56 35.43
CA SER J 195 13.35 42.24 35.99
C SER J 195 12.45 41.44 35.07
N ALA J 196 12.44 40.14 35.29
CA ALA J 196 11.66 39.21 34.50
C ALA J 196 11.35 37.98 35.31
N THR J 197 10.07 37.73 35.52
CA THR J 197 9.59 36.58 36.27
C THR J 197 8.62 35.71 35.48
N GLN J 198 8.53 34.45 35.88
CA GLN J 198 7.67 33.44 35.26
C GLN J 198 6.97 32.69 36.38
N THR J 199 5.65 32.76 36.43
CA THR J 199 4.89 32.31 37.58
C THR J 199 3.62 31.57 37.20
N ARG J 200 3.43 30.38 37.76
CA ARG J 200 2.22 29.60 37.61
C ARG J 200 0.99 30.34 38.16
N GLN J 201 -0.13 30.28 37.42
CA GLN J 201 -1.44 30.80 37.86
C GLN J 201 -2.58 29.90 37.42
N VAL J 202 -3.71 30.02 38.10
CA VAL J 202 -4.96 29.35 37.75
C VAL J 202 -5.97 30.40 37.25
N GLN J 203 -6.64 30.16 36.12
CA GLN J 203 -7.61 31.10 35.55
C GLN J 203 -8.96 30.42 35.28
N HIS J 204 -10.03 31.21 35.37
CA HIS J 204 -11.36 30.81 34.89
C HIS J 204 -11.74 31.75 33.77
N TYR J 205 -12.38 31.23 32.74
CA TYR J 205 -12.79 32.03 31.59
C TYR J 205 -14.31 32.00 31.42
N SER J 206 -14.88 33.02 30.80
CA SER J 206 -16.33 33.11 30.53
C SER J 206 -16.92 31.92 29.75
N CYS J 207 -16.20 31.44 28.74
CA CYS J 207 -16.66 30.32 27.91
C CYS J 207 -16.89 28.98 28.65
N CYS J 208 -16.21 28.80 29.78
CA CYS J 208 -15.78 27.46 30.22
C CYS J 208 -15.79 27.33 31.76
N PRO J 209 -16.44 26.29 32.33
CA PRO J 209 -16.49 26.14 33.83
C PRO J 209 -15.24 25.60 34.58
N GLU J 210 -14.24 25.09 33.87
CA GLU J 210 -13.11 24.35 34.49
C GLU J 210 -11.86 25.25 34.57
N PRO J 211 -10.99 25.05 35.58
CA PRO J 211 -9.75 25.85 35.66
C PRO J 211 -8.73 25.57 34.54
N TYR J 212 -8.16 26.64 33.95
CA TYR J 212 -7.05 26.52 33.03
C TYR J 212 -5.79 26.99 33.75
N ILE J 213 -4.65 26.39 33.44
CA ILE J 213 -3.38 26.77 34.07
C ILE J 213 -2.56 27.55 33.05
N ASP J 214 -1.86 28.59 33.51
CA ASP J 214 -0.89 29.30 32.66
C ASP J 214 0.36 29.66 33.44
N VAL J 215 1.38 30.07 32.71
CA VAL J 215 2.56 30.65 33.28
C VAL J 215 2.59 32.10 32.80
N ASN J 216 2.61 33.02 33.76
CA ASN J 216 2.58 34.44 33.50
C ASN J 216 4.02 34.99 33.43
N LEU J 217 4.40 35.49 32.27
CA LEU J 217 5.71 36.05 32.03
C LEU J 217 5.59 37.56 32.23
N VAL J 218 6.23 38.10 33.27
CA VAL J 218 6.15 39.52 33.62
C VAL J 218 7.52 40.15 33.39
N VAL J 219 7.61 41.14 32.53
CA VAL J 219 8.89 41.76 32.18
C VAL J 219 8.81 43.26 32.40
N LYS J 220 9.79 43.77 33.14
CA LYS J 220 9.90 45.19 33.41
C LYS J 220 11.13 45.73 32.71
N PHE J 221 10.95 46.76 31.89
CA PHE J 221 12.03 47.24 31.05
C PHE J 221 11.98 48.74 30.79
N ARG J 222 13.08 49.30 30.31
CA ARG J 222 13.13 50.70 29.88
C ARG J 222 14.12 50.91 28.76
N GLU J 223 14.09 52.10 28.14
CA GLU J 223 15.06 52.44 27.10
C GLU J 223 16.47 52.46 27.67
N ARG J 224 17.42 51.92 26.93
CA ARG J 224 18.84 51.96 27.28
C ARG J 224 19.35 53.34 26.88
C13 JC8 K . 10.82 -34.74 18.60
C14 JC8 K . 11.24 -36.10 18.05
C11 JC8 K . 12.17 -33.56 17.00
F JC8 K . 12.97 -28.47 14.91
C10 JC8 K . 12.71 -29.65 15.50
C6 JC8 K . 13.31 -29.95 16.71
C3 JC8 K . 14.27 -29.08 17.43
N1 JC8 K . 14.13 -28.95 18.77
C2 JC8 K . 15.03 -28.24 19.44
C4 JC8 K . 15.31 -28.46 16.75
C5 JC8 K . 16.23 -27.71 17.46
C1 JC8 K . 16.12 -27.59 18.84
C JC8 K . 17.16 -26.82 19.62
O JC8 K . 17.93 -26.05 19.01
N JC8 K . 17.21 -26.98 20.93
N2 JC8 K . 11.90 -30.41 14.82
C9 JC8 K . 11.67 -31.63 15.36
C8 JC8 K . 12.22 -32.11 16.55
C7 JC8 K . 13.03 -31.21 17.23
C16 JC8 K . 10.99 -34.38 16.44
C15 JC8 K . 11.33 -35.87 16.55
N3 JC8 K . 9.98 -34.22 17.51
C12 JC8 K . 12.00 -33.77 18.53
P PO4 L . 14.34 -26.21 23.68
O1 PO4 L . 15.12 -26.47 24.97
O2 PO4 L . 14.44 -24.79 23.15
O3 PO4 L . 12.93 -26.62 23.99
O4 PO4 L . 14.93 -27.06 22.59
C1 EDO M . 6.20 -39.58 11.65
O1 EDO M . 5.67 -40.75 11.01
C2 EDO M . 5.09 -38.61 12.07
O2 EDO M . 3.81 -39.27 11.99
C1 EDO N . 9.78 -19.81 20.73
O1 EDO N . 10.50 -21.01 21.20
C2 EDO N . 8.65 -19.99 19.68
O2 EDO N . 7.27 -19.73 20.03
C1 EDO O . -3.57 -22.90 29.48
O1 EDO O . -3.12 -22.64 28.14
C2 EDO O . -2.51 -22.59 30.56
O2 EDO O . -1.18 -22.50 30.02
C1 NAG P . -25.47 -5.95 28.18
C2 NAG P . -26.78 -5.48 27.52
C3 NAG P . -27.03 -4.07 28.08
C4 NAG P . -27.32 -4.20 29.59
C5 NAG P . -26.27 -5.02 30.38
C6 NAG P . -26.96 -5.63 31.62
C7 NAG P . -26.33 -4.96 25.05
C8 NAG P . -26.58 -5.48 23.64
N2 NAG P . -26.85 -5.70 26.05
O3 NAG P . -28.11 -3.48 27.35
O4 NAG P . -27.45 -2.91 30.23
O5 NAG P . -25.60 -6.06 29.62
O6 NAG P . -26.03 -5.93 32.66
O7 NAG P . -25.70 -3.94 25.24
C1 EDO Q . 1.27 -36.18 9.96
O1 EDO Q . 1.35 -37.10 11.08
C2 EDO Q . -0.14 -35.88 9.50
O2 EDO Q . -0.29 -34.91 8.45
C13 JC8 R . 21.79 -32.49 -10.85
C14 JC8 R . 21.46 -33.70 -11.71
C11 JC8 R . 20.79 -31.03 -12.44
F JC8 R . 19.03 -25.79 -12.87
C10 JC8 R . 19.52 -27.02 -12.62
C6 JC8 R . 20.86 -27.28 -12.90
C3 JC8 R . 21.84 -26.27 -13.39
N1 JC8 R . 23.06 -26.29 -12.80
C2 JC8 R . 23.96 -25.39 -13.21
C4 JC8 R . 21.51 -25.37 -14.39
C5 JC8 R . 22.47 -24.46 -14.79
C1 JC8 R . 23.73 -24.46 -14.22
C JC8 R . 24.83 -23.57 -14.74
O JC8 R . 24.54 -22.49 -15.31
N JC8 R . 26.09 -23.99 -14.61
N2 JC8 R . 18.64 -27.87 -12.20
C9 JC8 R . 19.07 -29.14 -12.09
C8 JC8 R . 20.35 -29.58 -12.38
C7 JC8 R . 21.26 -28.61 -12.76
C16 JC8 R . 19.84 -31.98 -11.68
C15 JC8 R . 20.06 -33.40 -12.21
N3 JC8 R . 20.45 -32.06 -10.34
C12 JC8 R . 22.15 -31.32 -11.77
P PO4 S . 27.82 -23.48 -10.98
O1 PO4 S . 29.34 -23.53 -11.09
O2 PO4 S . 27.43 -24.09 -9.66
O3 PO4 S . 27.33 -22.05 -11.12
O4 PO4 S . 27.17 -24.30 -12.06
P PO4 T . 13.74 -38.12 -9.14
O1 PO4 T . 15.02 -37.35 -9.39
O2 PO4 T . 13.88 -39.60 -9.36
O3 PO4 T . 12.77 -37.64 -10.20
O4 PO4 T . 13.28 -37.81 -7.75
C1 EDO U . 22.10 -18.32 -6.07
O1 EDO U . 23.34 -17.89 -6.65
C2 EDO U . 21.92 -18.01 -4.58
O2 EDO U . 21.37 -19.11 -3.86
C1 EDO V . 28.78 -23.57 7.41
O1 EDO V . 28.64 -23.17 6.02
C2 EDO V . 27.44 -24.03 8.03
O2 EDO V . 26.25 -23.65 7.30
C1 EDO W . 23.06 -34.29 -5.26
O1 EDO W . 23.33 -32.91 -5.48
C2 EDO W . 23.56 -35.27 -6.34
O2 EDO W . 22.83 -36.53 -6.32
C1 EDO X . 21.59 -35.11 12.21
O1 EDO X . 22.54 -36.01 12.76
C2 EDO X . 22.26 -33.95 11.44
O2 EDO X . 21.51 -32.72 11.30
C1 EDO Y . 27.63 -17.72 -7.92
O1 EDO Y . 27.01 -18.88 -7.34
C2 EDO Y . 27.44 -16.46 -7.06
O2 EDO Y . 28.56 -15.98 -6.30
C1 NAG Z . 18.62 -11.93 31.51
C2 NAG Z . 17.57 -11.92 32.64
C3 NAG Z . 18.11 -11.17 33.87
C4 NAG Z . 19.53 -11.69 34.20
C5 NAG Z . 20.45 -11.41 33.00
C6 NAG Z . 21.95 -11.64 33.26
C7 NAG Z . 15.16 -12.08 31.80
C8 NAG Z . 15.11 -13.58 31.96
N2 NAG Z . 16.28 -11.37 32.13
O3 NAG Z . 17.20 -11.32 34.98
O4 NAG Z . 20.07 -11.10 35.39
O5 NAG Z . 19.97 -12.23 31.91
O6 NAG Z . 22.22 -12.93 33.82
O7 NAG Z . 14.17 -11.50 31.38
C1 EDO AA . 11.90 -36.02 -4.78
O1 EDO AA . 10.57 -36.10 -5.33
C2 EDO AA . 11.81 -36.07 -3.25
O2 EDO AA . 12.92 -35.49 -2.56
C13 JC8 BA . -2.31 -27.18 -30.06
C14 JC8 BA . -3.19 -28.34 -30.47
C11 JC8 BA . -4.19 -25.83 -29.45
F JC8 BA . -5.42 -21.13 -26.79
C10 JC8 BA . -4.99 -22.21 -27.45
C6 JC8 BA . -4.72 -22.12 -28.86
C3 JC8 BA . -4.92 -20.92 -29.73
N1 JC8 BA . -3.98 -20.69 -30.68
C2 JC8 BA . -4.12 -19.60 -31.44
C4 JC8 BA . -6.00 -20.07 -29.54
C5 JC8 BA . -6.11 -18.94 -30.34
C1 JC8 BA . -5.17 -18.69 -31.32
C JC8 BA . -5.35 -17.53 -32.28
O JC8 BA . -6.01 -16.55 -31.95
N JC8 BA . -4.79 -17.62 -33.48
N2 JC8 BA . -4.91 -23.28 -26.71
C9 JC8 BA . -4.61 -24.41 -27.35
C8 JC8 BA . -4.36 -24.52 -28.72
C7 JC8 BA . -4.37 -23.34 -29.45
C16 JC8 BA . -3.93 -27.10 -28.58
C15 JC8 BA . -4.28 -28.35 -29.40
N3 JC8 BA . -2.45 -27.18 -28.58
C12 JC8 BA . -2.99 -25.87 -30.43
P PO4 CA . -0.80 -17.10 -33.81
O1 PO4 CA . 0.21 -18.04 -33.19
O2 PO4 CA . -1.06 -15.83 -33.02
O3 PO4 CA . -0.33 -16.73 -35.22
O4 PO4 CA . -2.07 -17.90 -33.86
P PO4 DA . -3.14 -34.09 -23.16
O1 PO4 DA . -1.81 -33.89 -22.47
O2 PO4 DA . -3.28 -35.51 -23.68
O3 PO4 DA . -3.37 -33.04 -24.24
O4 PO4 DA . -4.22 -33.88 -22.15
C1 EDO EA . 2.38 -13.00 -26.54
O1 EDO EA . 1.00 -12.99 -26.84
C2 EDO EA . 2.57 -13.29 -25.04
O2 EDO EA . 3.74 -14.09 -24.77
C1 EDO FA . 16.40 -17.40 -28.72
O1 EDO FA . 15.19 -17.19 -29.47
C2 EDO FA . 16.07 -17.46 -27.23
O2 EDO FA . 16.53 -18.66 -26.58
C1 EDO GA . 2.32 -33.41 -7.70
O1 EDO GA . 1.14 -34.23 -7.60
C2 EDO GA . 2.12 -32.26 -8.69
O2 EDO GA . 3.34 -31.57 -8.93
C1 NAG HA . 36.20 -9.20 -9.30
C2 NAG HA . 36.73 -9.59 -7.91
C3 NAG HA . 37.92 -8.69 -7.57
C4 NAG HA . 38.99 -8.85 -8.65
C5 NAG HA . 38.42 -8.57 -10.06
C6 NAG HA . 39.45 -8.86 -11.17
C7 NAG HA . 34.91 -8.79 -6.33
C8 NAG HA . 34.01 -9.22 -5.19
N2 NAG HA . 35.75 -9.73 -6.81
O3 NAG HA . 38.47 -9.03 -6.29
O4 NAG HA . 40.10 -7.98 -8.34
O5 NAG HA . 37.23 -9.34 -10.29
O6 NAG HA . 39.75 -10.26 -11.27
O7 NAG HA . 34.85 -7.65 -6.79
C1 EDO IA . 0.11 -33.03 -18.86
O1 EDO IA . 1.26 -32.63 -19.66
C2 EDO IA . -0.27 -32.04 -17.74
O2 EDO IA . 0.42 -32.08 -16.46
C13 JC8 JA . -28.58 -26.07 -12.67
C14 JC8 JA . -29.05 -27.39 -12.07
C11 JC8 JA . -28.40 -25.08 -10.50
F JC8 JA . -26.47 -20.69 -7.74
C10 JC8 JA . -26.93 -21.71 -8.48
C6 JC8 JA . -28.19 -21.54 -9.18
C3 JC8 JA . -29.14 -20.39 -9.08
N1 JC8 JA . -29.81 -20.04 -10.19
C2 JC8 JA . -30.71 -19.05 -10.11
C4 JC8 JA . -29.33 -19.75 -7.87
C5 JC8 JA . -30.28 -18.73 -7.80
C1 JC8 JA . -31.00 -18.36 -8.93
C JC8 JA . -32.03 -17.25 -8.86
O JC8 JA . -32.24 -16.65 -7.77
N JC8 JA . -32.69 -16.95 -9.98
N2 JC8 JA . -26.16 -22.75 -8.49
C9 JC8 JA . -26.59 -23.80 -9.20
C8 JC8 JA . -27.79 -23.82 -9.92
C7 JC8 JA . -28.54 -22.66 -9.93
C16 JC8 JA . -27.40 -26.21 -10.82
C15 JC8 JA . -28.16 -27.55 -10.82
N3 JC8 JA . -27.16 -26.02 -12.27
C12 JC8 JA . -29.14 -24.91 -11.85
P PO4 KA . -32.27 -16.62 -13.58
O1 PO4 KA . -31.87 -15.76 -12.40
O2 PO4 KA . -32.32 -18.11 -13.21
O3 PO4 KA . -31.24 -16.32 -14.63
O4 PO4 KA . -33.59 -16.18 -14.20
C1 EDO LA . -22.42 -33.83 -10.76
O1 EDO LA . -22.39 -35.25 -11.00
C2 EDO LA . -21.38 -33.18 -11.66
O2 EDO LA . -21.66 -31.80 -11.83
C1 EDO MA . -22.64 -11.35 -13.12
O1 EDO MA . -22.01 -12.37 -13.87
C2 EDO MA . -24.04 -11.75 -12.64
O2 EDO MA . -25.11 -11.45 -13.54
C1 EDO NA . -28.93 -10.00 -14.08
O1 EDO NA . -28.27 -11.03 -14.82
C2 EDO NA . -28.19 -8.65 -14.18
O2 EDO NA . -28.62 -7.79 -15.26
C1 NAG OA . 2.68 -1.35 -38.25
C2 NAG OA . 4.04 -0.71 -37.90
C3 NAG OA . 4.59 0.18 -39.04
C4 NAG OA . 4.39 -0.34 -40.47
C5 NAG OA . 3.00 -0.93 -40.70
C6 NAG OA . 2.95 -1.69 -42.04
C7 NAG OA . 4.77 0.01 -35.61
C8 NAG OA . 4.50 0.97 -34.48
N2 NAG OA . 3.94 0.11 -36.68
O3 NAG OA . 6.00 0.32 -38.85
O4 NAG OA . 4.63 0.73 -41.40
O5 NAG OA . 2.64 -1.82 -39.61
O6 NAG OA . 1.84 -1.27 -42.84
O7 NAG OA . 5.68 -0.80 -35.57
C1 EDO PA . -15.80 -31.84 -11.76
O1 EDO PA . -14.81 -30.79 -11.72
C2 EDO PA . -17.16 -31.43 -12.29
O2 EDO PA . -17.49 -32.00 -13.57
C1 EDO QA . -15.54 -32.46 4.49
O1 EDO QA . -14.20 -32.12 4.11
C2 EDO QA . -15.65 -33.90 5.05
O2 EDO QA . -16.50 -33.99 6.22
C1 EDO RA . -22.33 -45.33 -11.16
O1 EDO RA . -23.45 -44.94 -11.90
C2 EDO RA . -22.66 -45.94 -9.77
O2 EDO RA . -23.40 -47.15 -9.59
C13 JC8 SA . -20.49 -30.76 17.32
C14 JC8 SA . -20.28 -32.17 17.81
C11 JC8 SA . -18.46 -29.94 18.30
F JC8 SA . -15.27 -25.40 18.06
C10 JC8 SA . -16.11 -26.44 18.09
C6 JC8 SA . -17.08 -26.52 19.13
C3 JC8 SA . -17.24 -25.61 20.29
N1 JC8 SA . -18.50 -25.23 20.59
C2 JC8 SA . -18.70 -24.53 21.71
C4 JC8 SA . -16.16 -25.26 21.09
C5 JC8 SA . -16.39 -24.52 22.23
C1 JC8 SA . -17.69 -24.14 22.57
C JC8 SA . -17.97 -23.32 23.79
O JC8 SA . -17.37 -23.57 24.86
N JC8 SA . -18.87 -22.35 23.68
N2 JC8 SA . -15.91 -27.32 17.14
C9 JC8 SA . -16.70 -28.41 17.17
C8 JC8 SA . -17.69 -28.66 18.12
C7 JC8 SA . -17.88 -27.67 19.08
C16 JC8 SA . -18.31 -30.98 17.18
C15 JC8 SA . -18.77 -32.34 17.73
N3 JC8 SA . -19.44 -30.61 16.29
C12 JC8 SA . -20.00 -29.78 18.38
P PO4 TA . -22.52 -21.41 22.32
O1 PO4 TA . -21.66 -22.62 22.64
O2 PO4 TA . -21.59 -20.23 22.15
O3 PO4 TA . -23.56 -21.15 23.40
O4 PO4 TA . -23.31 -21.68 21.06
C1 EDO UA . -17.07 -35.84 10.56
O1 EDO UA . -17.44 -35.94 9.18
C2 EDO UA . -16.08 -36.98 10.82
O2 EDO UA . -16.62 -38.30 10.53
C1 EDO VA . -19.24 -15.89 14.63
O1 EDO VA . -20.09 -15.43 13.58
C2 EDO VA . -19.56 -15.28 16.00
O2 EDO VA . -19.59 -16.27 17.04
C1 EDO WA . -32.48 -15.56 8.34
O1 EDO WA . -32.49 -16.22 9.61
C2 EDO WA . -32.62 -16.49 7.11
O2 EDO WA . -31.36 -16.88 6.52
C1 EDO XA . -33.61 -25.54 -0.11
O1 EDO XA . -32.47 -24.65 -0.27
C2 EDO XA . -34.02 -26.40 -1.34
O2 EDO XA . -34.91 -27.46 -0.95
C1 NAG YA . -35.17 0.61 -14.77
C2 NAG YA . -34.48 1.37 -15.94
C3 NAG YA . -35.34 2.49 -16.56
C4 NAG YA . -36.81 2.05 -16.72
C5 NAG YA . -37.31 1.53 -15.37
C6 NAG YA . -38.80 1.18 -15.30
C7 NAG YA . -32.61 2.58 -14.59
C8 NAG YA . -33.44 3.09 -13.44
N2 NAG YA . -33.11 1.85 -15.63
O3 NAG YA . -34.82 2.83 -17.85
O4 NAG YA . -37.61 3.16 -17.21
O5 NAG YA . -36.55 0.35 -15.07
O6 NAG YA . -39.17 1.16 -13.92
O7 NAG YA . -31.42 2.83 -14.58
C13 JC8 ZA . -22.12 34.15 -1.26
C14 JC8 ZA . -21.93 35.53 -1.89
C11 JC8 ZA . -21.30 33.07 -3.23
F JC8 ZA . -19.63 28.03 -4.91
C10 JC8 ZA . -20.10 29.20 -4.44
C6 JC8 ZA . -21.48 29.53 -4.60
C3 JC8 ZA . -22.48 28.67 -5.25
N1 JC8 ZA . -23.64 28.48 -4.60
C2 JC8 ZA . -24.56 27.69 -5.18
C4 JC8 ZA . -22.22 28.09 -6.48
C5 JC8 ZA . -23.17 27.26 -7.04
C1 JC8 ZA . -24.38 27.04 -6.39
C JC8 ZA . -25.39 26.12 -7.02
O JC8 ZA . -25.31 25.85 -8.23
N JC8 ZA . -26.32 25.61 -6.23
N2 JC8 ZA . -19.18 29.94 -3.89
C9 JC8 ZA . -19.59 31.15 -3.46
C8 JC8 ZA . -20.88 31.64 -3.56
C7 JC8 ZA . -21.83 30.79 -4.12
C16 JC8 ZA . -20.28 33.90 -2.43
C15 JC8 ZA . -20.59 35.38 -2.63
N3 JC8 ZA . -20.73 33.71 -1.04
C12 JC8 ZA . -22.57 33.17 -2.34
P PO4 AB . -28.22 25.28 -3.30
O1 PO4 AB . -28.04 25.54 -1.80
O2 PO4 AB . -29.69 25.26 -3.64
O3 PO4 AB . -27.62 23.98 -3.73
O4 PO4 AB . -27.53 26.38 -4.05
P PO4 BB . -14.08 39.19 1.21
O1 PO4 BB . -13.68 38.44 2.47
O2 PO4 BB . -14.21 40.69 1.46
O3 PO4 BB . -15.37 38.59 0.67
O4 PO4 BB . -13.08 39.06 0.08
C1 EDO CB . -22.16 18.56 -0.32
O1 EDO CB . -22.87 19.64 -0.95
C2 EDO CB . -22.41 18.66 1.18
O2 EDO CB . -21.30 19.06 1.99
C1 EDO DB . -27.81 20.82 14.53
O1 EDO DB . -28.31 20.97 13.19
C2 EDO DB . -26.30 20.61 14.44
O2 EDO DB . -25.61 21.49 15.32
C1 EDO EB . -27.65 19.04 -1.15
O1 EDO EB . -26.87 19.67 -2.17
C2 EDO EB . -27.57 17.50 -1.18
O2 EDO EB . -28.71 16.84 -0.58
C1 NAG FB . -16.26 3.50 34.56
C2 NAG FB . -14.94 3.31 35.35
C3 NAG FB . -15.10 2.10 36.25
C4 NAG FB . -16.08 2.51 37.37
C5 NAG FB . -17.33 3.30 36.86
C6 NAG FB . -17.44 4.70 37.46
C7 NAG FB . -12.52 3.83 34.84
C8 NAG FB . -12.30 4.51 36.17
N2 NAG FB . -13.73 3.30 34.52
O3 NAG FB . -13.86 1.65 36.81
O4 NAG FB . -16.45 1.34 38.09
O5 NAG FB . -17.44 3.46 35.40
O6 NAG FB . -17.33 4.70 38.88
O7 NAG FB . -11.58 3.77 34.06
C1 EDO GB . -10.18 35.64 4.88
O1 EDO GB . -9.33 34.49 5.19
C2 EDO GB . -11.70 35.46 5.15
O2 EDO GB . -12.11 35.48 6.55
C13 JC8 HB . 0.78 34.03 -22.49
C14 JC8 HB . 1.67 35.18 -22.98
C11 JC8 HB . 2.58 32.48 -22.66
F JC8 HB . 3.79 27.27 -21.17
C10 JC8 HB . 3.46 28.51 -21.56
C6 JC8 HB . 3.20 28.76 -22.96
C3 JC8 HB . 3.31 27.80 -24.09
N1 JC8 HB . 2.41 27.92 -25.08
C2 JC8 HB . 2.54 27.12 -26.16
C4 JC8 HB . 4.33 26.85 -24.13
C5 JC8 HB . 4.43 26.03 -25.23
C1 JC8 HB . 3.55 26.17 -26.28
C JC8 HB . 3.79 25.37 -27.54
O JC8 HB . 4.96 25.08 -27.86
N JC8 HB . 2.73 25.01 -28.27
N2 JC8 HB . 3.41 29.37 -20.58
C9 JC8 HB . 3.09 30.62 -20.93
C8 JC8 HB . 2.83 31.05 -22.23
C7 JC8 HB . 2.88 30.09 -23.23
C16 JC8 HB . 2.72 33.58 -21.58
C15 JC8 HB . 3.00 34.91 -22.27
N3 JC8 HB . 1.32 33.78 -21.15
C12 JC8 HB . 1.16 32.74 -23.21
P PO4 IB . -1.02 24.95 -28.77
O1 PO4 IB . 0.26 25.70 -28.53
O2 PO4 IB . -1.32 24.83 -30.26
O3 PO4 IB . -0.85 23.59 -28.15
O4 PO4 IB . -2.17 25.70 -28.14
C1 EDO JB . -3.48 18.87 -22.40
O1 EDO JB . -2.76 19.73 -23.30
C2 EDO JB . -3.64 19.46 -20.98
O2 EDO JB . -5.00 19.51 -20.49
C1 NAG KB . -36.54 11.13 -4.94
C2 NAG KB . -36.79 9.82 -4.21
C3 NAG KB . -38.25 9.32 -4.30
C4 NAG KB . -39.35 10.35 -4.69
C5 NAG KB . -38.85 11.46 -5.60
C6 NAG KB . -39.93 12.54 -5.86
C7 NAG KB . -34.62 8.62 -4.38
C8 NAG KB . -33.78 7.72 -5.25
N2 NAG KB . -35.83 8.92 -4.86
O3 NAG KB . -38.61 8.77 -3.03
O4 NAG KB . -40.47 9.70 -5.31
O5 NAG KB . -37.69 12.01 -4.96
O6 NAG KB . -40.29 12.53 -7.25
O7 NAG KB . -34.21 9.03 -3.29
C1 EDO LB . -0.06 33.00 -8.69
O1 EDO LB . 0.81 32.99 -7.56
C2 EDO LB . -1.23 33.92 -8.35
O2 EDO LB . -1.02 35.28 -8.75
C13 JC8 MB . 28.07 28.81 -7.74
C14 JC8 MB . 28.71 29.93 -6.94
C11 JC8 MB . 28.13 27.30 -5.87
F JC8 MB . 26.17 22.36 -4.22
C10 JC8 MB . 26.63 23.53 -4.72
C6 JC8 MB . 27.86 23.55 -5.42
C3 JC8 MB . 28.80 22.41 -5.59
N1 JC8 MB . 29.35 22.24 -6.82
C2 JC8 MB . 30.21 21.23 -6.99
C4 JC8 MB . 29.11 21.57 -4.52
C5 JC8 MB . 29.99 20.53 -4.73
C1 JC8 MB . 30.57 20.35 -5.98
C JC8 MB . 31.60 19.26 -6.18
O JC8 MB . 32.31 18.93 -5.23
N JC8 MB . 31.69 18.70 -7.39
N2 JC8 MB . 25.87 24.55 -4.45
C9 JC8 MB . 26.32 25.74 -4.89
C8 JC8 MB . 27.51 25.94 -5.57
C7 JC8 MB . 28.26 24.81 -5.87
C16 JC8 MB . 27.19 28.53 -5.74
C15 JC8 MB . 28.05 29.79 -5.55
N3 JC8 MB . 26.72 28.73 -7.12
C12 JC8 MB . 28.69 27.46 -7.31
P PO4 NB . 31.21 18.99 -11.16
O1 PO4 NB . 32.55 18.54 -11.69
O2 PO4 NB . 30.42 17.81 -10.67
O3 PO4 NB . 31.48 19.90 -10.00
O4 PO4 NB . 30.49 19.69 -12.28
C1 EDO OB . 21.81 35.40 -3.37
O1 EDO OB . 22.24 36.74 -3.67
C2 EDO OB . 21.62 34.60 -4.65
O2 EDO OB . 20.53 35.17 -5.37
C1 EDO PB . 22.05 14.93 -11.31
O1 EDO PB . 21.43 15.79 -12.25
C2 EDO PB . 23.54 14.88 -11.64
O2 EDO PB . 24.20 14.51 -10.46
C1 EDO QB . 20.06 19.74 -25.47
O1 EDO QB . 21.26 19.25 -24.85
C2 EDO QB . 18.90 19.58 -24.47
O2 EDO QB . 18.10 20.77 -24.27
C1 EDO RB . 28.37 12.38 -13.46
O1 EDO RB . 27.43 11.41 -13.93
C2 EDO RB . 27.60 13.56 -12.88
O2 EDO RB . 28.31 14.78 -12.97
C1 NAG SB . -4.80 10.75 -36.51
C2 NAG SB . -6.29 10.90 -36.81
C3 NAG SB . -6.68 10.66 -38.29
C4 NAG SB . -5.52 10.89 -39.27
C5 NAG SB . -4.30 10.07 -38.80
C6 NAG SB . -3.16 9.88 -39.80
C7 NAG SB . -7.42 10.29 -34.64
C8 NAG SB . -7.45 11.71 -34.12
N2 NAG SB . -6.93 9.98 -35.86
O3 NAG SB . -7.77 11.55 -38.64
O4 NAG SB . -5.88 10.55 -40.62
O5 NAG SB . -3.85 10.75 -37.62
O6 NAG SB . -2.88 11.08 -40.55
O7 NAG SB . -7.88 9.40 -33.94
C1 EDO TB . 15.93 33.70 -4.87
O1 EDO TB . 16.87 33.54 -5.94
C2 EDO TB . 15.13 32.40 -4.66
O2 EDO TB . 13.91 32.48 -5.39
C13 JC8 UB . 21.61 25.46 22.78
C14 JC8 UB . 21.36 26.74 23.55
C11 JC8 UB . 19.58 24.50 23.54
F JC8 UB . 16.38 20.09 22.51
C10 JC8 UB . 17.24 21.11 22.69
C6 JC8 UB . 18.28 20.94 23.60
C3 JC8 UB . 18.52 19.73 24.42
N1 JC8 UB . 19.82 19.40 24.64
C2 JC8 UB . 20.07 18.38 25.47
C4 JC8 UB . 17.47 19.05 25.00
C5 JC8 UB . 17.76 18.01 25.84
C1 JC8 UB . 19.07 17.65 26.11
C JC8 UB . 19.33 16.49 27.01
O JC8 UB . 18.43 16.11 27.77
N JC8 UB . 20.51 15.88 26.93
N2 JC8 UB . 16.95 22.18 22.02
C9 JC8 UB . 17.74 23.23 22.24
C8 JC8 UB . 18.79 23.26 23.13
C7 JC8 UB . 19.07 22.08 23.78
C16 JC8 UB . 19.43 25.70 22.61
C15 JC8 UB . 19.85 26.96 23.37
N3 JC8 UB . 20.59 25.52 21.71
C12 JC8 UB . 21.10 24.29 23.58
P PO4 VB . 23.80 15.21 24.99
O1 PO4 VB . 25.10 14.94 25.72
O2 PO4 VB . 23.18 13.87 24.64
O3 PO4 VB . 24.08 16.10 23.80
O4 PO4 VB . 22.77 15.97 25.79
P PO4 WB . 17.39 32.88 17.77
O1 PO4 WB . 18.17 31.97 18.70
O2 PO4 WB . 17.81 34.32 17.92
O3 PO4 WB . 15.95 32.89 18.21
O4 PO4 WB . 17.58 32.42 16.33
C1 EDO XB . 21.03 11.39 16.49
O1 EDO XB . 20.47 12.08 15.37
C2 EDO XB . 20.00 11.20 17.57
O2 EDO XB . 20.60 11.36 18.88
C1 EDO YB . 23.95 8.99 21.28
O1 EDO YB . 23.07 9.75 22.09
C2 EDO YB . 23.61 7.51 21.09
O2 EDO YB . 24.68 6.75 20.51
C1 NAG ZB . 34.54 3.54 -16.85
C2 NAG ZB . 34.57 3.54 -18.42
C3 NAG ZB . 35.54 2.45 -18.94
C4 NAG ZB . 36.89 2.44 -18.20
C5 NAG ZB . 36.60 2.17 -16.72
C6 NAG ZB . 37.85 1.89 -15.84
C7 NAG ZB . 32.04 3.86 -18.84
C8 NAG ZB . 30.94 3.47 -19.79
N2 NAG ZB . 33.27 3.36 -19.12
O3 NAG ZB . 35.78 2.51 -20.36
O4 NAG ZB . 37.78 1.47 -18.75
O5 NAG ZB . 35.83 3.29 -16.24
O6 NAG ZB . 38.95 2.75 -16.18
O7 NAG ZB . 31.78 4.57 -17.90
C1 EDO AC . 16.71 31.21 12.77
O1 EDO AC . 17.95 31.82 12.40
C2 EDO AC . 15.57 31.63 11.81
O2 EDO AC . 15.17 30.63 10.82
C1 EDO BC . 0.02 32.19 20.07
O1 EDO BC . 1.32 31.98 20.69
C2 EDO BC . 0.00 32.98 18.73
O2 EDO BC . 0.43 32.18 17.57
C13 JC8 CC . -9.32 29.10 27.00
C14 JC8 CC . -9.93 30.51 26.98
C11 JC8 CC . -10.88 28.30 25.37
F JC8 CC . -11.72 23.89 22.09
C10 JC8 CC . -11.43 24.87 22.95
C6 JC8 CC . -12.03 24.86 24.28
C3 JC8 CC . -12.96 23.84 24.85
N1 JC8 CC . -12.79 23.51 26.15
C2 JC8 CC . -13.62 22.58 26.67
C4 JC8 CC . -13.94 23.25 24.06
C5 JC8 CC . -14.76 22.30 24.61
C1 JC8 CC . -14.63 21.95 25.95
C JC8 CC . -15.66 21.00 26.54
O JC8 CC . -16.78 20.91 26.02
N JC8 CC . -15.30 20.28 27.60
N2 JC8 CC . -10.65 25.80 22.46
C9 JC8 CC . -10.43 26.86 23.26
C8 JC8 CC . -10.96 27.04 24.53
C7 JC8 CC . -11.75 26.00 25.03
C16 JC8 CC . -9.89 29.36 24.89
C15 JC8 CC . -10.27 30.72 25.50
N3 JC8 CC . -8.69 29.03 25.68
C12 JC8 CC . -10.44 28.08 26.84
P PO4 DC . -12.75 19.08 30.26
O1 PO4 DC . -11.37 19.48 30.73
O2 PO4 DC . -12.79 17.85 29.39
O3 PO4 DC . -13.20 20.20 29.34
O4 PO4 DC . -13.59 18.88 31.50
P PO4 EC . -4.60 35.38 21.30
O1 PO4 EC . -3.29 34.68 21.04
O2 PO4 EC . -5.33 34.62 22.39
O3 PO4 EC . -5.50 35.35 20.09
O4 PO4 EC . -4.51 36.88 21.60
C1 EDO FC . -8.52 14.05 25.82
O1 EDO FC . -9.03 15.16 26.66
C2 EDO FC . -7.59 14.35 24.58
O2 EDO FC . -6.17 13.97 24.57
C1 EDO GC . 5.45 14.59 33.72
O1 EDO GC . 5.31 15.18 32.42
C2 EDO GC . 4.37 13.51 33.91
O2 EDO GC . 3.09 14.09 34.30
C1 EDO HC . 5.98 38.15 14.43
O1 EDO HC . 5.89 39.06 13.33
C2 EDO HC . 5.89 38.90 15.74
O2 EDO HC . 6.70 40.10 15.68
C1 NAG IC . 27.11 -1.06 27.09
C2 NAG IC . 28.59 -1.21 26.69
C3 NAG IC . 29.45 -1.72 27.87
C4 NAG IC . 29.05 -0.97 29.15
C5 NAG IC . 27.66 -1.46 29.57
C6 NAG IC . 27.10 -0.76 30.85
C7 NAG IC . 28.21 -1.82 24.24
C8 NAG IC . 28.62 -2.76 23.15
N2 NAG IC . 28.80 -2.01 25.45
O3 NAG IC . 30.84 -1.52 27.57
O4 NAG IC . 30.00 -1.16 30.22
O5 NAG IC . 26.72 -1.34 28.48
O6 NAG IC . 26.46 0.48 30.55
O7 NAG IC . 27.39 -0.94 24.01
#